data_6PUH
#
_entry.id   6PUH
#
_cell.length_a   218.478
_cell.length_b   70.562
_cell.length_c   143.980
_cell.angle_alpha   90.000
_cell.angle_beta   104.739
_cell.angle_gamma   90.000
#
_symmetry.space_group_name_H-M   'C 1 2 1'
#
loop_
_entity.id
_entity.type
_entity.pdbx_description
1 polymer 'Major histocompatibility complex class I-related gene protein'
2 polymer 'Human TCR alpha chain'
3 polymer 'Human TCR beta chain'
4 polymer Beta-2-microglobulin
5 non-polymer 6-methyl-5-[(1E)-3-oxobut-1-en-1-yl]pyrimidine-2,4(1H,3H)-dione
6 non-polymer 'SODIUM ION'
7 water water
#
loop_
_entity_poly.entity_id
_entity_poly.type
_entity_poly.pdbx_seq_one_letter_code
_entity_poly.pdbx_strand_id
1 'polypeptide(L)'
;MRTHSLRYFRLGVSDPIHGVPEFISVGYVDSHPITTYDSVTRQKEPRAPWMAENLAPDHWERYTQLLRGWQQMFKVELKR
LQRHYNHSGSHTYQRMIGCELLEDGSTTGFLQYAYDGQDFLIFNKDTLSWLAVDNVAHTIKQAWEANQHELLYQKNWLEE
ECIAWLKRFLEYGKDTLQRTEPPLVRVNRKETFPGVTALFCKAHGFYPPEIYMTWMKNGEEIVQEIDYGDILPSGDGTYQ
AWASIELDPQSSNLYSCHVEHSGVHMVLQVP
;
A,C
2 'polypeptide(L)'
;MGQNIDQPTEMTATEGAIVQINCTYQTSGFNGLFWYQQHAGEAPTFLSYNVLDGLEEKGRFSSFLSRSKGYSYLLLKELQ
MKDSASYLCAVKDSNYQLIWGAGTKLIIKPDIQNPDPAVYQLRDSKSSDKSVCLFTDFDSQTNVSQSKDSDVYITDKCVL
DMRSMDFKSNSAVAWSNKSDFACANAFNNSIIPEDTFFPSPESS
;
B,D
3 'polypeptide(L)'
;MNAGVTQTPKFQVLKTGQSMTLQCAQDMNHNSMYWYRQDPGMGLRLIYYSASEGTTDKGEVPNGYNVSRLNKREFSLRLE
SAAPSQTSVYFCASSVWTGEGSGELFFGEGSRLTVLEDLKNVFPPEVAVFEPSEAEISHTQKATLVCLATGFYPDHVELS
WWVNGKEVHSGVCTDPQPLKEQPALNDSRYALSSRLRVSATFWQNPRNHFRCQVQFYGLSENDEWTQDRAKPVTQIVSAE
AWGRAD
;
E,G
4 'polypeptide(L)'
;MIQRTPKIQVYSRHPAENGKSNFLNCYVSGFHPSDIEVDLLKNGERIEKVEHSDLSFSKDWSFYLLYYTEFTPTEKDEYA
CRVNHVTLSQPKIVKWDRDM
;
F,H
#
# COMPACT_ATOMS: atom_id res chain seq x y z
N MET A 1 36.43 -16.80 -52.65
CA MET A 1 37.38 -17.53 -51.81
C MET A 1 37.08 -19.02 -51.89
N ARG A 2 37.88 -19.82 -51.18
CA ARG A 2 37.63 -21.25 -51.00
CA ARG A 2 37.59 -21.24 -51.07
C ARG A 2 36.36 -21.45 -50.18
N THR A 3 35.87 -22.69 -50.15
CA THR A 3 34.75 -23.05 -49.25
C THR A 3 35.15 -22.86 -47.79
N HIS A 4 34.23 -22.32 -46.97
CA HIS A 4 34.46 -22.14 -45.56
C HIS A 4 33.20 -22.57 -44.80
N SER A 5 33.36 -22.87 -43.51
CA SER A 5 32.18 -23.30 -42.75
C SER A 5 32.28 -22.85 -41.31
N LEU A 6 31.12 -22.72 -40.69
CA LEU A 6 31.01 -22.42 -39.28
C LEU A 6 30.20 -23.55 -38.65
N ARG A 7 30.66 -24.12 -37.55
CA ARG A 7 29.94 -25.21 -36.88
CA ARG A 7 29.80 -25.09 -36.88
C ARG A 7 30.01 -25.05 -35.37
N TYR A 8 28.92 -25.36 -34.65
CA TYR A 8 28.97 -25.41 -33.20
C TYR A 8 28.57 -26.80 -32.77
N PHE A 9 29.36 -27.38 -31.87
CA PHE A 9 29.09 -28.70 -31.30
C PHE A 9 28.71 -28.58 -29.84
N ARG A 10 27.86 -29.49 -29.39
CA ARG A 10 27.59 -29.68 -27.98
C ARG A 10 27.80 -31.13 -27.63
N LEU A 11 28.32 -31.37 -26.44
CA LEU A 11 28.45 -32.71 -25.88
C LEU A 11 27.88 -32.71 -24.48
N GLY A 12 26.95 -33.61 -24.21
CA GLY A 12 26.40 -33.82 -22.88
C GLY A 12 26.67 -35.25 -22.44
N VAL A 13 27.00 -35.41 -21.16
CA VAL A 13 27.32 -36.72 -20.59
C VAL A 13 26.46 -36.93 -19.34
N SER A 14 25.78 -38.07 -19.25
CA SER A 14 24.79 -38.17 -18.18
C SER A 14 25.41 -38.50 -16.83
N ASP A 15 26.52 -39.20 -16.79
CA ASP A 15 27.10 -39.60 -15.50
C ASP A 15 28.62 -39.47 -15.57
N PRO A 16 29.14 -38.28 -15.77
CA PRO A 16 30.58 -38.15 -16.05
C PRO A 16 31.42 -38.53 -14.84
N ILE A 17 32.62 -39.06 -15.14
CA ILE A 17 33.65 -39.24 -14.13
C ILE A 17 33.98 -37.91 -13.46
N HIS A 18 34.37 -37.97 -12.17
CA HIS A 18 34.71 -36.80 -11.38
C HIS A 18 35.69 -35.89 -12.12
N GLY A 19 35.41 -34.58 -12.07
CA GLY A 19 36.21 -33.58 -12.75
C GLY A 19 35.87 -33.33 -14.21
N VAL A 20 35.24 -34.30 -14.89
CA VAL A 20 34.94 -34.22 -16.32
C VAL A 20 33.63 -33.46 -16.53
N PRO A 21 33.54 -32.52 -17.45
CA PRO A 21 32.32 -31.69 -17.52
C PRO A 21 31.12 -32.49 -18.01
N GLU A 22 29.97 -32.21 -17.42
CA GLU A 22 28.74 -32.77 -17.97
C GLU A 22 28.35 -32.11 -19.30
N PHE A 23 28.88 -30.93 -19.62
CA PHE A 23 28.47 -30.23 -20.83
C PHE A 23 29.65 -29.49 -21.43
N ILE A 24 29.82 -29.59 -22.74
CA ILE A 24 30.83 -28.80 -23.45
C ILE A 24 30.19 -28.30 -24.74
N SER A 25 30.53 -27.05 -25.12
CA SER A 25 30.12 -26.55 -26.43
C SER A 25 31.27 -25.79 -27.08
N VAL A 26 31.62 -26.16 -28.32
CA VAL A 26 32.80 -25.62 -29.02
C VAL A 26 32.38 -25.18 -30.43
N GLY A 27 32.79 -23.98 -30.85
CA GLY A 27 32.60 -23.53 -32.22
C GLY A 27 33.89 -23.67 -33.05
N TYR A 28 33.71 -23.86 -34.35
CA TYR A 28 34.79 -23.95 -35.34
C TYR A 28 34.48 -23.08 -36.53
N VAL A 29 35.52 -22.46 -37.09
CA VAL A 29 35.47 -22.00 -38.46
C VAL A 29 36.47 -22.87 -39.26
N ASP A 30 36.00 -23.61 -40.27
CA ASP A 30 36.86 -24.62 -40.94
C ASP A 30 37.39 -25.54 -39.85
N SER A 31 38.69 -25.89 -39.83
CA SER A 31 39.23 -26.74 -38.78
C SER A 31 39.68 -25.95 -37.53
N HIS A 32 39.41 -24.65 -37.45
CA HIS A 32 39.98 -23.84 -36.35
C HIS A 32 38.96 -23.68 -35.22
N PRO A 33 39.24 -24.13 -34.01
CA PRO A 33 38.37 -23.79 -32.86
C PRO A 33 38.33 -22.28 -32.67
N ILE A 34 37.12 -21.76 -32.45
CA ILE A 34 36.93 -20.31 -32.26
C ILE A 34 36.35 -20.00 -30.87
N THR A 35 35.53 -20.88 -30.28
CA THR A 35 34.88 -20.57 -29.02
C THR A 35 34.83 -21.82 -28.17
N THR A 36 34.79 -21.66 -26.85
CA THR A 36 34.56 -22.81 -25.99
C THR A 36 33.75 -22.41 -24.76
N TYR A 37 32.99 -23.38 -24.26
CA TYR A 37 32.18 -23.21 -23.08
C TYR A 37 32.07 -24.58 -22.42
N ASP A 38 32.11 -24.64 -21.09
CA ASP A 38 31.70 -25.90 -20.48
C ASP A 38 31.09 -25.64 -19.12
N SER A 39 30.54 -26.72 -18.54
CA SER A 39 29.83 -26.64 -17.26
C SER A 39 30.76 -26.41 -16.08
N VAL A 40 32.07 -26.50 -16.27
CA VAL A 40 33.00 -26.19 -15.19
C VAL A 40 33.37 -24.72 -15.17
N THR A 41 33.79 -24.16 -16.31
CA THR A 41 34.08 -22.73 -16.36
C THR A 41 32.81 -21.90 -16.30
N ARG A 42 31.73 -22.41 -16.89
CA ARG A 42 30.46 -21.68 -17.07
C ARG A 42 30.67 -20.34 -17.77
N GLN A 43 31.69 -20.26 -18.65
CA GLN A 43 31.99 -19.03 -19.37
C GLN A 43 32.30 -19.38 -20.82
N LYS A 44 31.80 -18.59 -21.75
CA LYS A 44 32.16 -18.72 -23.13
C LYS A 44 33.46 -17.95 -23.34
N GLU A 45 34.45 -18.59 -23.96
CA GLU A 45 35.74 -17.97 -24.11
C GLU A 45 36.28 -18.15 -25.53
N PRO A 46 37.08 -17.20 -26.02
CA PRO A 46 37.68 -17.37 -27.35
C PRO A 46 38.71 -18.49 -27.35
N ARG A 47 38.81 -19.14 -28.51
CA ARG A 47 39.83 -20.15 -28.75
C ARG A 47 40.74 -19.78 -29.90
N ALA A 48 40.56 -18.60 -30.51
CA ALA A 48 41.43 -18.04 -31.52
C ALA A 48 41.70 -16.59 -31.16
N PRO A 49 42.94 -16.14 -31.30
CA PRO A 49 43.22 -14.74 -30.95
C PRO A 49 42.47 -13.76 -31.81
N TRP A 50 42.17 -14.12 -33.08
CA TRP A 50 41.45 -13.17 -33.90
C TRP A 50 39.97 -13.12 -33.57
N MET A 51 39.49 -14.03 -32.71
CA MET A 51 38.14 -13.85 -32.14
C MET A 51 38.18 -12.94 -30.92
N ALA A 52 39.14 -13.14 -30.02
CA ALA A 52 39.24 -12.31 -28.83
C ALA A 52 39.38 -10.83 -29.19
N GLU A 53 40.14 -10.53 -30.24
CA GLU A 53 40.45 -9.16 -30.62
C GLU A 53 39.29 -8.44 -31.32
N ASN A 54 38.26 -9.15 -31.78
CA ASN A 54 37.27 -8.52 -32.61
C ASN A 54 35.87 -8.58 -32.04
N LEU A 55 35.68 -9.32 -30.96
CA LEU A 55 34.39 -9.45 -30.29
C LEU A 55 34.50 -8.84 -28.90
N ALA A 56 33.70 -7.79 -28.65
CA ALA A 56 33.77 -7.04 -27.41
C ALA A 56 33.23 -7.86 -26.26
N PRO A 57 33.58 -7.49 -25.03
CA PRO A 57 33.11 -8.26 -23.86
C PRO A 57 31.60 -8.50 -23.80
N ASP A 58 30.77 -7.61 -24.37
CA ASP A 58 29.34 -7.84 -24.26
C ASP A 58 28.88 -9.04 -25.06
N HIS A 59 29.64 -9.38 -26.11
CA HIS A 59 29.36 -10.59 -26.88
CA HIS A 59 29.30 -10.58 -26.86
C HIS A 59 29.55 -11.85 -26.03
N TRP A 60 30.72 -11.95 -25.41
CA TRP A 60 31.02 -13.10 -24.55
C TRP A 60 30.08 -13.17 -23.34
N GLU A 61 29.74 -12.02 -22.78
CA GLU A 61 28.85 -11.98 -21.64
C GLU A 61 27.48 -12.51 -22.01
N ARG A 62 26.94 -12.03 -23.12
CA ARG A 62 25.59 -12.42 -23.51
C ARG A 62 25.53 -13.89 -23.87
N TYR A 63 26.53 -14.38 -24.63
CA TYR A 63 26.43 -15.78 -25.01
C TYR A 63 26.79 -16.69 -23.87
N THR A 64 27.52 -16.18 -22.88
CA THR A 64 27.71 -16.94 -21.65
C THR A 64 26.37 -17.25 -20.97
N GLN A 65 25.49 -16.23 -20.91
CA GLN A 65 24.15 -16.43 -20.33
C GLN A 65 23.35 -17.45 -21.13
N LEU A 66 23.36 -17.32 -22.46
CA LEU A 66 22.59 -18.22 -23.31
C LEU A 66 23.09 -19.66 -23.14
N LEU A 67 24.43 -19.84 -23.07
CA LEU A 67 24.97 -21.20 -22.97
C LEU A 67 24.68 -21.82 -21.61
N ARG A 68 24.62 -21.01 -20.57
CA ARG A 68 24.16 -21.54 -19.28
C ARG A 68 22.75 -22.10 -19.40
N GLY A 69 21.89 -21.45 -20.16
CA GLY A 69 20.54 -22.00 -20.39
C GLY A 69 20.56 -23.20 -21.32
N TRP A 70 21.38 -23.14 -22.38
CA TRP A 70 21.45 -24.28 -23.30
C TRP A 70 22.00 -25.51 -22.59
N GLN A 71 22.93 -25.30 -21.66
CA GLN A 71 23.45 -26.40 -20.84
C GLN A 71 22.34 -27.11 -20.10
N GLN A 72 21.47 -26.34 -19.45
CA GLN A 72 20.37 -26.95 -18.71
C GLN A 72 19.40 -27.67 -19.63
N MET A 73 19.03 -27.04 -20.76
CA MET A 73 18.16 -27.70 -21.73
C MET A 73 18.75 -29.01 -22.21
N PHE A 74 20.08 -29.04 -22.43
CA PHE A 74 20.74 -30.26 -22.86
C PHE A 74 20.62 -31.36 -21.81
N LYS A 75 20.83 -31.00 -20.55
CA LYS A 75 20.70 -32.00 -19.48
C LYS A 75 19.28 -32.60 -19.45
N VAL A 76 18.26 -31.73 -19.48
CA VAL A 76 16.87 -32.18 -19.51
C VAL A 76 16.58 -33.09 -20.70
N GLU A 77 17.07 -32.75 -21.90
CA GLU A 77 16.82 -33.60 -23.06
C GLU A 77 17.48 -34.96 -22.90
N LEU A 78 18.73 -34.98 -22.41
CA LEU A 78 19.41 -36.27 -22.24
C LEU A 78 18.73 -37.11 -21.18
N LYS A 79 18.34 -36.47 -20.09
CA LYS A 79 17.56 -37.16 -19.08
C LYS A 79 16.34 -37.82 -19.72
N ARG A 80 15.64 -37.08 -20.59
CA ARG A 80 14.45 -37.65 -21.23
C ARG A 80 14.82 -38.80 -22.19
N LEU A 81 15.90 -38.65 -22.95
CA LEU A 81 16.28 -39.75 -23.85
C LEU A 81 16.62 -41.00 -23.06
N GLN A 82 17.40 -40.86 -21.98
CA GLN A 82 17.90 -42.06 -21.32
C GLN A 82 16.79 -42.76 -20.56
N ARG A 83 15.79 -42.00 -20.12
CA ARG A 83 14.61 -42.62 -19.52
CA ARG A 83 14.61 -42.62 -19.52
C ARG A 83 13.78 -43.35 -20.56
N HIS A 84 13.62 -42.79 -21.76
CA HIS A 84 12.82 -43.50 -22.73
C HIS A 84 13.56 -44.64 -23.40
N TYR A 85 14.89 -44.57 -23.46
CA TYR A 85 15.64 -45.75 -23.87
C TYR A 85 15.66 -46.79 -22.76
N ASN A 86 15.40 -46.38 -21.51
CA ASN A 86 15.48 -47.25 -20.34
C ASN A 86 16.93 -47.68 -20.10
N HIS A 87 17.85 -46.73 -20.18
CA HIS A 87 19.27 -47.03 -20.15
C HIS A 87 19.82 -46.69 -18.78
N SER A 88 20.66 -47.56 -18.24
CA SER A 88 21.44 -47.19 -17.06
C SER A 88 22.85 -46.79 -17.48
N GLY A 89 23.57 -46.17 -16.54
CA GLY A 89 24.96 -45.80 -16.79
C GLY A 89 25.11 -44.43 -17.42
N SER A 90 26.33 -44.16 -17.89
CA SER A 90 26.65 -42.88 -18.52
C SER A 90 26.42 -42.97 -20.02
N HIS A 91 25.67 -42.00 -20.56
CA HIS A 91 25.42 -41.95 -22.00
C HIS A 91 25.69 -40.54 -22.52
N THR A 92 25.85 -40.43 -23.83
CA THR A 92 26.20 -39.13 -24.42
C THR A 92 25.08 -38.63 -25.32
N TYR A 93 25.00 -37.32 -25.39
CA TYR A 93 24.10 -36.59 -26.27
C TYR A 93 24.93 -35.56 -27.01
N GLN A 94 24.76 -35.44 -28.31
CA GLN A 94 25.60 -34.49 -29.04
C GLN A 94 24.72 -33.74 -29.99
N ARG A 95 25.12 -32.51 -30.28
CA ARG A 95 24.45 -31.68 -31.29
C ARG A 95 25.52 -31.06 -32.16
N MET A 96 25.19 -30.89 -33.44
N MET A 96 25.21 -30.93 -33.44
CA MET A 96 26.03 -30.13 -34.36
CA MET A 96 26.01 -30.15 -34.39
C MET A 96 25.16 -29.26 -35.27
C MET A 96 25.07 -29.24 -35.18
N ILE A 97 25.43 -27.96 -35.27
CA ILE A 97 24.71 -27.04 -36.12
C ILE A 97 25.76 -26.25 -36.92
N GLY A 98 25.43 -25.90 -38.15
CA GLY A 98 26.35 -25.01 -38.86
C GLY A 98 25.97 -24.80 -40.31
N CYS A 99 26.88 -24.14 -41.04
CA CYS A 99 26.61 -23.73 -42.41
C CYS A 99 27.94 -23.66 -43.16
N GLU A 100 27.83 -23.70 -44.49
CA GLU A 100 28.95 -23.59 -45.41
C GLU A 100 28.66 -22.54 -46.45
N LEU A 101 29.69 -21.77 -46.76
CA LEU A 101 29.66 -20.82 -47.85
C LEU A 101 30.64 -21.42 -48.86
N LEU A 102 30.09 -21.93 -49.96
CA LEU A 102 30.90 -22.60 -50.96
C LEU A 102 31.59 -21.60 -51.85
N GLU A 103 32.70 -22.06 -52.46
CA GLU A 103 33.46 -21.24 -53.40
C GLU A 103 32.56 -20.54 -54.43
N ASP A 104 31.64 -21.30 -55.06
CA ASP A 104 30.76 -20.69 -56.08
C ASP A 104 29.70 -19.76 -55.50
N GLY A 105 29.69 -19.51 -54.17
CA GLY A 105 28.69 -18.63 -53.59
C GLY A 105 27.40 -19.30 -53.14
N SER A 106 27.20 -20.58 -53.40
CA SER A 106 26.04 -21.27 -52.84
C SER A 106 26.28 -21.60 -51.37
N THR A 107 25.23 -22.03 -50.67
CA THR A 107 25.32 -22.25 -49.24
C THR A 107 24.69 -23.58 -48.89
N THR A 108 25.13 -24.14 -47.77
CA THR A 108 24.46 -25.25 -47.13
C THR A 108 24.22 -24.92 -45.64
N GLY A 109 23.32 -25.65 -45.02
CA GLY A 109 22.96 -25.44 -43.61
C GLY A 109 22.55 -26.77 -43.04
N PHE A 110 22.94 -27.09 -41.79
CA PHE A 110 22.64 -28.41 -41.24
C PHE A 110 22.48 -28.34 -39.73
N LEU A 111 21.70 -29.26 -39.19
CA LEU A 111 21.46 -29.37 -37.75
C LEU A 111 21.13 -30.83 -37.46
N GLN A 112 21.84 -31.44 -36.52
CA GLN A 112 21.60 -32.84 -36.21
C GLN A 112 22.02 -33.15 -34.79
N TYR A 113 21.53 -34.29 -34.28
CA TYR A 113 21.73 -34.76 -32.93
C TYR A 113 22.17 -36.21 -32.96
N ALA A 114 22.90 -36.63 -31.92
CA ALA A 114 23.37 -37.99 -31.76
C ALA A 114 23.19 -38.43 -30.32
N TYR A 115 22.86 -39.71 -30.15
CA TYR A 115 22.85 -40.32 -28.83
C TYR A 115 23.91 -41.43 -28.84
N ASP A 116 24.79 -41.43 -27.83
CA ASP A 116 25.91 -42.39 -27.77
C ASP A 116 26.67 -42.42 -29.11
N GLY A 117 26.93 -41.23 -29.66
CA GLY A 117 27.73 -41.11 -30.85
C GLY A 117 27.11 -41.61 -32.15
N GLN A 118 25.82 -41.91 -32.16
CA GLN A 118 25.16 -42.39 -33.38
C GLN A 118 24.04 -41.40 -33.73
N ASP A 119 23.90 -41.10 -35.02
CA ASP A 119 22.81 -40.26 -35.50
C ASP A 119 21.50 -40.55 -34.75
N PHE A 120 20.81 -39.48 -34.34
CA PHE A 120 19.54 -39.61 -33.61
C PHE A 120 18.40 -38.85 -34.29
N LEU A 121 18.63 -37.58 -34.58
CA LEU A 121 17.65 -36.77 -35.29
C LEU A 121 18.40 -35.86 -36.25
N ILE A 122 17.89 -35.74 -37.47
CA ILE A 122 18.54 -34.95 -38.52
C ILE A 122 17.50 -34.00 -39.09
N PHE A 123 17.81 -32.71 -39.07
CA PHE A 123 16.89 -31.68 -39.57
C PHE A 123 17.01 -31.57 -41.07
N ASN A 124 15.87 -31.48 -41.74
CA ASN A 124 15.81 -31.12 -43.16
C ASN A 124 15.19 -29.72 -43.23
N LYS A 125 15.99 -28.71 -43.62
CA LYS A 125 15.46 -27.34 -43.55
C LYS A 125 14.66 -26.97 -44.79
N ASP A 126 14.55 -27.88 -45.74
CA ASP A 126 13.73 -27.63 -46.92
C ASP A 126 12.35 -28.27 -46.80
N THR A 127 12.27 -29.49 -46.31
CA THR A 127 10.95 -30.03 -46.04
C THR A 127 10.45 -29.62 -44.67
N LEU A 128 11.28 -28.93 -43.86
CA LEU A 128 10.93 -28.50 -42.52
C LEU A 128 10.43 -29.67 -41.67
N SER A 129 11.29 -30.67 -41.55
CA SER A 129 10.94 -31.85 -40.77
C SER A 129 12.20 -32.49 -40.20
N TRP A 130 11.97 -33.41 -39.28
CA TRP A 130 13.05 -34.11 -38.58
C TRP A 130 13.03 -35.58 -38.96
N LEU A 131 14.19 -36.12 -39.33
CA LEU A 131 14.33 -37.54 -39.60
C LEU A 131 14.74 -38.26 -38.32
N ALA A 132 13.92 -39.22 -37.91
CA ALA A 132 14.10 -39.99 -36.69
C ALA A 132 14.67 -41.35 -37.03
N VAL A 133 15.68 -41.81 -36.27
CA VAL A 133 16.29 -43.10 -36.60
C VAL A 133 15.65 -44.27 -35.86
N ASP A 134 14.86 -44.01 -34.84
CA ASP A 134 14.21 -45.09 -34.09
C ASP A 134 12.99 -44.50 -33.38
N ASN A 135 12.36 -45.28 -32.53
CA ASN A 135 11.09 -44.86 -31.97
CA ASN A 135 11.09 -44.86 -31.98
C ASN A 135 11.24 -43.88 -30.82
N VAL A 136 12.38 -43.88 -30.14
CA VAL A 136 12.61 -42.83 -29.16
C VAL A 136 12.73 -41.50 -29.88
N ALA A 137 13.53 -41.47 -30.95
CA ALA A 137 13.65 -40.29 -31.77
C ALA A 137 12.30 -39.90 -32.38
N HIS A 138 11.51 -40.90 -32.79
CA HIS A 138 10.23 -40.62 -33.44
C HIS A 138 9.32 -39.84 -32.51
N THR A 139 9.35 -40.17 -31.22
CA THR A 139 8.57 -39.43 -30.23
C THR A 139 9.02 -37.98 -30.16
N ILE A 140 10.36 -37.75 -30.19
CA ILE A 140 10.87 -36.39 -30.11
C ILE A 140 10.53 -35.65 -31.38
N LYS A 141 10.65 -36.34 -32.52
CA LYS A 141 10.27 -35.75 -33.80
C LYS A 141 8.85 -35.17 -33.73
N GLN A 142 7.90 -35.95 -33.21
CA GLN A 142 6.51 -35.49 -33.17
CA GLN A 142 6.51 -35.51 -33.15
C GLN A 142 6.39 -34.24 -32.33
N ALA A 143 7.04 -34.21 -31.16
CA ALA A 143 6.97 -33.01 -30.31
C ALA A 143 7.63 -31.80 -30.98
N TRP A 144 8.77 -32.00 -31.63
CA TRP A 144 9.42 -30.84 -32.23
C TRP A 144 8.67 -30.38 -33.48
N GLU A 145 8.14 -31.31 -34.27
CA GLU A 145 7.44 -30.90 -35.47
C GLU A 145 6.11 -30.24 -35.13
N ALA A 146 5.61 -30.46 -33.92
CA ALA A 146 4.39 -29.79 -33.47
C ALA A 146 4.58 -28.29 -33.31
N ASN A 147 5.81 -27.83 -33.13
CA ASN A 147 6.12 -26.41 -32.95
C ASN A 147 6.66 -25.88 -34.29
N GLN A 148 5.73 -25.59 -35.19
CA GLN A 148 6.09 -25.24 -36.56
C GLN A 148 6.92 -23.96 -36.62
N HIS A 149 6.67 -23.00 -35.73
CA HIS A 149 7.42 -21.75 -35.74
C HIS A 149 8.91 -21.98 -35.46
N GLU A 150 9.21 -22.92 -34.56
CA GLU A 150 10.61 -23.23 -34.30
C GLU A 150 11.32 -23.82 -35.51
N LEU A 151 10.63 -24.62 -36.35
CA LEU A 151 11.28 -25.13 -37.55
C LEU A 151 11.61 -24.00 -38.50
N LEU A 152 10.67 -23.05 -38.67
CA LEU A 152 10.91 -21.88 -39.50
C LEU A 152 12.03 -21.02 -38.94
N TYR A 153 12.05 -20.84 -37.61
CA TYR A 153 13.17 -20.12 -36.99
C TYR A 153 14.51 -20.77 -37.36
N GLN A 154 14.57 -22.09 -37.29
CA GLN A 154 15.88 -22.73 -37.51
C GLN A 154 16.27 -22.62 -38.97
N LYS A 155 15.30 -22.68 -39.90
CA LYS A 155 15.63 -22.51 -41.31
C LYS A 155 16.21 -21.12 -41.53
N ASN A 156 15.58 -20.09 -40.96
CA ASN A 156 16.14 -18.74 -41.11
C ASN A 156 17.52 -18.63 -40.48
N TRP A 157 17.75 -19.26 -39.33
CA TRP A 157 19.05 -19.14 -38.68
C TRP A 157 20.10 -19.79 -39.55
N LEU A 158 19.82 -20.98 -40.04
CA LEU A 158 20.80 -21.70 -40.86
C LEU A 158 21.08 -20.97 -42.17
N GLU A 159 20.06 -20.39 -42.80
CA GLU A 159 20.23 -19.86 -44.13
C GLU A 159 20.71 -18.42 -44.12
N GLU A 160 20.36 -17.64 -43.10
CA GLU A 160 20.69 -16.23 -43.11
C GLU A 160 21.64 -15.86 -41.98
N GLU A 161 21.26 -16.13 -40.72
CA GLU A 161 22.10 -15.70 -39.59
C GLU A 161 23.46 -16.39 -39.61
N CYS A 162 23.45 -17.72 -39.78
CA CYS A 162 24.69 -18.48 -39.69
C CYS A 162 25.65 -18.04 -40.81
N ILE A 163 25.13 -17.81 -42.00
CA ILE A 163 26.01 -17.36 -43.09
C ILE A 163 26.57 -15.97 -42.77
N ALA A 164 25.76 -15.12 -42.13
CA ALA A 164 26.22 -13.79 -41.76
C ALA A 164 27.32 -13.87 -40.73
N TRP A 165 27.17 -14.74 -39.73
CA TRP A 165 28.22 -14.93 -38.73
C TRP A 165 29.51 -15.43 -39.39
N LEU A 166 29.36 -16.44 -40.24
CA LEU A 166 30.50 -17.01 -40.95
C LEU A 166 31.30 -15.94 -41.66
N LYS A 167 30.61 -15.07 -42.40
CA LYS A 167 31.32 -14.04 -43.16
C LYS A 167 32.02 -13.06 -42.24
N ARG A 168 31.38 -12.75 -41.09
CA ARG A 168 32.00 -11.87 -40.11
C ARG A 168 33.25 -12.49 -39.50
N PHE A 169 33.20 -13.77 -39.14
CA PHE A 169 34.37 -14.40 -38.53
C PHE A 169 35.47 -14.62 -39.57
N LEU A 170 35.09 -14.91 -40.81
CA LEU A 170 36.08 -15.09 -41.88
CA LEU A 170 36.09 -15.09 -41.88
C LEU A 170 36.91 -13.82 -42.08
N GLU A 171 36.24 -12.66 -41.96
CA GLU A 171 36.95 -11.37 -42.07
C GLU A 171 37.85 -11.14 -40.86
N TYR A 172 37.34 -11.39 -39.62
CA TYR A 172 38.19 -11.40 -38.42
C TYR A 172 39.45 -12.24 -38.64
N GLY A 173 39.29 -13.45 -39.16
CA GLY A 173 40.41 -14.37 -39.16
C GLY A 173 41.14 -14.46 -40.49
N LYS A 174 40.95 -13.44 -41.33
CA LYS A 174 41.30 -13.60 -42.75
C LYS A 174 42.79 -13.91 -42.92
N ASP A 175 43.65 -13.32 -42.10
CA ASP A 175 45.07 -13.59 -42.26
C ASP A 175 45.42 -15.04 -41.96
N THR A 176 44.61 -15.73 -41.16
CA THR A 176 44.82 -17.13 -40.89
C THR A 176 44.10 -17.99 -41.93
N LEU A 177 42.83 -17.69 -42.14
CA LEU A 177 41.93 -18.60 -42.85
C LEU A 177 42.08 -18.54 -44.35
N GLN A 178 42.45 -17.37 -44.86
CA GLN A 178 42.48 -17.17 -46.30
C GLN A 178 43.91 -17.25 -46.87
N ARG A 179 44.89 -17.64 -46.06
CA ARG A 179 46.27 -17.72 -46.57
C ARG A 179 46.49 -19.04 -47.29
N THR A 180 47.62 -19.14 -48.01
CA THR A 180 48.04 -20.39 -48.65
C THR A 180 49.50 -20.61 -48.33
N GLU A 181 49.82 -21.77 -47.74
CA GLU A 181 51.20 -22.23 -47.63
C GLU A 181 51.36 -23.48 -48.47
N PRO A 182 52.18 -23.47 -49.55
CA PRO A 182 52.25 -24.64 -50.44
C PRO A 182 52.93 -25.81 -49.78
N PRO A 183 52.63 -27.04 -50.24
CA PRO A 183 53.25 -28.22 -49.63
C PRO A 183 54.69 -28.37 -50.14
N LEU A 184 55.51 -28.97 -49.30
CA LEU A 184 56.82 -29.50 -49.67
C LEU A 184 56.66 -31.01 -49.80
N VAL A 185 56.96 -31.55 -50.98
CA VAL A 185 56.62 -32.92 -51.33
C VAL A 185 57.89 -33.68 -51.71
N ARG A 186 58.00 -34.92 -51.23
CA ARG A 186 59.17 -35.77 -51.51
C ARG A 186 58.68 -37.20 -51.66
N VAL A 187 59.49 -38.04 -52.31
CA VAL A 187 59.20 -39.46 -52.48
C VAL A 187 60.36 -40.24 -51.86
N ASN A 188 60.05 -41.32 -51.15
CA ASN A 188 61.04 -42.20 -50.58
CA ASN A 188 61.08 -42.21 -50.65
C ASN A 188 60.61 -43.64 -50.84
N ARG A 189 61.52 -44.59 -50.59
CA ARG A 189 61.25 -46.01 -50.66
C ARG A 189 61.33 -46.60 -49.25
N LYS A 190 60.44 -47.54 -48.94
CA LYS A 190 60.37 -48.09 -47.59
C LYS A 190 60.17 -49.61 -47.60
N THR A 197 58.60 -53.76 -51.47
CA THR A 197 58.99 -52.36 -51.38
C THR A 197 57.87 -51.42 -51.85
N ALA A 198 57.68 -50.32 -51.12
CA ALA A 198 56.63 -49.35 -51.41
C ALA A 198 57.23 -47.96 -51.61
N LEU A 199 56.65 -47.22 -52.55
CA LEU A 199 56.96 -45.81 -52.74
C LEU A 199 56.04 -44.99 -51.85
N PHE A 200 56.63 -44.14 -51.01
CA PHE A 200 55.88 -43.21 -50.19
C PHE A 200 56.00 -41.81 -50.77
N CYS A 201 54.87 -41.16 -50.91
CA CYS A 201 54.83 -39.76 -51.31
C CYS A 201 54.38 -38.95 -50.09
N LYS A 202 55.22 -37.99 -49.66
CA LYS A 202 55.05 -37.33 -48.37
C LYS A 202 55.01 -35.81 -48.56
N ALA A 203 54.02 -35.14 -47.95
CA ALA A 203 53.87 -33.70 -48.10
C ALA A 203 53.73 -33.07 -46.72
N HIS A 204 54.34 -31.90 -46.55
CA HIS A 204 54.23 -31.23 -45.26
C HIS A 204 54.31 -29.73 -45.42
N GLY A 205 54.05 -29.02 -44.30
CA GLY A 205 54.06 -27.58 -44.26
C GLY A 205 52.96 -26.86 -45.01
N PHE A 206 51.83 -27.50 -45.32
CA PHE A 206 50.86 -26.82 -46.17
C PHE A 206 49.63 -26.31 -45.37
N TYR A 207 48.97 -25.34 -45.97
CA TYR A 207 47.72 -24.74 -45.44
C TYR A 207 47.00 -24.15 -46.63
N PRO A 208 45.68 -24.40 -46.78
CA PRO A 208 44.73 -25.07 -45.86
C PRO A 208 44.94 -26.58 -45.83
N PRO A 209 44.30 -27.29 -44.90
CA PRO A 209 44.58 -28.73 -44.79
C PRO A 209 44.02 -29.55 -45.94
N GLU A 210 43.16 -28.99 -46.80
CA GLU A 210 42.58 -29.76 -47.90
C GLU A 210 43.64 -30.01 -48.99
N ILE A 211 43.90 -31.27 -49.27
CA ILE A 211 44.93 -31.63 -50.25
C ILE A 211 44.54 -32.97 -50.85
N TYR A 212 45.00 -33.24 -52.06
CA TYR A 212 44.77 -34.56 -52.68
C TYR A 212 46.11 -35.07 -53.19
N MET A 213 46.55 -36.19 -52.66
CA MET A 213 47.74 -36.91 -53.09
C MET A 213 47.33 -38.27 -53.63
N THR A 214 47.93 -38.67 -54.74
CA THR A 214 47.65 -39.99 -55.28
C THR A 214 48.87 -40.44 -56.08
N TRP A 215 48.85 -41.72 -56.46
CA TRP A 215 49.90 -42.31 -57.28
C TRP A 215 49.31 -42.71 -58.63
N MET A 216 50.07 -42.42 -59.67
CA MET A 216 49.75 -42.81 -61.03
C MET A 216 50.78 -43.83 -61.48
N LYS A 217 50.32 -44.88 -62.17
CA LYS A 217 51.21 -45.87 -62.77
C LYS A 217 50.95 -45.83 -64.26
N ASN A 218 51.99 -45.50 -65.04
CA ASN A 218 51.89 -45.37 -66.49
C ASN A 218 50.74 -44.42 -66.88
N GLY A 219 50.59 -43.34 -66.11
CA GLY A 219 49.58 -42.33 -66.43
C GLY A 219 48.14 -42.69 -66.09
N GLU A 220 47.91 -43.78 -65.38
CA GLU A 220 46.57 -44.19 -64.99
C GLU A 220 46.51 -44.27 -63.47
N GLU A 221 45.44 -43.72 -62.91
CA GLU A 221 45.26 -43.78 -61.47
C GLU A 221 44.68 -45.14 -61.10
N ILE A 222 45.02 -45.60 -59.90
CA ILE A 222 44.68 -46.95 -59.48
C ILE A 222 44.25 -46.92 -58.01
N VAL A 223 43.08 -46.33 -57.74
CA VAL A 223 42.70 -45.98 -56.36
C VAL A 223 42.72 -47.21 -55.45
N GLN A 224 42.44 -48.39 -56.01
CA GLN A 224 42.35 -49.62 -55.20
C GLN A 224 43.72 -50.09 -54.70
N GLU A 225 44.79 -49.72 -55.38
CA GLU A 225 46.13 -50.16 -54.98
C GLU A 225 46.87 -49.15 -54.11
N ILE A 226 46.25 -48.00 -53.79
CA ILE A 226 46.92 -46.88 -53.11
C ILE A 226 46.52 -46.88 -51.65
N ASP A 227 47.50 -46.67 -50.77
CA ASP A 227 47.23 -46.49 -49.36
C ASP A 227 47.29 -44.99 -49.03
N TYR A 228 46.14 -44.42 -48.71
CA TYR A 228 46.01 -42.98 -48.48
C TYR A 228 46.20 -42.70 -46.98
N GLY A 229 47.18 -41.86 -46.66
CA GLY A 229 47.36 -41.43 -45.28
C GLY A 229 46.46 -40.26 -44.93
N ASP A 230 46.15 -40.12 -43.63
CA ASP A 230 45.28 -39.03 -43.19
C ASP A 230 45.99 -37.67 -43.31
N ILE A 231 45.20 -36.61 -43.47
CA ILE A 231 45.77 -35.28 -43.36
C ILE A 231 45.89 -34.94 -41.88
N LEU A 232 47.10 -34.63 -41.43
CA LEU A 232 47.35 -34.54 -40.00
C LEU A 232 47.95 -33.19 -39.62
N PRO A 233 47.58 -32.67 -38.44
CA PRO A 233 48.13 -31.38 -38.00
C PRO A 233 49.57 -31.56 -37.55
N SER A 234 50.41 -30.64 -37.97
CA SER A 234 51.83 -30.68 -37.58
C SER A 234 52.09 -29.97 -36.27
N GLY A 235 51.14 -29.14 -35.80
CA GLY A 235 51.27 -28.44 -34.53
C GLY A 235 51.59 -26.96 -34.65
N ASP A 236 51.99 -26.51 -35.83
CA ASP A 236 52.44 -25.16 -36.04
C ASP A 236 51.46 -24.38 -36.90
N GLY A 237 50.24 -24.93 -37.08
CA GLY A 237 49.27 -24.35 -37.96
C GLY A 237 49.25 -24.96 -39.34
N THR A 238 50.26 -25.76 -39.72
CA THR A 238 50.29 -26.40 -41.03
C THR A 238 49.98 -27.87 -40.86
N TYR A 239 49.93 -28.58 -42.00
CA TYR A 239 49.48 -29.96 -42.05
C TYR A 239 50.45 -30.81 -42.88
N GLN A 240 50.40 -32.13 -42.65
CA GLN A 240 51.16 -33.11 -43.44
C GLN A 240 50.25 -34.29 -43.83
N ALA A 241 50.66 -34.99 -44.89
CA ALA A 241 49.90 -36.11 -45.44
C ALA A 241 50.86 -36.97 -46.26
N TRP A 242 50.38 -38.16 -46.65
CA TRP A 242 51.22 -39.08 -47.43
C TRP A 242 50.32 -40.06 -48.18
N ALA A 243 50.90 -40.72 -49.17
CA ALA A 243 50.22 -41.81 -49.84
C ALA A 243 51.30 -42.72 -50.39
N SER A 244 51.05 -44.04 -50.35
CA SER A 244 52.06 -45.01 -50.73
C SER A 244 51.48 -45.99 -51.73
N ILE A 245 52.36 -46.54 -52.57
CA ILE A 245 51.99 -47.58 -53.51
C ILE A 245 53.15 -48.58 -53.54
N GLU A 246 52.79 -49.86 -53.73
CA GLU A 246 53.77 -50.94 -53.74
C GLU A 246 54.28 -51.21 -55.15
N LEU A 247 55.54 -51.61 -55.23
CA LEU A 247 56.23 -51.71 -56.51
C LEU A 247 56.11 -53.11 -57.07
N ASP A 248 55.79 -53.20 -58.37
CA ASP A 248 55.74 -54.47 -59.08
C ASP A 248 57.14 -54.85 -59.56
N PRO A 249 57.83 -55.80 -58.93
CA PRO A 249 59.19 -56.13 -59.35
C PRO A 249 59.27 -56.99 -60.62
N GLN A 250 58.13 -57.37 -61.19
CA GLN A 250 58.08 -58.23 -62.37
C GLN A 250 58.00 -57.45 -63.68
N SER A 251 57.68 -56.16 -63.63
CA SER A 251 57.61 -55.34 -64.84
C SER A 251 58.07 -53.92 -64.54
N SER A 252 58.61 -53.25 -65.56
CA SER A 252 58.96 -51.84 -65.42
CA SER A 252 58.97 -51.85 -65.44
C SER A 252 57.72 -50.99 -65.63
N ASN A 253 57.52 -50.04 -64.72
CA ASN A 253 56.37 -49.15 -64.78
C ASN A 253 56.83 -47.77 -64.33
N LEU A 254 56.28 -46.76 -64.97
CA LEU A 254 56.48 -45.38 -64.59
C LEU A 254 55.50 -45.04 -63.47
N TYR A 255 56.02 -44.70 -62.29
CA TYR A 255 55.19 -44.26 -61.18
C TYR A 255 55.37 -42.76 -60.98
N SER A 256 54.29 -42.08 -60.55
CA SER A 256 54.38 -40.66 -60.32
C SER A 256 53.40 -40.27 -59.21
N CYS A 257 53.87 -39.44 -58.30
CA CYS A 257 53.03 -38.86 -57.25
C CYS A 257 52.42 -37.57 -57.79
N HIS A 258 51.11 -37.40 -57.59
CA HIS A 258 50.36 -36.23 -58.02
C HIS A 258 49.76 -35.58 -56.77
N VAL A 259 49.97 -34.29 -56.60
CA VAL A 259 49.51 -33.54 -55.42
C VAL A 259 48.75 -32.33 -55.92
N GLU A 260 47.53 -32.12 -55.40
CA GLU A 260 46.72 -30.99 -55.78
C GLU A 260 46.45 -30.20 -54.50
N HIS A 261 46.80 -28.92 -54.51
CA HIS A 261 46.62 -28.09 -53.32
C HIS A 261 46.32 -26.68 -53.77
N SER A 262 45.17 -26.13 -53.33
N SER A 262 45.17 -26.13 -53.33
CA SER A 262 44.83 -24.73 -53.53
CA SER A 262 44.83 -24.73 -53.53
C SER A 262 45.03 -24.26 -54.95
C SER A 262 45.04 -24.26 -54.97
N GLY A 263 44.55 -25.05 -55.91
CA GLY A 263 44.61 -24.63 -57.31
C GLY A 263 45.94 -24.85 -58.01
N VAL A 264 46.85 -25.59 -57.41
CA VAL A 264 48.15 -25.90 -58.00
C VAL A 264 48.31 -27.40 -58.04
N HIS A 265 48.76 -27.94 -59.18
CA HIS A 265 49.00 -29.36 -59.31
CA HIS A 265 49.01 -29.36 -59.33
C HIS A 265 50.51 -29.59 -59.42
N MET A 266 50.99 -30.64 -58.77
CA MET A 266 52.39 -31.02 -58.77
CA MET A 266 52.38 -31.01 -58.88
C MET A 266 52.50 -32.51 -59.08
N VAL A 267 53.49 -32.88 -59.90
CA VAL A 267 53.81 -34.25 -60.28
C VAL A 267 55.28 -34.52 -59.97
N LEU A 268 55.55 -35.60 -59.24
CA LEU A 268 56.89 -36.08 -58.97
C LEU A 268 57.03 -37.46 -59.63
N GLN A 269 57.80 -37.54 -60.71
CA GLN A 269 58.03 -38.79 -61.44
C GLN A 269 59.15 -39.58 -60.77
N VAL A 270 58.91 -40.87 -60.54
CA VAL A 270 59.95 -41.65 -59.89
C VAL A 270 60.86 -42.23 -60.98
N PRO A 271 62.19 -42.06 -60.89
CA PRO A 271 63.04 -42.57 -61.96
C PRO A 271 63.29 -44.09 -61.86
N GLN B 3 19.94 0.22 -33.37
CA GLN B 3 18.84 -0.75 -33.53
C GLN B 3 17.54 -0.01 -33.23
N ASN B 4 16.64 0.02 -34.23
CA ASN B 4 15.48 0.88 -34.20
CA ASN B 4 15.46 0.86 -34.16
C ASN B 4 14.24 0.08 -34.61
N ILE B 5 13.15 0.28 -33.88
N ILE B 5 13.11 0.37 -34.00
CA ILE B 5 11.83 -0.20 -34.25
CA ILE B 5 11.89 -0.26 -34.46
C ILE B 5 10.93 1.02 -34.41
C ILE B 5 10.76 0.75 -34.32
N ASP B 6 10.07 1.02 -35.43
CA ASP B 6 9.16 2.14 -35.59
C ASP B 6 7.76 1.68 -35.91
N GLN B 7 6.79 2.23 -35.19
CA GLN B 7 5.39 1.94 -35.54
C GLN B 7 4.63 3.20 -35.23
N PRO B 8 3.51 3.47 -35.90
CA PRO B 8 2.77 4.72 -35.60
C PRO B 8 2.29 4.75 -34.15
N THR B 9 2.15 5.97 -33.61
CA THR B 9 1.73 6.14 -32.21
C THR B 9 0.29 5.74 -32.01
N GLU B 10 -0.56 6.06 -32.98
CA GLU B 10 -1.98 5.89 -32.77
C GLU B 10 -2.67 5.71 -34.12
N MET B 11 -3.72 4.88 -34.13
CA MET B 11 -4.57 4.75 -35.30
C MET B 11 -6.01 4.70 -34.85
N THR B 12 -6.90 5.20 -35.71
CA THR B 12 -8.33 5.20 -35.39
C THR B 12 -9.06 4.65 -36.60
N ALA B 13 -9.92 3.64 -36.37
CA ALA B 13 -10.68 3.02 -37.43
C ALA B 13 -12.09 2.76 -36.92
N THR B 14 -12.98 2.37 -37.84
CA THR B 14 -14.37 2.17 -37.52
C THR B 14 -14.66 0.69 -37.25
N GLU B 15 -15.54 0.44 -36.29
CA GLU B 15 -16.09 -0.89 -36.03
C GLU B 15 -16.53 -1.59 -37.32
N GLY B 16 -16.16 -2.86 -37.46
CA GLY B 16 -16.52 -3.61 -38.64
C GLY B 16 -15.54 -3.48 -39.78
N ALA B 17 -14.62 -2.54 -39.71
CA ALA B 17 -13.70 -2.31 -40.80
C ALA B 17 -12.38 -3.09 -40.61
N ILE B 18 -11.36 -2.74 -41.38
N ILE B 18 -11.39 -2.75 -41.39
CA ILE B 18 -10.06 -3.42 -41.42
CA ILE B 18 -10.11 -3.38 -41.21
C ILE B 18 -8.97 -2.38 -41.17
C ILE B 18 -9.14 -2.30 -40.79
N VAL B 19 -7.96 -2.72 -40.36
CA VAL B 19 -6.88 -1.80 -40.06
C VAL B 19 -5.57 -2.58 -40.22
N GLN B 20 -4.56 -1.92 -40.78
CA GLN B 20 -3.23 -2.52 -40.92
C GLN B 20 -2.25 -1.73 -40.07
N ILE B 21 -1.61 -2.39 -39.10
CA ILE B 21 -0.68 -1.69 -38.22
C ILE B 21 0.72 -2.01 -38.72
N ASN B 22 1.50 -0.98 -39.08
CA ASN B 22 2.83 -1.23 -39.66
C ASN B 22 3.94 -1.22 -38.61
N CYS B 23 5.02 -1.93 -38.92
CA CYS B 23 6.19 -1.94 -38.05
C CYS B 23 7.41 -2.05 -38.94
N THR B 24 8.36 -1.15 -38.82
CA THR B 24 9.59 -1.33 -39.57
CA THR B 24 9.60 -1.22 -39.57
C THR B 24 10.74 -1.43 -38.60
N TYR B 25 11.78 -2.16 -39.00
CA TYR B 25 12.83 -2.37 -38.05
C TYR B 25 14.17 -2.33 -38.75
N GLN B 26 15.18 -1.88 -38.03
CA GLN B 26 16.58 -1.94 -38.44
C GLN B 26 17.33 -2.53 -37.27
N THR B 27 17.78 -3.75 -37.40
CA THR B 27 18.38 -4.40 -36.24
C THR B 27 19.68 -5.05 -36.67
N SER B 28 20.48 -5.42 -35.68
CA SER B 28 21.73 -6.13 -35.95
CA SER B 28 21.73 -6.12 -35.96
C SER B 28 21.40 -7.62 -36.00
N GLY B 29 21.04 -8.09 -37.19
CA GLY B 29 20.60 -9.46 -37.37
C GLY B 29 19.12 -9.65 -37.04
N PHE B 30 18.62 -10.84 -37.36
CA PHE B 30 17.17 -11.08 -37.30
C PHE B 30 16.86 -12.53 -36.98
N ASN B 31 16.12 -12.75 -35.86
CA ASN B 31 15.68 -14.09 -35.47
C ASN B 31 14.17 -14.10 -35.23
N GLY B 32 13.45 -13.13 -35.77
CA GLY B 32 11.99 -13.19 -35.79
C GLY B 32 11.33 -11.93 -35.25
N LEU B 33 10.07 -11.75 -35.61
CA LEU B 33 9.30 -10.55 -35.28
C LEU B 33 8.01 -10.97 -34.58
N PHE B 34 7.75 -10.36 -33.43
CA PHE B 34 6.56 -10.67 -32.62
C PHE B 34 5.58 -9.51 -32.63
N TRP B 35 4.27 -9.82 -32.56
CA TRP B 35 3.30 -8.82 -32.17
C TRP B 35 2.66 -9.21 -30.85
N TYR B 36 2.46 -8.24 -29.96
CA TYR B 36 1.72 -8.44 -28.73
C TYR B 36 0.54 -7.46 -28.68
N GLN B 37 -0.52 -7.88 -28.01
CA GLN B 37 -1.65 -7.00 -27.71
C GLN B 37 -1.54 -6.57 -26.25
N GLN B 38 -1.79 -5.30 -25.96
CA GLN B 38 -1.81 -4.84 -24.57
C GLN B 38 -3.01 -3.91 -24.38
N HIS B 39 -4.05 -4.44 -23.76
CA HIS B 39 -5.18 -3.63 -23.33
C HIS B 39 -4.74 -2.66 -22.24
N ALA B 40 -5.42 -1.52 -22.17
CA ALA B 40 -4.96 -0.47 -21.26
C ALA B 40 -5.02 -1.00 -19.81
N GLY B 41 -3.94 -0.83 -19.07
CA GLY B 41 -3.88 -1.31 -17.71
C GLY B 41 -3.64 -2.79 -17.54
N GLU B 42 -3.43 -3.55 -18.62
CA GLU B 42 -3.31 -4.99 -18.53
CA GLU B 42 -3.33 -4.99 -18.57
C GLU B 42 -1.94 -5.41 -19.05
N ALA B 43 -1.71 -6.68 -19.02
CA ALA B 43 -0.43 -7.25 -19.44
C ALA B 43 -0.39 -7.44 -20.95
N PRO B 44 0.77 -7.28 -21.58
CA PRO B 44 0.87 -7.69 -22.99
C PRO B 44 0.60 -9.19 -23.13
N THR B 45 -0.05 -9.58 -24.23
CA THR B 45 -0.21 -11.00 -24.54
C THR B 45 0.26 -11.25 -25.97
N PHE B 46 0.85 -12.42 -26.17
CA PHE B 46 1.37 -12.81 -27.47
C PHE B 46 0.27 -12.91 -28.52
N LEU B 47 0.48 -12.30 -29.71
CA LEU B 47 -0.39 -12.51 -30.85
C LEU B 47 0.22 -13.34 -31.96
N SER B 48 1.46 -13.04 -32.34
CA SER B 48 1.97 -13.70 -33.53
C SER B 48 3.50 -13.65 -33.56
N TYR B 49 4.06 -14.54 -34.37
CA TYR B 49 5.49 -14.61 -34.66
C TYR B 49 5.68 -14.86 -36.14
N ASN B 50 6.58 -14.09 -36.77
CA ASN B 50 6.96 -14.39 -38.16
C ASN B 50 8.48 -14.39 -38.25
N VAL B 51 9.02 -15.26 -39.09
CA VAL B 51 10.47 -15.24 -39.27
C VAL B 51 10.89 -15.44 -40.73
N LEU B 52 10.12 -16.16 -41.51
CA LEU B 52 10.27 -16.20 -42.97
C LEU B 52 9.32 -15.22 -43.61
N ASP B 53 9.46 -15.03 -44.92
CA ASP B 53 8.64 -14.03 -45.59
C ASP B 53 7.24 -14.53 -45.82
N GLY B 54 6.25 -13.65 -45.68
CA GLY B 54 4.91 -14.02 -46.08
C GLY B 54 3.87 -13.67 -45.02
N LEU B 55 2.67 -14.20 -45.22
CA LEU B 55 1.48 -13.86 -44.44
C LEU B 55 1.03 -15.07 -43.63
N GLU B 56 0.70 -14.87 -42.35
CA GLU B 56 0.18 -15.96 -41.53
C GLU B 56 -1.12 -15.52 -40.87
N GLU B 57 -2.15 -16.36 -40.88
CA GLU B 57 -3.47 -15.96 -40.38
C GLU B 57 -3.75 -16.69 -39.06
N LYS B 58 -4.39 -15.98 -38.12
CA LYS B 58 -4.83 -16.55 -36.85
C LYS B 58 -6.15 -15.87 -36.49
N GLY B 59 -7.26 -16.51 -36.85
CA GLY B 59 -8.56 -15.89 -36.57
C GLY B 59 -8.75 -14.66 -37.43
N ARG B 60 -9.19 -13.56 -36.80
CA ARG B 60 -9.39 -12.27 -37.48
C ARG B 60 -8.11 -11.49 -37.67
N PHE B 61 -6.97 -12.00 -37.17
CA PHE B 61 -5.71 -11.28 -37.26
C PHE B 61 -4.79 -12.02 -38.22
N SER B 62 -4.05 -11.28 -39.02
CA SER B 62 -3.00 -11.88 -39.82
CA SER B 62 -3.01 -11.85 -39.85
C SER B 62 -1.74 -11.05 -39.61
N SER B 63 -0.60 -11.70 -39.81
CA SER B 63 0.65 -10.99 -39.63
CA SER B 63 0.68 -11.04 -39.61
C SER B 63 1.54 -11.29 -40.83
N PHE B 64 2.12 -10.24 -41.37
CA PHE B 64 2.93 -10.29 -42.59
C PHE B 64 4.36 -9.91 -42.29
N LEU B 65 5.31 -10.52 -43.01
CA LEU B 65 6.71 -10.16 -42.86
C LEU B 65 7.40 -10.08 -44.21
N SER B 66 8.18 -9.02 -44.41
CA SER B 66 9.16 -8.98 -45.51
C SER B 66 10.55 -8.73 -44.93
N ARG B 67 11.40 -9.75 -44.96
CA ARG B 67 12.72 -9.56 -44.35
C ARG B 67 13.56 -8.57 -45.15
N SER B 68 13.40 -8.54 -46.48
CA SER B 68 14.26 -7.65 -47.25
C SER B 68 13.83 -6.20 -47.11
N LYS B 69 12.55 -5.94 -46.88
CA LYS B 69 12.09 -4.58 -46.59
C LYS B 69 12.19 -4.20 -45.12
N GLY B 70 12.48 -5.16 -44.24
CA GLY B 70 12.56 -4.91 -42.80
C GLY B 70 11.23 -4.39 -42.31
N TYR B 71 10.16 -5.10 -42.66
CA TYR B 71 8.82 -4.57 -42.43
CA TYR B 71 8.79 -4.59 -42.53
C TYR B 71 7.83 -5.69 -42.14
N SER B 72 6.89 -5.40 -41.25
CA SER B 72 5.82 -6.31 -40.92
C SER B 72 4.54 -5.48 -40.78
N TYR B 73 3.38 -6.08 -41.02
CA TYR B 73 2.13 -5.50 -40.54
C TYR B 73 1.33 -6.54 -39.81
N LEU B 74 0.54 -6.03 -38.88
CA LEU B 74 -0.51 -6.79 -38.21
C LEU B 74 -1.84 -6.32 -38.79
N LEU B 75 -2.61 -7.23 -39.36
CA LEU B 75 -3.87 -6.92 -40.05
C LEU B 75 -5.05 -7.37 -39.21
N LEU B 76 -5.92 -6.44 -38.79
CA LEU B 76 -7.11 -6.78 -38.02
C LEU B 76 -8.32 -6.58 -38.92
N LYS B 77 -9.10 -7.64 -39.15
CA LYS B 77 -10.34 -7.58 -39.93
C LYS B 77 -11.56 -7.59 -39.03
N GLU B 78 -12.67 -7.10 -39.56
CA GLU B 78 -13.94 -7.12 -38.83
C GLU B 78 -13.77 -6.57 -37.41
N LEU B 79 -13.28 -5.32 -37.34
CA LEU B 79 -12.91 -4.75 -36.06
C LEU B 79 -14.07 -4.77 -35.08
N GLN B 80 -13.75 -5.06 -33.81
CA GLN B 80 -14.69 -5.02 -32.71
C GLN B 80 -14.18 -4.07 -31.65
N MET B 81 -15.09 -3.56 -30.82
CA MET B 81 -14.66 -2.65 -29.77
C MET B 81 -13.57 -3.27 -28.91
N LYS B 82 -13.61 -4.60 -28.73
N LYS B 82 -13.61 -4.59 -28.71
CA LYS B 82 -12.65 -5.27 -27.86
CA LYS B 82 -12.63 -5.21 -27.83
C LYS B 82 -11.24 -5.21 -28.43
C LYS B 82 -11.23 -5.22 -28.44
N ASP B 83 -11.10 -4.86 -29.71
CA ASP B 83 -9.78 -4.69 -30.33
C ASP B 83 -9.10 -3.41 -29.92
N SER B 84 -9.81 -2.48 -29.23
CA SER B 84 -9.16 -1.27 -28.74
C SER B 84 -8.08 -1.63 -27.73
N ALA B 85 -6.82 -1.31 -28.03
CA ALA B 85 -5.67 -1.78 -27.27
C ALA B 85 -4.47 -1.13 -27.90
N SER B 86 -3.31 -1.28 -27.26
CA SER B 86 -2.05 -1.01 -27.94
C SER B 86 -1.50 -2.30 -28.50
N TYR B 87 -0.75 -2.17 -29.60
CA TYR B 87 -0.20 -3.32 -30.29
C TYR B 87 1.29 -3.09 -30.35
N LEU B 88 2.10 -4.03 -29.81
CA LEU B 88 3.53 -3.84 -29.68
C LEU B 88 4.22 -4.76 -30.64
N CYS B 89 5.13 -4.21 -31.42
CA CYS B 89 5.99 -4.94 -32.32
CA CYS B 89 5.95 -5.06 -32.25
C CYS B 89 7.34 -5.14 -31.66
N ALA B 90 7.93 -6.33 -31.78
CA ALA B 90 9.23 -6.57 -31.17
C ALA B 90 10.03 -7.52 -32.02
N VAL B 91 11.35 -7.30 -32.09
CA VAL B 91 12.21 -8.07 -32.97
C VAL B 91 13.35 -8.64 -32.14
N LYS B 92 13.68 -9.92 -32.38
CA LYS B 92 14.85 -10.57 -31.80
C LYS B 92 16.06 -10.38 -32.71
N ASP B 93 17.14 -9.80 -32.18
CA ASP B 93 18.33 -9.51 -33.00
C ASP B 93 19.24 -10.74 -33.01
N SER B 94 20.46 -10.58 -33.56
CA SER B 94 21.39 -11.70 -33.70
CA SER B 94 21.37 -11.71 -33.71
C SER B 94 21.76 -12.32 -32.36
N ASN B 95 21.70 -11.56 -31.28
CA ASN B 95 22.04 -12.08 -29.96
C ASN B 95 20.79 -12.42 -29.14
N TYR B 96 19.66 -12.54 -29.79
CA TYR B 96 18.39 -12.92 -29.20
C TYR B 96 17.90 -11.87 -28.23
N GLN B 97 18.40 -10.64 -28.32
CA GLN B 97 17.83 -9.55 -27.55
CA GLN B 97 17.85 -9.52 -27.56
C GLN B 97 16.56 -9.09 -28.24
N LEU B 98 15.53 -8.87 -27.45
CA LEU B 98 14.26 -8.40 -27.98
C LEU B 98 14.30 -6.89 -28.01
N ILE B 99 14.07 -6.29 -29.16
CA ILE B 99 13.99 -4.85 -29.25
C ILE B 99 12.52 -4.51 -29.46
N TRP B 100 11.97 -3.68 -28.56
CA TRP B 100 10.54 -3.35 -28.54
C TRP B 100 10.21 -2.02 -29.22
N GLY B 101 9.20 -2.04 -30.10
CA GLY B 101 8.60 -0.80 -30.58
C GLY B 101 7.83 -0.08 -29.50
N ALA B 102 7.57 1.20 -29.71
CA ALA B 102 6.90 1.95 -28.65
C ALA B 102 5.40 1.68 -28.56
N GLY B 103 4.84 0.90 -29.48
CA GLY B 103 3.43 0.54 -29.45
C GLY B 103 2.56 1.47 -30.30
N THR B 104 1.52 0.88 -30.88
CA THR B 104 0.48 1.64 -31.58
C THR B 104 -0.82 1.51 -30.80
N LYS B 105 -1.38 2.63 -30.38
CA LYS B 105 -2.67 2.61 -29.73
C LYS B 105 -3.78 2.60 -30.79
N LEU B 106 -4.61 1.56 -30.78
CA LEU B 106 -5.71 1.43 -31.72
C LEU B 106 -7.01 1.86 -31.05
N ILE B 107 -7.65 2.88 -31.63
CA ILE B 107 -8.95 3.39 -31.16
C ILE B 107 -10.02 2.98 -32.16
N ILE B 108 -11.13 2.44 -31.67
CA ILE B 108 -12.19 1.93 -32.54
C ILE B 108 -13.42 2.81 -32.37
N LYS B 109 -13.94 3.34 -33.47
CA LYS B 109 -15.17 4.14 -33.41
C LYS B 109 -16.39 3.24 -33.51
N PRO B 110 -17.29 3.23 -32.51
CA PRO B 110 -18.47 2.37 -32.62
C PRO B 110 -19.38 2.82 -33.74
N ASP B 111 -20.11 1.88 -34.31
CA ASP B 111 -21.11 2.25 -35.32
C ASP B 111 -22.41 2.61 -34.61
N ILE B 112 -22.77 3.88 -34.60
CA ILE B 112 -23.95 4.34 -33.86
C ILE B 112 -25.13 4.35 -34.83
N GLN B 113 -26.08 3.42 -34.62
CA GLN B 113 -27.13 3.22 -35.62
C GLN B 113 -28.13 4.37 -35.61
N ASN B 114 -28.48 4.88 -34.43
CA ASN B 114 -29.54 5.89 -34.31
C ASN B 114 -29.05 7.01 -33.42
N PRO B 115 -28.20 7.91 -33.93
CA PRO B 115 -27.64 8.98 -33.09
C PRO B 115 -28.76 9.86 -32.55
N ASP B 116 -28.62 10.27 -31.30
CA ASP B 116 -29.62 11.08 -30.63
C ASP B 116 -28.88 12.07 -29.73
N PRO B 117 -28.00 12.90 -30.31
CA PRO B 117 -27.10 13.75 -29.49
C PRO B 117 -27.88 14.65 -28.57
N ALA B 118 -27.40 14.75 -27.32
CA ALA B 118 -28.12 15.48 -26.29
C ALA B 118 -27.14 15.88 -25.19
N VAL B 119 -27.41 16.99 -24.51
CA VAL B 119 -26.66 17.38 -23.32
C VAL B 119 -27.65 17.46 -22.18
N TYR B 120 -27.44 16.61 -21.16
CA TYR B 120 -28.36 16.46 -20.03
C TYR B 120 -27.70 16.95 -18.76
N GLN B 121 -28.50 17.54 -17.88
CA GLN B 121 -28.01 17.93 -16.57
C GLN B 121 -28.32 16.81 -15.58
N LEU B 122 -27.28 16.23 -14.98
CA LEU B 122 -27.54 15.22 -13.97
CA LEU B 122 -27.45 15.22 -13.93
C LEU B 122 -27.97 15.89 -12.65
N ARG B 123 -28.62 15.10 -11.80
CA ARG B 123 -29.13 15.66 -10.56
CA ARG B 123 -29.13 15.63 -10.53
C ARG B 123 -27.97 15.94 -9.59
N ASP B 124 -28.07 17.06 -8.89
CA ASP B 124 -27.04 17.36 -7.89
C ASP B 124 -27.01 16.26 -6.83
N SER B 125 -25.81 16.01 -6.29
CA SER B 125 -25.61 15.20 -5.10
C SER B 125 -25.60 16.11 -3.87
N LYS B 126 -26.35 15.73 -2.82
CA LYS B 126 -26.26 16.59 -1.64
C LYS B 126 -24.87 16.61 -1.02
N SER B 127 -23.97 15.71 -1.42
CA SER B 127 -22.64 15.69 -0.87
C SER B 127 -21.60 16.36 -1.75
N SER B 128 -21.99 17.07 -2.82
CA SER B 128 -20.96 17.63 -3.70
C SER B 128 -21.37 19.02 -4.14
N ASP B 129 -20.39 19.91 -4.32
CA ASP B 129 -20.72 21.24 -4.85
C ASP B 129 -20.69 21.30 -6.38
N LYS B 130 -20.49 20.16 -7.06
CA LYS B 130 -20.33 20.14 -8.50
C LYS B 130 -21.68 20.13 -9.22
N SER B 131 -21.73 20.81 -10.34
CA SER B 131 -22.81 20.61 -11.32
CA SER B 131 -22.80 20.60 -11.31
C SER B 131 -22.27 19.70 -12.40
N VAL B 132 -23.08 18.72 -12.85
CA VAL B 132 -22.56 17.70 -13.77
C VAL B 132 -23.47 17.60 -15.02
N CYS B 133 -22.85 17.68 -16.17
CA CYS B 133 -23.47 17.61 -17.50
C CYS B 133 -22.97 16.39 -18.27
N LEU B 134 -23.87 15.74 -18.99
CA LEU B 134 -23.54 14.55 -19.77
C LEU B 134 -23.87 14.82 -21.23
N PHE B 135 -22.84 14.90 -22.09
CA PHE B 135 -23.06 14.90 -23.55
C PHE B 135 -23.09 13.45 -24.03
N THR B 136 -24.20 13.02 -24.65
CA THR B 136 -24.33 11.58 -24.92
C THR B 136 -25.07 11.34 -26.24
N ASP B 137 -24.91 10.13 -26.78
CA ASP B 137 -25.70 9.52 -27.84
C ASP B 137 -25.39 10.14 -29.21
N PHE B 138 -24.23 10.78 -29.32
CA PHE B 138 -23.77 11.41 -30.54
C PHE B 138 -22.99 10.40 -31.39
N ASP B 139 -22.99 10.65 -32.71
CA ASP B 139 -22.29 9.76 -33.62
CA ASP B 139 -22.29 9.79 -33.64
C ASP B 139 -20.78 9.86 -33.39
N SER B 140 -20.10 8.78 -33.76
CA SER B 140 -18.67 8.66 -33.46
C SER B 140 -17.76 9.65 -34.20
N GLN B 141 -18.26 10.39 -35.20
CA GLN B 141 -17.42 11.40 -35.84
C GLN B 141 -17.25 12.65 -34.98
N THR B 142 -18.11 12.84 -33.99
CA THR B 142 -17.98 13.97 -33.08
C THR B 142 -16.74 13.82 -32.20
N ASN B 143 -15.98 14.91 -32.05
CA ASN B 143 -14.85 14.94 -31.15
C ASN B 143 -15.21 15.85 -29.99
N VAL B 144 -14.74 15.49 -28.79
CA VAL B 144 -14.98 16.28 -27.60
C VAL B 144 -13.70 17.01 -27.22
N SER B 145 -13.74 18.33 -27.21
CA SER B 145 -12.55 19.09 -26.86
C SER B 145 -12.47 19.27 -25.36
N GLN B 146 -11.25 19.27 -24.86
CA GLN B 146 -11.04 19.54 -23.45
CA GLN B 146 -11.04 19.54 -23.45
C GLN B 146 -11.45 20.97 -23.16
N SER B 147 -11.59 21.25 -21.87
CA SER B 147 -12.06 22.55 -21.43
CA SER B 147 -12.06 22.55 -21.43
C SER B 147 -11.00 23.62 -21.65
N LYS B 148 -11.47 24.85 -21.85
CA LYS B 148 -10.59 26.02 -21.90
C LYS B 148 -10.83 26.95 -20.72
N ASP B 149 -11.75 26.59 -19.82
CA ASP B 149 -11.93 27.22 -18.51
C ASP B 149 -11.26 26.31 -17.49
N SER B 150 -10.32 26.86 -16.71
CA SER B 150 -9.54 26.02 -15.82
C SER B 150 -10.35 25.49 -14.64
N ASP B 151 -11.53 26.03 -14.38
CA ASP B 151 -12.39 25.47 -13.34
C ASP B 151 -13.52 24.60 -13.90
N VAL B 152 -13.39 24.15 -15.15
CA VAL B 152 -14.31 23.22 -15.79
C VAL B 152 -13.52 22.00 -16.24
N TYR B 153 -14.06 20.83 -15.98
CA TYR B 153 -13.37 19.58 -16.25
C TYR B 153 -14.22 18.84 -17.27
N ILE B 154 -13.60 18.40 -18.35
CA ILE B 154 -14.31 17.69 -19.41
C ILE B 154 -13.54 16.42 -19.75
N THR B 155 -14.22 15.29 -19.66
CA THR B 155 -13.53 14.05 -19.95
C THR B 155 -13.76 13.66 -21.41
N ASP B 156 -12.86 12.82 -21.92
CA ASP B 156 -12.99 12.38 -23.31
C ASP B 156 -14.17 11.44 -23.46
N LYS B 157 -14.56 11.17 -24.70
CA LYS B 157 -15.69 10.29 -24.92
C LYS B 157 -15.32 8.86 -24.58
N CYS B 158 -16.33 8.13 -24.11
CA CYS B 158 -16.26 6.78 -23.57
C CYS B 158 -17.38 6.00 -24.23
N VAL B 159 -17.09 4.78 -24.68
CA VAL B 159 -18.11 3.96 -25.36
C VAL B 159 -18.66 2.97 -24.37
N LEU B 160 -19.96 3.05 -24.10
CA LEU B 160 -20.63 2.16 -23.16
CA LEU B 160 -20.58 2.12 -23.17
C LEU B 160 -21.46 1.17 -23.96
N ASP B 161 -21.52 -0.09 -23.50
CA ASP B 161 -22.22 -1.16 -24.20
C ASP B 161 -23.29 -1.72 -23.29
N MET B 162 -24.55 -1.56 -23.68
CA MET B 162 -25.65 -2.11 -22.88
C MET B 162 -25.97 -3.46 -23.52
N ARG B 163 -25.40 -4.53 -22.95
CA ARG B 163 -25.32 -5.80 -23.71
C ARG B 163 -26.70 -6.41 -23.94
N SER B 164 -27.52 -6.49 -22.89
CA SER B 164 -28.83 -7.09 -23.06
C SER B 164 -29.66 -6.39 -24.14
N MET B 165 -29.38 -5.12 -24.42
CA MET B 165 -30.07 -4.39 -25.46
CA MET B 165 -30.07 -4.37 -25.46
C MET B 165 -29.27 -4.27 -26.76
N ASP B 166 -28.08 -4.86 -26.81
CA ASP B 166 -27.16 -4.71 -27.94
C ASP B 166 -27.10 -3.25 -28.40
N PHE B 167 -26.84 -2.37 -27.43
CA PHE B 167 -26.87 -0.93 -27.65
C PHE B 167 -25.58 -0.31 -27.15
N LYS B 168 -24.92 0.45 -28.02
CA LYS B 168 -23.70 1.18 -27.67
CA LYS B 168 -23.71 1.17 -27.65
C LYS B 168 -23.95 2.67 -27.74
N SER B 169 -23.28 3.45 -26.89
CA SER B 169 -23.43 4.90 -26.94
C SER B 169 -22.14 5.59 -26.50
N ASN B 170 -21.83 6.70 -27.14
CA ASN B 170 -20.71 7.56 -26.75
C ASN B 170 -21.19 8.53 -25.68
N SER B 171 -20.30 8.87 -24.75
CA SER B 171 -20.63 10.01 -23.90
C SER B 171 -19.36 10.66 -23.35
N ALA B 172 -19.50 11.91 -22.97
CA ALA B 172 -18.45 12.64 -22.27
C ALA B 172 -19.08 13.38 -21.12
N VAL B 173 -18.28 13.66 -20.07
CA VAL B 173 -18.82 14.29 -18.86
C VAL B 173 -18.11 15.61 -18.67
N ALA B 174 -18.87 16.62 -18.26
CA ALA B 174 -18.33 17.92 -17.87
C ALA B 174 -18.85 18.29 -16.48
N TRP B 175 -17.98 18.86 -15.65
CA TRP B 175 -18.43 19.33 -14.35
C TRP B 175 -17.64 20.57 -13.92
N SER B 176 -18.24 21.29 -12.99
CA SER B 176 -17.63 22.47 -12.40
C SER B 176 -18.39 22.83 -11.14
N ASN B 177 -17.74 23.57 -10.24
CA ASN B 177 -18.47 24.16 -9.12
C ASN B 177 -18.69 25.67 -9.28
N LYS B 178 -18.41 26.22 -10.47
CA LYS B 178 -18.52 27.66 -10.73
C LYS B 178 -19.98 28.08 -10.94
N SER B 179 -20.30 29.30 -10.47
CA SER B 179 -21.69 29.78 -10.52
C SER B 179 -22.18 30.01 -11.96
N ASP B 180 -21.28 30.33 -12.88
CA ASP B 180 -21.69 30.60 -14.25
C ASP B 180 -21.64 29.34 -15.14
N PHE B 181 -21.48 28.15 -14.54
CA PHE B 181 -21.46 26.91 -15.31
C PHE B 181 -22.89 26.46 -15.60
N ALA B 182 -23.18 26.19 -16.86
CA ALA B 182 -24.47 25.66 -17.26
C ALA B 182 -24.25 24.62 -18.34
N CYS B 183 -25.09 23.60 -18.34
CA CYS B 183 -24.96 22.59 -19.37
C CYS B 183 -25.13 23.20 -20.76
N ALA B 184 -25.94 24.26 -20.89
CA ALA B 184 -26.10 24.88 -22.22
C ALA B 184 -24.78 25.40 -22.76
N ASN B 185 -23.79 25.68 -21.90
CA ASN B 185 -22.51 26.15 -22.42
CA ASN B 185 -22.49 26.18 -22.36
C ASN B 185 -21.31 25.25 -22.09
N ALA B 186 -21.51 24.15 -21.34
CA ALA B 186 -20.41 23.27 -20.94
C ALA B 186 -19.53 22.84 -22.12
N PHE B 187 -20.14 22.43 -23.23
CA PHE B 187 -19.36 21.91 -24.36
C PHE B 187 -19.17 22.95 -25.47
N ASN B 188 -19.20 24.23 -25.13
CA ASN B 188 -19.09 25.29 -26.15
C ASN B 188 -17.79 25.23 -26.92
N ASN B 189 -16.74 24.65 -26.34
CA ASN B 189 -15.49 24.55 -27.07
C ASN B 189 -15.45 23.34 -28.02
N SER B 190 -16.48 22.51 -28.07
CA SER B 190 -16.46 21.39 -29.01
C SER B 190 -17.34 21.70 -30.21
N ILE B 191 -17.09 21.04 -31.33
CA ILE B 191 -18.01 21.12 -32.45
C ILE B 191 -19.08 20.05 -32.26
N ILE B 192 -20.30 20.44 -31.88
CA ILE B 192 -21.27 19.39 -31.60
C ILE B 192 -22.35 19.38 -32.68
N PRO B 193 -23.12 18.30 -32.83
CA PRO B 193 -24.13 18.25 -33.90
C PRO B 193 -25.14 19.38 -33.78
N GLU B 194 -25.48 19.91 -34.97
CA GLU B 194 -26.47 21.00 -35.06
C GLU B 194 -27.75 20.64 -34.36
N ASP B 195 -28.15 19.36 -34.44
CA ASP B 195 -29.43 18.91 -33.87
C ASP B 195 -29.28 18.42 -32.42
N THR B 196 -28.19 18.74 -31.72
CA THR B 196 -28.05 18.31 -30.33
C THR B 196 -29.21 18.80 -29.49
N PHE B 197 -29.80 17.90 -28.70
CA PHE B 197 -30.97 18.20 -27.86
C PHE B 197 -30.51 18.82 -26.55
N PHE B 198 -30.99 20.06 -26.25
CA PHE B 198 -30.74 20.70 -24.95
C PHE B 198 -32.06 20.84 -24.20
N PRO B 199 -32.41 19.96 -23.25
CA PRO B 199 -33.70 20.11 -22.53
C PRO B 199 -33.75 21.42 -21.76
N SER B 200 -34.96 21.98 -21.64
CA SER B 200 -35.07 23.30 -21.00
CA SER B 200 -35.10 23.29 -21.00
C SER B 200 -34.72 23.23 -19.52
N PRO B 201 -34.12 24.31 -18.97
CA PRO B 201 -33.76 24.45 -17.55
C PRO B 201 -34.97 24.43 -16.63
N MET C 1 -21.91 -11.54 5.67
CA MET C 1 -22.96 -10.78 6.36
C MET C 1 -23.66 -9.81 5.39
N ARG C 2 -24.91 -9.50 5.69
CA ARG C 2 -25.64 -8.46 4.99
C ARG C 2 -25.15 -7.08 5.45
N THR C 3 -25.53 -6.03 4.72
CA THR C 3 -25.14 -4.68 5.14
CA THR C 3 -25.15 -4.68 5.14
C THR C 3 -25.94 -4.28 6.38
N HIS C 4 -25.30 -3.51 7.25
CA HIS C 4 -25.92 -3.03 8.49
C HIS C 4 -25.46 -1.60 8.74
N SER C 5 -26.23 -0.84 9.50
CA SER C 5 -25.88 0.55 9.76
C SER C 5 -26.22 0.93 11.19
N LEU C 6 -25.46 1.89 11.70
CA LEU C 6 -25.71 2.51 13.00
C LEU C 6 -25.92 3.99 12.72
N ARG C 7 -26.96 4.60 13.30
N ARG C 7 -26.99 4.57 13.29
CA ARG C 7 -27.11 6.02 13.09
CA ARG C 7 -27.28 5.99 13.07
C ARG C 7 -27.89 6.64 14.24
C ARG C 7 -27.80 6.58 14.37
N TYR C 8 -27.46 7.85 14.64
CA TYR C 8 -28.12 8.59 15.72
C TYR C 8 -28.67 9.87 15.15
N PHE C 9 -29.91 10.21 15.51
CA PHE C 9 -30.52 11.45 15.07
C PHE C 9 -30.73 12.35 16.28
N ARG C 10 -30.68 13.65 16.05
CA ARG C 10 -31.14 14.63 17.03
C ARG C 10 -32.20 15.50 16.38
N LEU C 11 -33.18 15.91 17.20
CA LEU C 11 -34.18 16.87 16.75
C LEU C 11 -34.33 17.93 17.84
N GLY C 12 -34.05 19.19 17.50
CA GLY C 12 -34.29 20.33 18.40
C GLY C 12 -35.44 21.16 17.85
N VAL C 13 -36.29 21.66 18.76
CA VAL C 13 -37.42 22.51 18.38
C VAL C 13 -37.40 23.73 19.31
N SER C 14 -37.36 24.93 18.74
CA SER C 14 -37.44 26.13 19.57
C SER C 14 -38.90 26.45 19.86
N ASP C 15 -39.16 26.97 21.06
CA ASP C 15 -40.50 27.39 21.45
CA ASP C 15 -40.50 27.38 21.48
C ASP C 15 -41.54 26.33 21.10
N PRO C 16 -41.36 25.09 21.53
CA PRO C 16 -42.28 24.03 21.13
C PRO C 16 -43.68 24.25 21.66
N ILE C 17 -44.67 23.84 20.86
CA ILE C 17 -46.05 23.78 21.33
C ILE C 17 -46.18 22.66 22.36
N HIS C 18 -47.22 22.76 23.19
CA HIS C 18 -47.44 21.80 24.26
C HIS C 18 -47.33 20.37 23.75
N GLY C 19 -46.53 19.58 24.45
CA GLY C 19 -46.36 18.17 24.17
C GLY C 19 -45.06 17.83 23.46
N VAL C 20 -44.59 18.69 22.58
CA VAL C 20 -43.40 18.43 21.78
C VAL C 20 -42.17 18.77 22.61
N PRO C 21 -41.31 17.79 22.95
CA PRO C 21 -40.06 18.10 23.67
C PRO C 21 -39.18 19.06 22.88
N GLU C 22 -38.41 19.83 23.64
CA GLU C 22 -37.41 20.71 23.04
C GLU C 22 -36.29 19.94 22.32
N PHE C 23 -35.99 18.71 22.75
CA PHE C 23 -34.86 17.96 22.21
C PHE C 23 -35.15 16.46 22.28
N ILE C 24 -34.88 15.73 21.20
CA ILE C 24 -34.97 14.28 21.21
C ILE C 24 -33.72 13.76 20.49
N SER C 25 -33.19 12.64 20.95
CA SER C 25 -32.11 11.96 20.23
C SER C 25 -32.36 10.47 20.28
N VAL C 26 -32.33 9.81 19.11
CA VAL C 26 -32.69 8.40 19.02
C VAL C 26 -31.61 7.71 18.19
N GLY C 27 -31.22 6.49 18.59
CA GLY C 27 -30.27 5.68 17.84
C GLY C 27 -30.97 4.51 17.17
N TYR C 28 -30.42 4.05 16.04
CA TYR C 28 -31.00 2.94 15.29
C TYR C 28 -29.88 2.02 14.86
N VAL C 29 -30.13 0.71 14.88
CA VAL C 29 -29.35 -0.23 14.08
C VAL C 29 -30.25 -0.75 12.95
N ASP C 30 -29.84 -0.56 11.69
CA ASP C 30 -30.77 -0.78 10.54
C ASP C 30 -32.07 -0.04 10.85
N SER C 31 -33.24 -0.68 10.80
CA SER C 31 -34.54 -0.06 11.03
CA SER C 31 -34.48 0.03 11.05
C SER C 31 -34.98 -0.13 12.48
N HIS C 32 -34.14 -0.66 13.38
CA HIS C 32 -34.56 -0.93 14.75
C HIS C 32 -34.11 0.20 15.66
N PRO C 33 -35.01 0.87 16.37
CA PRO C 33 -34.55 1.83 17.38
C PRO C 33 -33.84 1.08 18.49
N ILE C 34 -32.70 1.63 18.92
CA ILE C 34 -31.96 1.03 20.01
C ILE C 34 -31.90 1.92 21.27
N THR C 35 -31.98 3.23 21.11
CA THR C 35 -31.79 4.11 22.27
C THR C 35 -32.68 5.34 22.10
N THR C 36 -33.01 5.97 23.22
CA THR C 36 -33.77 7.20 23.16
C THR C 36 -33.42 8.09 24.36
N TYR C 37 -33.53 9.39 24.14
CA TYR C 37 -33.24 10.42 25.12
C TYR C 37 -34.10 11.60 24.77
N ASP C 38 -34.71 12.25 25.77
CA ASP C 38 -35.33 13.52 25.41
C ASP C 38 -35.28 14.47 26.60
N SER C 39 -35.61 15.73 26.31
CA SER C 39 -35.53 16.84 27.27
C SER C 39 -36.62 16.76 28.34
N VAL C 40 -37.59 15.86 28.17
CA VAL C 40 -38.56 15.61 29.25
C VAL C 40 -38.05 14.56 30.22
N THR C 41 -37.65 13.38 29.72
CA THR C 41 -37.13 12.34 30.63
C THR C 41 -35.74 12.67 31.13
N ARG C 42 -34.97 13.39 30.32
CA ARG C 42 -33.56 13.68 30.60
C ARG C 42 -32.75 12.43 30.91
N GLN C 43 -33.14 11.30 30.33
CA GLN C 43 -32.49 10.00 30.56
C GLN C 43 -32.30 9.28 29.25
N LYS C 44 -31.11 8.70 29.03
CA LYS C 44 -30.94 7.78 27.89
C LYS C 44 -31.42 6.40 28.30
N GLU C 45 -32.26 5.79 27.45
CA GLU C 45 -32.88 4.51 27.79
C GLU C 45 -32.84 3.60 26.57
N PRO C 46 -32.83 2.29 26.78
CA PRO C 46 -32.87 1.35 25.65
C PRO C 46 -34.23 1.34 24.94
N ARG C 47 -34.18 1.12 23.62
CA ARG C 47 -35.40 0.88 22.86
C ARG C 47 -35.41 -0.52 22.26
N ALA C 48 -34.49 -1.39 22.67
CA ALA C 48 -34.50 -2.80 22.24
C ALA C 48 -34.11 -3.60 23.47
N PRO C 49 -34.77 -4.73 23.75
CA PRO C 49 -34.38 -5.51 24.93
C PRO C 49 -32.98 -6.10 24.82
N TRP C 50 -32.47 -6.35 23.61
CA TRP C 50 -31.11 -6.85 23.55
C TRP C 50 -30.05 -5.77 23.82
N MET C 51 -30.44 -4.48 23.80
CA MET C 51 -29.56 -3.41 24.29
C MET C 51 -29.57 -3.36 25.81
N ALA C 52 -30.78 -3.39 26.38
CA ALA C 52 -30.92 -3.35 27.82
C ALA C 52 -30.20 -4.52 28.48
N GLU C 53 -30.27 -5.71 27.87
CA GLU C 53 -29.68 -6.92 28.46
C GLU C 53 -28.16 -6.94 28.38
N ASN C 54 -27.54 -6.12 27.53
CA ASN C 54 -26.10 -6.24 27.32
C ASN C 54 -25.27 -5.04 27.70
N LEU C 55 -25.88 -3.90 28.02
CA LEU C 55 -25.15 -2.71 28.44
C LEU C 55 -25.53 -2.39 29.88
N ALA C 56 -24.51 -2.35 30.76
CA ALA C 56 -24.66 -2.12 32.20
C ALA C 56 -25.15 -0.70 32.49
N PRO C 57 -25.64 -0.45 33.71
CA PRO C 57 -26.14 0.91 34.02
C PRO C 57 -25.09 1.98 33.80
N ASP C 58 -23.81 1.65 33.97
CA ASP C 58 -22.74 2.64 33.78
C ASP C 58 -22.83 3.28 32.39
N HIS C 59 -23.17 2.47 31.38
CA HIS C 59 -23.29 2.99 30.02
C HIS C 59 -24.38 4.06 29.96
N TRP C 60 -25.59 3.70 30.43
CA TRP C 60 -26.74 4.59 30.32
C TRP C 60 -26.53 5.82 31.17
N GLU C 61 -25.88 5.66 32.33
CA GLU C 61 -25.59 6.81 33.18
C GLU C 61 -24.63 7.78 32.52
N ARG C 62 -23.56 7.25 31.93
CA ARG C 62 -22.54 8.10 31.34
CA ARG C 62 -22.54 8.11 31.34
C ARG C 62 -23.08 8.88 30.14
N TYR C 63 -23.80 8.19 29.24
CA TYR C 63 -24.33 8.89 28.08
C TYR C 63 -25.52 9.77 28.44
N THR C 64 -26.23 9.45 29.51
CA THR C 64 -27.26 10.40 29.96
C THR C 64 -26.65 11.77 30.21
N GLN C 65 -25.45 11.82 30.81
CA GLN C 65 -24.80 13.11 31.07
C GLN C 65 -24.33 13.78 29.77
N LEU C 66 -23.72 13.00 28.87
CA LEU C 66 -23.30 13.56 27.60
C LEU C 66 -24.49 14.13 26.85
N LEU C 67 -25.61 13.40 26.86
CA LEU C 67 -26.80 13.87 26.14
C LEU C 67 -27.40 15.12 26.76
N ARG C 68 -27.34 15.23 28.10
CA ARG C 68 -27.74 16.50 28.72
C ARG C 68 -26.91 17.66 28.19
N GLY C 69 -25.62 17.42 27.98
CA GLY C 69 -24.79 18.46 27.38
C GLY C 69 -25.11 18.69 25.90
N TRP C 70 -25.25 17.60 25.11
CA TRP C 70 -25.63 17.78 23.70
C TRP C 70 -26.94 18.53 23.56
N GLN C 71 -27.90 18.25 24.45
CA GLN C 71 -29.16 19.00 24.45
C GLN C 71 -28.90 20.49 24.56
N GLN C 72 -28.04 20.88 25.51
CA GLN C 72 -27.78 22.30 25.70
C GLN C 72 -27.05 22.88 24.50
N MET C 73 -26.08 22.13 23.95
N MET C 73 -26.09 22.13 23.93
CA MET C 73 -25.39 22.55 22.72
CA MET C 73 -25.43 22.60 22.73
C MET C 73 -26.41 22.78 21.59
C MET C 73 -26.41 22.79 21.58
N PHE C 74 -27.37 21.87 21.44
CA PHE C 74 -28.36 21.98 20.36
C PHE C 74 -29.22 23.22 20.55
N LYS C 75 -29.62 23.47 21.80
CA LYS C 75 -30.44 24.63 22.11
C LYS C 75 -29.74 25.92 21.70
N VAL C 76 -28.45 26.04 22.00
CA VAL C 76 -27.72 27.27 21.67
C VAL C 76 -27.42 27.37 20.17
N GLU C 77 -27.06 26.24 19.52
CA GLU C 77 -26.79 26.32 18.09
C GLU C 77 -28.04 26.78 17.34
N LEU C 78 -29.21 26.32 17.79
CA LEU C 78 -30.45 26.67 17.10
C LEU C 78 -30.79 28.14 17.34
N LYS C 79 -30.58 28.62 18.58
CA LYS C 79 -30.68 30.07 18.82
C LYS C 79 -29.77 30.86 17.89
N ARG C 80 -28.52 30.45 17.71
CA ARG C 80 -27.63 31.20 16.84
C ARG C 80 -28.09 31.14 15.39
N LEU C 81 -28.56 29.95 14.95
CA LEU C 81 -29.05 29.86 13.57
C LEU C 81 -30.23 30.81 13.35
N GLN C 82 -31.18 30.82 14.28
CA GLN C 82 -32.31 31.72 14.10
C GLN C 82 -31.85 33.18 14.02
N ARG C 83 -30.82 33.52 14.80
CA ARG C 83 -30.31 34.89 14.76
C ARG C 83 -29.67 35.18 13.41
N HIS C 84 -28.88 34.24 12.88
CA HIS C 84 -28.31 34.41 11.56
C HIS C 84 -29.39 34.64 10.50
N TYR C 85 -30.51 33.93 10.62
CA TYR C 85 -31.58 34.04 9.64
C TYR C 85 -32.55 35.18 9.95
N ASN C 86 -32.46 35.80 11.12
CA ASN C 86 -33.47 36.76 11.57
C ASN C 86 -34.85 36.10 11.61
N HIS C 87 -34.92 34.92 12.26
CA HIS C 87 -36.13 34.14 12.31
C HIS C 87 -36.70 34.16 13.71
N SER C 88 -37.99 34.35 13.82
CA SER C 88 -38.65 34.23 15.10
C SER C 88 -39.59 33.01 15.03
N GLY C 89 -40.26 32.74 16.13
CA GLY C 89 -41.18 31.61 16.15
C GLY C 89 -40.43 30.29 16.32
N SER C 90 -41.15 29.20 16.07
CA SER C 90 -40.63 27.85 16.26
C SER C 90 -39.93 27.37 15.02
N HIS C 91 -38.66 26.97 15.18
CA HIS C 91 -37.93 26.35 14.08
C HIS C 91 -37.33 25.03 14.56
N THR C 92 -36.82 24.25 13.60
CA THR C 92 -36.33 22.92 13.93
C THR C 92 -34.89 22.80 13.45
N TYR C 93 -34.14 22.03 14.20
CA TYR C 93 -32.73 21.74 13.96
C TYR C 93 -32.55 20.24 14.03
N GLN C 94 -31.87 19.64 13.04
CA GLN C 94 -31.69 18.19 13.07
C GLN C 94 -30.26 17.83 12.73
N ARG C 95 -29.83 16.70 13.26
CA ARG C 95 -28.52 16.12 12.99
C ARG C 95 -28.70 14.63 12.74
N MET C 96 -27.87 14.09 11.87
CA MET C 96 -27.83 12.64 11.65
CA MET C 96 -27.83 12.66 11.71
C MET C 96 -26.37 12.26 11.52
N ILE C 97 -25.93 11.29 12.32
CA ILE C 97 -24.56 10.77 12.23
C ILE C 97 -24.63 9.25 12.16
N GLY C 98 -23.68 8.62 11.47
CA GLY C 98 -23.74 7.16 11.48
C GLY C 98 -22.75 6.53 10.50
N CYS C 99 -22.84 5.22 10.38
CA CYS C 99 -21.87 4.50 9.59
C CYS C 99 -22.56 3.24 9.07
N GLU C 100 -22.03 2.69 7.97
CA GLU C 100 -22.51 1.42 7.45
C GLU C 100 -21.32 0.49 7.31
N LEU C 101 -21.58 -0.78 7.57
CA LEU C 101 -20.61 -1.85 7.33
C LEU C 101 -21.19 -2.64 6.17
N LEU C 102 -20.56 -2.53 4.99
CA LEU C 102 -21.19 -3.10 3.80
C LEU C 102 -20.85 -4.61 3.66
N GLU C 103 -21.65 -5.29 2.83
CA GLU C 103 -21.51 -6.74 2.67
CA GLU C 103 -21.51 -6.73 2.68
C GLU C 103 -20.07 -7.11 2.32
N ASP C 104 -19.45 -6.38 1.38
CA ASP C 104 -18.06 -6.67 1.03
C ASP C 104 -17.08 -6.27 2.13
N GLY C 105 -17.54 -5.74 3.27
CA GLY C 105 -16.65 -5.37 4.35
C GLY C 105 -16.09 -3.96 4.27
N SER C 106 -16.41 -3.22 3.23
CA SER C 106 -16.00 -1.82 3.19
C SER C 106 -16.95 -1.00 4.08
N THR C 107 -16.66 0.27 4.29
CA THR C 107 -17.49 1.06 5.22
C THR C 107 -17.82 2.42 4.60
N THR C 108 -18.86 3.06 5.16
CA THR C 108 -19.21 4.43 4.82
C THR C 108 -19.52 5.15 6.14
N GLY C 109 -19.43 6.47 6.11
CA GLY C 109 -19.76 7.26 7.31
C GLY C 109 -20.40 8.56 6.87
N PHE C 110 -21.24 9.13 7.74
CA PHE C 110 -21.94 10.32 7.29
C PHE C 110 -22.28 11.17 8.52
N LEU C 111 -22.35 12.48 8.28
CA LEU C 111 -22.66 13.38 9.39
C LEU C 111 -23.28 14.62 8.74
N GLN C 112 -24.53 14.94 9.10
CA GLN C 112 -25.32 15.93 8.39
C GLN C 112 -26.18 16.69 9.39
N TYR C 113 -26.43 17.95 9.06
CA TYR C 113 -27.37 18.79 9.79
C TYR C 113 -28.46 19.31 8.86
N ALA C 114 -29.67 19.53 9.40
CA ALA C 114 -30.73 20.18 8.65
C ALA C 114 -31.33 21.32 9.49
N TYR C 115 -31.86 22.34 8.81
CA TYR C 115 -32.59 23.41 9.49
C TYR C 115 -33.97 23.51 8.88
N ASP C 116 -35.01 23.49 9.73
CA ASP C 116 -36.40 23.46 9.26
C ASP C 116 -36.62 22.34 8.23
N GLY C 117 -36.00 21.18 8.48
CA GLY C 117 -36.21 20.01 7.62
C GLY C 117 -35.49 19.98 6.29
N GLN C 118 -34.64 20.97 5.98
CA GLN C 118 -33.91 20.99 4.73
C GLN C 118 -32.42 20.86 5.00
N ASP C 119 -31.69 20.21 4.08
CA ASP C 119 -30.23 20.11 4.21
C ASP C 119 -29.61 21.47 4.56
N PHE C 120 -28.61 21.45 5.46
CA PHE C 120 -27.96 22.67 5.91
C PHE C 120 -26.44 22.55 5.80
N LEU C 121 -25.86 21.52 6.42
CA LEU C 121 -24.42 21.26 6.38
C LEU C 121 -24.17 19.77 6.23
N ILE C 122 -23.26 19.39 5.35
CA ILE C 122 -22.95 17.98 5.07
C ILE C 122 -21.43 17.81 5.21
N PHE C 123 -21.01 16.95 6.11
CA PHE C 123 -19.58 16.76 6.38
C PHE C 123 -18.96 15.86 5.32
N ASN C 124 -17.78 16.22 4.87
CA ASN C 124 -17.01 15.43 3.89
C ASN C 124 -15.81 14.90 4.64
N LYS C 125 -15.86 13.65 5.07
CA LYS C 125 -14.77 13.13 5.86
C LYS C 125 -13.54 12.82 5.02
N ASP C 126 -13.65 12.85 3.68
CA ASP C 126 -12.47 12.57 2.86
C ASP C 126 -11.64 13.80 2.60
N THR C 127 -12.25 14.98 2.61
CA THR C 127 -11.49 16.22 2.53
C THR C 127 -11.49 17.02 3.81
N LEU C 128 -12.14 16.54 4.87
CA LEU C 128 -12.28 17.29 6.15
C LEU C 128 -12.90 18.66 5.93
N SER C 129 -14.06 18.68 5.29
CA SER C 129 -14.69 19.95 5.05
C SER C 129 -16.20 19.79 5.17
N TRP C 130 -16.84 20.92 5.33
CA TRP C 130 -18.29 20.97 5.49
C TRP C 130 -18.89 21.62 4.26
N LEU C 131 -19.84 20.94 3.63
CA LEU C 131 -20.57 21.52 2.51
C LEU C 131 -21.78 22.33 3.00
N ALA C 132 -21.86 23.62 2.63
CA ALA C 132 -22.87 24.57 3.14
C ALA C 132 -23.91 24.86 2.07
N VAL C 133 -25.19 24.90 2.46
CA VAL C 133 -26.24 25.17 1.46
C VAL C 133 -26.47 26.66 1.17
N ASP C 134 -26.07 27.57 2.05
CA ASP C 134 -26.31 28.99 1.82
C ASP C 134 -25.30 29.80 2.63
N ASN C 135 -25.47 31.12 2.65
CA ASN C 135 -24.51 31.96 3.35
CA ASN C 135 -24.51 31.97 3.35
C ASN C 135 -24.51 31.72 4.87
N VAL C 136 -25.66 31.38 5.45
CA VAL C 136 -25.66 31.15 6.89
C VAL C 136 -24.91 29.88 7.22
N ALA C 137 -25.17 28.81 6.46
CA ALA C 137 -24.41 27.59 6.66
C ALA C 137 -22.93 27.83 6.39
N HIS C 138 -22.59 28.72 5.46
CA HIS C 138 -21.19 29.01 5.18
C HIS C 138 -20.50 29.65 6.38
N THR C 139 -21.22 30.51 7.11
CA THR C 139 -20.68 31.12 8.33
C THR C 139 -20.35 30.04 9.35
N ILE C 140 -21.27 29.10 9.54
CA ILE C 140 -20.99 27.97 10.44
C ILE C 140 -19.84 27.12 9.90
N LYS C 141 -19.87 26.76 8.61
CA LYS C 141 -18.74 26.03 8.02
C LYS C 141 -17.39 26.67 8.41
N GLN C 142 -17.29 27.99 8.27
CA GLN C 142 -15.99 28.61 8.53
C GLN C 142 -15.55 28.38 9.97
N ALA C 143 -16.50 28.48 10.90
CA ALA C 143 -16.19 28.28 12.30
C ALA C 143 -15.76 26.85 12.57
N TRP C 144 -16.50 25.90 12.02
CA TRP C 144 -16.19 24.49 12.33
C TRP C 144 -14.90 24.05 11.61
N GLU C 145 -14.68 24.53 10.39
CA GLU C 145 -13.45 24.13 9.70
C GLU C 145 -12.18 24.74 10.32
N ALA C 146 -12.31 25.79 11.12
CA ALA C 146 -11.16 26.38 11.80
C ALA C 146 -10.58 25.46 12.88
N ASN C 147 -11.33 24.46 13.32
CA ASN C 147 -10.85 23.53 14.34
C ASN C 147 -10.41 22.24 13.66
N GLN C 148 -9.14 22.20 13.21
CA GLN C 148 -8.63 21.06 12.47
C GLN C 148 -8.74 19.76 13.27
N HIS C 149 -8.42 19.81 14.55
CA HIS C 149 -8.41 18.58 15.33
C HIS C 149 -9.79 17.98 15.51
N GLU C 150 -10.82 18.83 15.63
CA GLU C 150 -12.16 18.29 15.75
C GLU C 150 -12.63 17.63 14.45
N LEU C 151 -12.16 18.11 13.28
CA LEU C 151 -12.46 17.39 12.03
C LEU C 151 -11.83 15.99 12.04
N LEU C 152 -10.58 15.90 12.52
CA LEU C 152 -9.90 14.61 12.59
C LEU C 152 -10.58 13.71 13.58
N TYR C 153 -11.06 14.29 14.70
CA TYR C 153 -11.79 13.49 15.67
C TYR C 153 -13.04 12.90 15.06
N GLN C 154 -13.81 13.73 14.32
CA GLN C 154 -15.02 13.22 13.67
C GLN C 154 -14.71 12.13 12.64
N LYS C 155 -13.62 12.30 11.90
CA LYS C 155 -13.25 11.26 10.95
C LYS C 155 -12.99 9.95 11.67
N ASN C 156 -12.22 10.01 12.74
CA ASN C 156 -11.95 8.80 13.50
C ASN C 156 -13.23 8.20 14.06
N TRP C 157 -14.14 9.05 14.55
CA TRP C 157 -15.34 8.47 15.15
C TRP C 157 -16.17 7.76 14.09
N LEU C 158 -16.37 8.41 12.94
CA LEU C 158 -17.14 7.79 11.87
C LEU C 158 -16.48 6.51 11.37
N GLU C 159 -15.16 6.53 11.21
CA GLU C 159 -14.49 5.41 10.53
C GLU C 159 -14.15 4.27 11.48
N GLU C 160 -13.82 4.55 12.74
CA GLU C 160 -13.37 3.51 13.66
C GLU C 160 -14.39 3.27 14.77
N GLU C 161 -14.69 4.29 15.56
CA GLU C 161 -15.56 4.10 16.74
C GLU C 161 -16.94 3.64 16.33
N CYS C 162 -17.54 4.34 15.35
CA CYS C 162 -18.91 4.01 14.96
C CYS C 162 -19.00 2.56 14.50
N ILE C 163 -18.02 2.14 13.70
CA ILE C 163 -18.04 0.77 13.20
C ILE C 163 -17.85 -0.23 14.33
N ALA C 164 -17.01 0.10 15.32
CA ALA C 164 -16.82 -0.83 16.43
C ALA C 164 -18.09 -0.92 17.27
N TRP C 165 -18.79 0.21 17.48
CA TRP C 165 -20.09 0.15 18.13
C TRP C 165 -21.08 -0.69 17.34
N LEU C 166 -21.12 -0.48 16.04
CA LEU C 166 -22.06 -1.23 15.21
C LEU C 166 -21.82 -2.73 15.34
N LYS C 167 -20.56 -3.17 15.26
CA LYS C 167 -20.31 -4.62 15.37
C LYS C 167 -20.72 -5.14 16.75
N ARG C 168 -20.48 -4.35 17.79
CA ARG C 168 -20.86 -4.73 19.13
C ARG C 168 -22.37 -4.89 19.25
N PHE C 169 -23.12 -3.88 18.81
CA PHE C 169 -24.56 -3.98 18.83
C PHE C 169 -25.05 -5.12 17.92
N LEU C 170 -24.41 -5.32 16.76
CA LEU C 170 -24.84 -6.42 15.89
CA LEU C 170 -24.82 -6.41 15.88
C LEU C 170 -24.77 -7.76 16.60
N GLU C 171 -23.72 -7.98 17.39
CA GLU C 171 -23.63 -9.20 18.19
C GLU C 171 -24.72 -9.25 19.25
N TYR C 172 -24.90 -8.17 20.02
CA TYR C 172 -25.96 -8.15 21.03
C TYR C 172 -27.29 -8.55 20.42
N GLY C 173 -27.59 -8.02 19.23
CA GLY C 173 -28.93 -8.17 18.69
C GLY C 173 -29.04 -9.26 17.64
N LYS C 174 -28.05 -10.16 17.63
CA LYS C 174 -27.90 -11.04 16.47
C LYS C 174 -29.12 -11.90 16.20
N ASP C 175 -29.85 -12.34 17.24
CA ASP C 175 -31.05 -13.17 17.02
C ASP C 175 -32.18 -12.39 16.37
N THR C 176 -32.19 -11.07 16.46
CA THR C 176 -33.10 -10.25 15.68
C THR C 176 -32.50 -9.84 14.35
N LEU C 177 -31.32 -9.22 14.39
CA LEU C 177 -30.77 -8.49 13.25
C LEU C 177 -30.26 -9.39 12.16
N GLN C 178 -29.84 -10.61 12.52
CA GLN C 178 -29.20 -11.50 11.56
C GLN C 178 -30.10 -12.65 11.13
N ARG C 179 -31.35 -12.67 11.57
CA ARG C 179 -32.28 -13.73 11.21
C ARG C 179 -32.81 -13.53 9.79
N THR C 180 -33.46 -14.55 9.25
CA THR C 180 -34.16 -14.44 8.00
C THR C 180 -35.56 -15.00 8.17
N GLU C 181 -36.57 -14.23 7.83
CA GLU C 181 -37.92 -14.77 7.71
CA GLU C 181 -37.92 -14.77 7.71
C GLU C 181 -38.31 -14.63 6.24
N PRO C 182 -38.44 -15.72 5.49
CA PRO C 182 -38.64 -15.58 4.03
C PRO C 182 -40.03 -15.06 3.70
N PRO C 183 -40.18 -14.42 2.55
CA PRO C 183 -41.50 -13.88 2.20
C PRO C 183 -42.51 -14.95 1.80
N LEU C 184 -43.76 -14.69 2.16
CA LEU C 184 -44.90 -15.37 1.55
C LEU C 184 -45.35 -14.51 0.39
N VAL C 185 -45.42 -15.07 -0.82
CA VAL C 185 -45.68 -14.26 -2.01
C VAL C 185 -46.82 -14.89 -2.78
N ARG C 186 -47.76 -14.07 -3.24
CA ARG C 186 -48.85 -14.54 -4.09
C ARG C 186 -49.05 -13.56 -5.25
N VAL C 187 -49.62 -14.05 -6.33
CA VAL C 187 -50.00 -13.20 -7.44
C VAL C 187 -51.51 -13.21 -7.55
N ASN C 188 -52.10 -12.03 -7.59
CA ASN C 188 -53.54 -11.87 -7.77
C ASN C 188 -53.81 -11.29 -9.15
N ARG C 189 -54.90 -11.76 -9.76
CA ARG C 189 -55.35 -11.33 -11.06
C ARG C 189 -56.82 -10.88 -10.95
N LYS C 190 -57.16 -9.80 -11.67
CA LYS C 190 -58.50 -9.21 -11.57
C LYS C 190 -58.76 -8.31 -12.76
N GLU C 191 -59.95 -8.41 -13.35
CA GLU C 191 -60.32 -7.44 -14.36
C GLU C 191 -60.82 -6.20 -13.63
N THR C 192 -60.32 -5.02 -14.02
CA THR C 192 -60.71 -3.82 -13.27
C THR C 192 -61.63 -3.00 -14.16
N PHE C 193 -61.20 -1.84 -14.63
CA PHE C 193 -61.91 -1.13 -15.68
C PHE C 193 -62.13 -2.08 -16.85
N PRO C 194 -63.31 -2.03 -17.53
CA PRO C 194 -63.54 -2.94 -18.65
C PRO C 194 -62.34 -3.05 -19.59
N GLY C 195 -61.86 -4.28 -19.78
CA GLY C 195 -60.76 -4.57 -20.68
C GLY C 195 -59.38 -4.40 -20.09
N VAL C 196 -59.27 -4.04 -18.81
CA VAL C 196 -58.00 -3.77 -18.15
C VAL C 196 -57.85 -4.83 -17.06
N THR C 197 -56.88 -5.73 -17.24
CA THR C 197 -56.55 -6.74 -16.24
C THR C 197 -55.33 -6.28 -15.44
N ALA C 198 -55.46 -6.26 -14.12
CA ALA C 198 -54.37 -5.91 -13.22
C ALA C 198 -53.78 -7.17 -12.60
N LEU C 199 -52.45 -7.18 -12.47
CA LEU C 199 -51.73 -8.28 -11.81
C LEU C 199 -51.00 -7.70 -10.60
N PHE C 200 -51.31 -8.21 -9.42
CA PHE C 200 -50.66 -7.77 -8.18
C PHE C 200 -49.76 -8.90 -7.67
N CYS C 201 -48.48 -8.60 -7.46
CA CYS C 201 -47.56 -9.50 -6.78
C CYS C 201 -47.36 -9.01 -5.35
N LYS C 202 -47.81 -9.79 -4.35
CA LYS C 202 -47.86 -9.29 -2.99
C LYS C 202 -47.00 -10.15 -2.08
N ALA C 203 -46.13 -9.52 -1.28
CA ALA C 203 -45.20 -10.23 -0.39
C ALA C 203 -45.46 -9.80 1.06
N HIS C 204 -45.50 -10.76 1.98
CA HIS C 204 -45.57 -10.36 3.39
C HIS C 204 -44.84 -11.38 4.26
N GLY C 205 -44.67 -11.03 5.52
CA GLY C 205 -44.02 -11.93 6.47
C GLY C 205 -42.52 -11.95 6.45
N PHE C 206 -41.86 -11.03 5.73
CA PHE C 206 -40.42 -11.17 5.52
C PHE C 206 -39.60 -10.24 6.40
N TYR C 207 -38.39 -10.70 6.69
CA TYR C 207 -37.35 -9.98 7.46
C TYR C 207 -36.01 -10.48 6.94
N PRO C 208 -35.04 -9.59 6.66
CA PRO C 208 -34.98 -8.12 6.76
C PRO C 208 -35.94 -7.48 5.73
N PRO C 209 -36.23 -6.18 5.90
CA PRO C 209 -37.14 -5.50 4.96
C PRO C 209 -36.61 -5.38 3.54
N GLU C 210 -35.32 -5.46 3.32
CA GLU C 210 -34.77 -5.33 1.99
C GLU C 210 -35.24 -6.48 1.11
N ILE C 211 -35.95 -6.15 0.04
CA ILE C 211 -36.48 -7.15 -0.90
C ILE C 211 -36.48 -6.52 -2.28
N TYR C 212 -36.40 -7.37 -3.31
CA TYR C 212 -36.45 -6.91 -4.69
C TYR C 212 -37.60 -7.62 -5.38
N MET C 213 -38.52 -6.86 -5.94
CA MET C 213 -39.71 -7.39 -6.61
CA MET C 213 -39.69 -7.39 -6.61
C MET C 213 -39.80 -6.75 -7.99
N THR C 214 -40.04 -7.57 -9.00
CA THR C 214 -40.19 -7.02 -10.32
CA THR C 214 -40.03 -7.13 -10.38
C THR C 214 -41.05 -7.95 -11.15
N TRP C 215 -41.55 -7.41 -12.26
CA TRP C 215 -42.39 -8.14 -13.20
C TRP C 215 -41.59 -8.30 -14.49
N MET C 216 -41.60 -9.50 -15.06
CA MET C 216 -40.96 -9.81 -16.34
C MET C 216 -42.02 -10.31 -17.30
N LYS C 217 -41.83 -10.01 -18.58
CA LYS C 217 -42.70 -10.55 -19.63
C LYS C 217 -41.82 -11.36 -20.56
N ASN C 218 -42.28 -12.57 -20.87
CA ASN C 218 -41.53 -13.50 -21.72
C ASN C 218 -40.11 -13.68 -21.20
N GLY C 219 -39.96 -13.66 -19.87
CA GLY C 219 -38.67 -13.85 -19.24
C GLY C 219 -37.74 -12.65 -19.27
N GLU C 220 -38.19 -11.50 -19.77
CA GLU C 220 -37.32 -10.33 -19.83
C GLU C 220 -38.00 -9.12 -19.20
N GLU C 221 -37.19 -8.09 -18.94
CA GLU C 221 -37.65 -6.88 -18.27
C GLU C 221 -38.87 -6.27 -18.95
N ILE C 222 -39.80 -5.79 -18.12
CA ILE C 222 -40.94 -5.01 -18.60
C ILE C 222 -40.47 -3.65 -19.09
N VAL C 223 -41.28 -3.04 -19.97
CA VAL C 223 -41.15 -1.62 -20.26
C VAL C 223 -42.43 -0.86 -19.94
N GLN C 224 -43.49 -1.54 -19.54
CA GLN C 224 -44.75 -0.88 -19.18
C GLN C 224 -44.63 -0.30 -17.76
N GLU C 225 -45.66 0.44 -17.37
CA GLU C 225 -45.62 1.14 -16.09
C GLU C 225 -45.88 0.15 -14.96
N ILE C 226 -45.01 0.18 -13.95
CA ILE C 226 -45.10 -0.68 -12.77
C ILE C 226 -45.38 0.19 -11.56
N ASP C 227 -46.38 -0.19 -10.78
CA ASP C 227 -46.64 0.47 -9.51
CA ASP C 227 -46.67 0.44 -9.51
C ASP C 227 -46.02 -0.38 -8.41
N TYR C 228 -45.43 0.30 -7.41
CA TYR C 228 -44.75 -0.31 -6.28
C TYR C 228 -45.44 0.08 -4.98
N GLY C 229 -45.70 -0.88 -4.12
CA GLY C 229 -46.12 -0.54 -2.77
C GLY C 229 -44.88 -0.32 -1.92
N ASP C 230 -45.00 0.58 -0.96
CA ASP C 230 -43.92 0.78 -0.01
C ASP C 230 -43.66 -0.49 0.78
N ILE C 231 -42.44 -0.62 1.29
CA ILE C 231 -42.11 -1.65 2.26
C ILE C 231 -42.60 -1.18 3.62
N LEU C 232 -43.65 -1.80 4.12
CA LEU C 232 -44.35 -1.37 5.30
C LEU C 232 -44.15 -2.37 6.42
N PRO C 233 -44.01 -1.87 7.66
CA PRO C 233 -43.90 -2.78 8.80
C PRO C 233 -45.25 -3.36 9.16
N SER C 234 -45.29 -4.67 9.42
CA SER C 234 -46.60 -5.26 9.70
C SER C 234 -46.91 -5.29 11.18
N GLY C 235 -45.99 -4.87 12.03
CA GLY C 235 -46.24 -4.72 13.43
C GLY C 235 -45.66 -5.83 14.27
N ASP C 236 -45.32 -6.97 13.65
CA ASP C 236 -44.80 -8.14 14.35
C ASP C 236 -43.31 -8.33 14.12
N GLY C 237 -42.61 -7.30 13.63
CA GLY C 237 -41.23 -7.45 13.29
C GLY C 237 -40.95 -7.84 11.85
N THR C 238 -41.99 -8.12 11.05
CA THR C 238 -41.88 -8.44 9.63
C THR C 238 -42.46 -7.31 8.78
N TYR C 239 -42.28 -7.42 7.47
CA TYR C 239 -42.64 -6.37 6.51
C TYR C 239 -43.48 -6.93 5.38
N GLN C 240 -44.13 -6.03 4.64
CA GLN C 240 -44.95 -6.38 3.49
C GLN C 240 -44.73 -5.35 2.37
N ALA C 241 -44.93 -5.78 1.14
CA ALA C 241 -44.70 -4.96 -0.06
C ALA C 241 -45.41 -5.61 -1.23
N TRP C 242 -45.49 -4.87 -2.35
CA TRP C 242 -46.14 -5.40 -3.54
C TRP C 242 -45.68 -4.61 -4.77
N ALA C 243 -45.93 -5.18 -5.95
CA ALA C 243 -45.74 -4.50 -7.22
C ALA C 243 -46.87 -4.94 -8.16
N SER C 244 -47.33 -4.04 -9.02
CA SER C 244 -48.43 -4.39 -9.88
C SER C 244 -48.18 -3.87 -11.27
N ILE C 245 -48.81 -4.54 -12.25
CA ILE C 245 -48.77 -4.18 -13.67
C ILE C 245 -50.15 -4.41 -14.26
N GLU C 246 -50.34 -3.91 -15.50
CA GLU C 246 -51.51 -4.24 -16.31
C GLU C 246 -51.11 -5.30 -17.31
N LEU C 247 -51.89 -6.36 -17.38
CA LEU C 247 -51.61 -7.39 -18.36
C LEU C 247 -51.98 -6.84 -19.73
N ASP C 248 -51.19 -7.21 -20.74
CA ASP C 248 -51.50 -6.84 -22.11
C ASP C 248 -52.32 -7.94 -22.81
N SER C 252 -50.14 -10.37 -25.69
CA SER C 252 -50.58 -11.61 -25.06
C SER C 252 -49.40 -12.52 -24.69
N ASN C 253 -48.55 -12.03 -23.80
CA ASN C 253 -47.32 -12.70 -23.43
C ASN C 253 -47.48 -13.45 -22.09
N LEU C 254 -46.38 -14.02 -21.60
CA LEU C 254 -46.32 -14.75 -20.34
C LEU C 254 -45.68 -13.85 -19.28
N TYR C 255 -46.41 -13.56 -18.19
CA TYR C 255 -45.90 -12.67 -17.15
C TYR C 255 -45.41 -13.44 -15.94
N SER C 256 -44.35 -12.93 -15.29
CA SER C 256 -43.91 -13.58 -14.06
C SER C 256 -43.44 -12.53 -13.06
N CYS C 257 -43.74 -12.77 -11.80
CA CYS C 257 -43.24 -11.97 -10.70
C CYS C 257 -41.95 -12.60 -10.17
N HIS C 258 -40.91 -11.77 -9.99
CA HIS C 258 -39.63 -12.24 -9.49
C HIS C 258 -39.37 -11.56 -8.16
N VAL C 259 -39.00 -12.35 -7.16
CA VAL C 259 -38.78 -11.82 -5.83
C VAL C 259 -37.39 -12.29 -5.39
N GLU C 260 -36.52 -11.38 -4.99
N GLU C 260 -36.54 -11.37 -4.96
CA GLU C 260 -35.26 -11.80 -4.41
CA GLU C 260 -35.23 -11.73 -4.42
C GLU C 260 -35.20 -11.31 -2.98
C GLU C 260 -35.17 -11.28 -2.96
N HIS C 261 -34.82 -12.20 -2.05
CA HIS C 261 -34.79 -11.88 -0.62
C HIS C 261 -33.72 -12.71 0.05
N SER C 262 -32.75 -12.06 0.69
CA SER C 262 -31.74 -12.73 1.50
CA SER C 262 -31.77 -12.75 1.51
C SER C 262 -31.15 -13.95 0.78
N GLY C 263 -30.77 -13.78 -0.49
CA GLY C 263 -30.05 -14.84 -1.16
C GLY C 263 -30.91 -15.93 -1.78
N VAL C 264 -32.23 -15.74 -1.81
CA VAL C 264 -33.12 -16.71 -2.42
C VAL C 264 -33.92 -15.98 -3.48
N HIS C 265 -34.00 -16.57 -4.68
CA HIS C 265 -34.79 -16.04 -5.77
CA HIS C 265 -34.81 -16.00 -5.74
C HIS C 265 -36.08 -16.83 -5.90
N MET C 266 -37.20 -16.15 -6.11
CA MET C 266 -38.50 -16.78 -6.26
CA MET C 266 -38.50 -16.78 -6.27
C MET C 266 -39.16 -16.26 -7.53
N VAL C 267 -39.80 -17.16 -8.28
CA VAL C 267 -40.54 -16.82 -9.50
C VAL C 267 -41.96 -17.37 -9.40
N LEU C 268 -42.96 -16.51 -9.69
CA LEU C 268 -44.36 -16.87 -9.72
C LEU C 268 -44.85 -16.58 -11.14
N GLN C 269 -45.11 -17.63 -11.91
CA GLN C 269 -45.55 -17.48 -13.30
C GLN C 269 -47.04 -17.33 -13.30
N VAL C 270 -47.54 -16.38 -14.11
CA VAL C 270 -48.97 -16.12 -14.20
C VAL C 270 -49.53 -17.03 -15.28
N PRO C 271 -50.53 -17.87 -14.97
CA PRO C 271 -51.09 -18.81 -15.93
C PRO C 271 -52.17 -18.16 -16.82
N GLN D 3 -8.88 -1.04 31.72
CA GLN D 3 -8.29 0.06 30.97
C GLN D 3 -7.01 0.58 31.60
N ASN D 4 -5.98 0.77 30.78
CA ASN D 4 -4.64 0.98 31.30
C ASN D 4 -3.84 1.94 30.43
N ILE D 5 -3.07 2.81 31.08
CA ILE D 5 -2.19 3.78 30.43
CA ILE D 5 -2.18 3.71 30.39
C ILE D 5 -0.82 3.64 31.07
N ASP D 6 0.23 3.45 30.27
CA ASP D 6 1.58 3.26 30.80
C ASP D 6 2.55 4.27 30.20
N GLN D 7 3.29 4.94 31.06
CA GLN D 7 4.38 5.79 30.63
C GLN D 7 5.46 5.69 31.70
N PRO D 8 6.74 5.89 31.34
CA PRO D 8 7.81 5.75 32.34
C PRO D 8 7.62 6.71 33.53
N THR D 9 8.08 6.25 34.70
CA THR D 9 7.96 7.07 35.91
C THR D 9 8.82 8.31 35.80
N GLU D 10 10.06 8.15 35.29
CA GLU D 10 11.00 9.24 35.25
C GLU D 10 11.92 9.03 34.04
N MET D 11 12.42 10.12 33.50
CA MET D 11 13.47 10.07 32.49
C MET D 11 14.43 11.21 32.76
N THR D 12 15.70 11.00 32.39
CA THR D 12 16.75 11.99 32.54
C THR D 12 17.49 12.10 31.21
N ALA D 13 17.67 13.33 30.74
CA ALA D 13 18.41 13.59 29.51
C ALA D 13 19.20 14.87 29.68
N THR D 14 20.12 15.12 28.73
CA THR D 14 21.06 16.22 28.84
C THR D 14 20.56 17.44 28.09
N GLU D 15 20.79 18.60 28.69
CA GLU D 15 20.50 19.87 28.05
C GLU D 15 21.01 19.90 26.61
N GLY D 16 20.23 20.51 25.72
CA GLY D 16 20.55 20.53 24.30
C GLY D 16 20.28 19.25 23.52
N ALA D 17 20.04 18.13 24.19
CA ALA D 17 19.80 16.90 23.45
C ALA D 17 18.32 16.72 23.15
N ILE D 18 17.90 15.47 23.03
CA ILE D 18 16.55 15.08 22.65
CA ILE D 18 16.54 15.12 22.68
C ILE D 18 16.06 14.03 23.63
N VAL D 19 14.77 14.05 23.93
CA VAL D 19 14.19 12.97 24.72
C VAL D 19 12.84 12.59 24.13
N GLN D 20 12.54 11.29 24.12
CA GLN D 20 11.26 10.78 23.63
C GLN D 20 10.54 10.08 24.77
N ILE D 21 9.34 10.59 25.12
CA ILE D 21 8.54 10.03 26.22
C ILE D 21 7.45 9.16 25.62
N ASN D 22 7.50 7.86 25.88
CA ASN D 22 6.53 6.91 25.35
C ASN D 22 5.28 6.84 26.23
N CYS D 23 4.15 6.53 25.59
CA CYS D 23 2.89 6.27 26.28
C CYS D 23 2.15 5.19 25.52
N THR D 24 1.88 4.03 26.16
CA THR D 24 1.05 2.99 25.55
C THR D 24 -0.28 2.91 26.30
N TYR D 25 -1.36 2.66 25.59
CA TYR D 25 -2.65 2.62 26.25
C TYR D 25 -3.40 1.37 25.83
N GLN D 26 -4.23 0.86 26.75
CA GLN D 26 -5.14 -0.24 26.44
C GLN D 26 -6.49 0.22 26.97
N THR D 27 -7.36 0.67 26.07
CA THR D 27 -8.63 1.27 26.48
C THR D 27 -9.78 0.58 25.77
N SER D 28 -11.00 0.85 26.29
CA SER D 28 -12.24 0.45 25.61
C SER D 28 -12.64 1.60 24.70
N GLY D 29 -12.16 1.55 23.46
CA GLY D 29 -12.40 2.59 22.48
C GLY D 29 -11.38 3.70 22.56
N PHE D 30 -11.42 4.57 21.56
CA PHE D 30 -10.40 5.59 21.49
C PHE D 30 -10.96 6.83 20.82
N ASN D 31 -10.87 7.95 21.50
CA ASN D 31 -11.32 9.22 20.95
C ASN D 31 -10.26 10.31 21.02
N GLY D 32 -8.99 9.92 21.19
CA GLY D 32 -7.92 10.89 21.12
C GLY D 32 -6.98 10.72 22.30
N LEU D 33 -5.76 11.18 22.14
CA LEU D 33 -4.72 11.07 23.16
C LEU D 33 -4.16 12.45 23.36
N PHE D 34 -4.03 12.88 24.64
CA PHE D 34 -3.57 14.18 25.01
C PHE D 34 -2.23 14.06 25.74
N TRP D 35 -1.42 15.10 25.59
CA TRP D 35 -0.25 15.34 26.43
C TRP D 35 -0.43 16.66 27.15
N TYR D 36 -0.09 16.66 28.45
CA TYR D 36 -0.10 17.85 29.28
C TYR D 36 1.27 17.99 29.93
N GLN D 37 1.71 19.22 30.11
CA GLN D 37 2.91 19.55 30.87
C GLN D 37 2.47 20.00 32.26
N GLN D 38 3.15 19.50 33.29
CA GLN D 38 2.87 19.99 34.66
C GLN D 38 4.19 20.29 35.38
N HIS D 39 4.49 21.57 35.50
CA HIS D 39 5.63 21.99 36.30
C HIS D 39 5.36 21.72 37.78
N ALA D 40 6.44 21.42 38.51
CA ALA D 40 6.34 21.20 39.95
C ALA D 40 5.56 22.32 40.65
N GLY D 41 4.55 21.92 41.41
CA GLY D 41 3.75 22.88 42.14
C GLY D 41 2.81 23.71 41.30
N GLU D 42 2.63 23.38 40.01
CA GLU D 42 1.79 24.17 39.12
CA GLU D 42 1.78 24.18 39.14
C GLU D 42 0.70 23.30 38.52
N ALA D 43 -0.24 23.95 37.83
CA ALA D 43 -1.35 23.25 37.16
C ALA D 43 -0.86 22.59 35.86
N PRO D 44 -1.42 21.44 35.47
CA PRO D 44 -1.11 20.91 34.13
C PRO D 44 -1.61 21.86 33.05
N THR D 45 -0.92 21.86 31.90
CA THR D 45 -1.33 22.69 30.78
C THR D 45 -1.24 21.88 29.48
N PHE D 46 -2.22 22.09 28.62
CA PHE D 46 -2.35 21.31 27.39
C PHE D 46 -1.12 21.47 26.52
N LEU D 47 -0.59 20.34 26.03
CA LEU D 47 0.49 20.34 25.03
C LEU D 47 0.01 19.93 23.64
N SER D 48 -0.70 18.81 23.53
CA SER D 48 -0.99 18.27 22.21
C SER D 48 -2.18 17.32 22.27
N TYR D 49 -2.78 17.11 21.09
CA TYR D 49 -3.84 16.14 20.86
C TYR D 49 -3.57 15.39 19.57
N ASN D 50 -3.69 14.07 19.59
CA ASN D 50 -3.60 13.27 18.38
C ASN D 50 -4.77 12.31 18.40
N VAL D 51 -5.37 12.05 17.22
CA VAL D 51 -6.42 11.06 17.17
C VAL D 51 -6.30 10.18 15.91
N LEU D 52 -5.71 10.70 14.83
CA LEU D 52 -5.35 9.88 13.67
C LEU D 52 -3.85 9.66 13.64
N ASP D 53 -3.39 8.78 12.72
CA ASP D 53 -1.98 8.39 12.74
C ASP D 53 -1.12 9.48 12.15
N GLY D 54 -0.01 9.78 12.79
CA GLY D 54 0.87 10.82 12.25
C GLY D 54 1.66 11.50 13.35
N LEU D 55 2.35 12.55 12.93
CA LEU D 55 3.27 13.28 13.79
C LEU D 55 2.97 14.76 13.60
N GLU D 56 2.72 15.49 14.71
CA GLU D 56 2.52 16.92 14.60
C GLU D 56 3.55 17.63 15.44
N GLU D 57 4.04 18.74 14.95
CA GLU D 57 5.10 19.49 15.61
C GLU D 57 4.60 20.86 16.07
N LYS D 58 4.82 21.21 17.33
CA LYS D 58 4.55 22.56 17.86
C LYS D 58 5.84 23.08 18.51
N GLY D 59 6.59 23.90 17.76
CA GLY D 59 7.86 24.36 18.30
C GLY D 59 8.83 23.20 18.45
N ARG D 60 9.48 23.11 19.62
CA ARG D 60 10.42 22.02 19.89
C ARG D 60 9.74 20.72 20.25
N PHE D 61 8.40 20.71 20.32
CA PHE D 61 7.63 19.56 20.79
C PHE D 61 6.90 18.90 19.63
N SER D 62 7.04 17.60 19.50
CA SER D 62 6.32 16.83 18.49
C SER D 62 5.55 15.73 19.18
N SER D 63 4.32 15.46 18.73
CA SER D 63 3.56 14.35 19.27
CA SER D 63 3.55 14.36 19.28
C SER D 63 3.16 13.41 18.16
N PHE D 64 3.35 12.12 18.41
CA PHE D 64 3.19 11.06 17.46
C PHE D 64 2.14 10.11 17.99
N LEU D 65 1.38 9.53 17.08
CA LEU D 65 0.40 8.51 17.42
C LEU D 65 0.41 7.40 16.39
N SER D 66 0.34 6.16 16.88
CA SER D 66 0.00 4.99 16.07
C SER D 66 -1.20 4.30 16.71
N ARG D 67 -2.38 4.44 16.09
CA ARG D 67 -3.59 3.82 16.64
C ARG D 67 -3.48 2.30 16.70
N SER D 68 -2.84 1.69 15.69
CA SER D 68 -2.87 0.22 15.65
C SER D 68 -1.97 -0.39 16.71
N LYS D 69 -0.93 0.33 17.11
CA LYS D 69 -0.10 -0.10 18.24
C LYS D 69 -0.55 0.47 19.58
N GLY D 70 -1.55 1.35 19.61
CA GLY D 70 -1.97 1.93 20.89
C GLY D 70 -0.78 2.59 21.57
N TYR D 71 -0.15 3.50 20.85
CA TYR D 71 1.16 4.01 21.22
C TYR D 71 1.31 5.46 20.77
N SER D 72 1.84 6.32 21.66
CA SER D 72 2.16 7.70 21.35
C SER D 72 3.52 8.04 21.92
N TYR D 73 4.20 9.03 21.34
CA TYR D 73 5.30 9.64 22.07
C TYR D 73 5.25 11.15 21.95
N LEU D 74 5.81 11.78 22.97
CA LEU D 74 6.08 13.21 22.99
C LEU D 74 7.59 13.37 22.86
N LEU D 75 8.01 14.13 21.85
CA LEU D 75 9.41 14.26 21.48
C LEU D 75 9.84 15.68 21.74
N LEU D 76 10.81 15.88 22.61
CA LEU D 76 11.30 17.22 22.87
C LEU D 76 12.71 17.29 22.28
N LYS D 77 12.97 18.36 21.53
CA LYS D 77 14.27 18.59 20.91
C LYS D 77 14.95 19.80 21.55
N GLU D 78 16.28 19.85 21.44
CA GLU D 78 17.04 20.99 21.92
C GLU D 78 16.67 21.30 23.37
N LEU D 79 16.74 20.25 24.19
CA LEU D 79 16.23 20.30 25.56
C LEU D 79 16.78 21.51 26.31
N GLN D 80 15.92 22.15 27.09
CA GLN D 80 16.28 23.29 27.92
C GLN D 80 15.99 22.93 29.37
N MET D 81 16.67 23.65 30.28
CA MET D 81 16.44 23.42 31.70
C MET D 81 14.97 23.61 32.04
N LYS D 82 14.29 24.56 31.37
CA LYS D 82 12.88 24.81 31.71
C LYS D 82 11.94 23.68 31.30
N ASP D 83 12.43 22.68 30.54
CA ASP D 83 11.59 21.53 30.18
C ASP D 83 11.45 20.52 31.32
N SER D 84 12.22 20.67 32.39
CA SER D 84 12.04 19.84 33.56
C SER D 84 10.62 20.03 34.07
N ALA D 85 9.89 18.94 34.20
CA ALA D 85 8.45 18.97 34.51
C ALA D 85 7.97 17.53 34.49
N SER D 86 6.73 17.34 34.88
CA SER D 86 6.10 16.07 34.61
C SER D 86 5.28 16.22 33.33
N TYR D 87 5.15 15.11 32.60
CA TYR D 87 4.44 15.06 31.33
C TYR D 87 3.40 13.99 31.46
N LEU D 88 2.13 14.40 31.35
CA LEU D 88 0.99 13.53 31.56
C LEU D 88 0.39 13.15 30.20
N CYS D 89 0.22 11.87 30.00
N CYS D 89 0.25 11.87 29.93
CA CYS D 89 -0.49 11.29 28.87
CA CYS D 89 -0.52 11.42 28.78
C CYS D 89 -1.89 10.91 29.32
C CYS D 89 -1.86 10.89 29.24
N ALA D 90 -2.91 11.25 28.51
CA ALA D 90 -4.27 10.85 28.86
C ALA D 90 -5.05 10.49 27.59
N VAL D 91 -5.91 9.46 27.68
CA VAL D 91 -6.70 8.96 26.57
C VAL D 91 -8.19 9.08 26.87
N LYS D 92 -8.99 9.57 25.90
CA LYS D 92 -10.44 9.50 25.98
C LYS D 92 -10.92 8.18 25.41
N ASP D 93 -11.65 7.42 26.22
CA ASP D 93 -12.14 6.12 25.79
C ASP D 93 -13.47 6.26 25.02
N SER D 94 -14.16 5.14 24.78
CA SER D 94 -15.39 5.15 23.96
CA SER D 94 -15.38 5.16 23.96
C SER D 94 -16.52 5.92 24.60
N ASN D 95 -16.46 6.13 25.91
CA ASN D 95 -17.48 6.86 26.66
C ASN D 95 -17.04 8.27 26.97
N TYR D 96 -15.96 8.71 26.33
CA TYR D 96 -15.36 10.02 26.51
C TYR D 96 -14.83 10.23 27.93
N GLN D 97 -14.57 9.14 28.63
CA GLN D 97 -13.92 9.26 29.93
C GLN D 97 -12.43 9.45 29.68
N LEU D 98 -11.82 10.46 30.33
CA LEU D 98 -10.38 10.65 30.27
C LEU D 98 -9.69 9.68 31.22
N ILE D 99 -8.76 8.90 30.71
CA ILE D 99 -7.98 7.96 31.49
C ILE D 99 -6.56 8.50 31.54
N TRP D 100 -6.08 8.75 32.75
CA TRP D 100 -4.85 9.51 32.95
C TRP D 100 -3.72 8.58 33.33
N GLY D 101 -2.57 8.69 32.63
CA GLY D 101 -1.38 7.99 33.07
C GLY D 101 -0.76 8.69 34.29
N ALA D 102 0.13 7.97 34.95
CA ALA D 102 0.71 8.43 36.20
C ALA D 102 1.72 9.56 36.03
N GLY D 103 2.07 9.92 34.79
CA GLY D 103 3.01 11.02 34.58
C GLY D 103 4.44 10.52 34.50
N THR D 104 5.23 11.24 33.71
CA THR D 104 6.67 11.01 33.55
C THR D 104 7.39 12.23 34.02
N LYS D 105 8.19 12.09 35.10
CA LYS D 105 8.99 13.20 35.56
C LYS D 105 10.24 13.29 34.69
N LEU D 106 10.45 14.44 34.07
CA LEU D 106 11.57 14.66 33.16
C LEU D 106 12.61 15.55 33.85
N ILE D 107 13.82 15.00 33.97
CA ILE D 107 14.95 15.66 34.63
C ILE D 107 16.00 15.96 33.57
N ILE D 108 16.39 17.24 33.48
CA ILE D 108 17.36 17.70 32.49
C ILE D 108 18.69 17.90 33.21
N LYS D 109 19.73 17.26 32.70
CA LYS D 109 21.07 17.43 33.24
C LYS D 109 21.76 18.59 32.54
N PRO D 110 22.13 19.65 33.23
CA PRO D 110 22.81 20.75 32.55
C PRO D 110 24.18 20.28 32.05
N ASP D 111 24.64 20.96 31.01
CA ASP D 111 25.96 20.67 30.44
C ASP D 111 26.97 21.53 31.19
N ILE D 112 27.72 20.92 32.09
CA ILE D 112 28.67 21.65 32.94
C ILE D 112 29.99 21.74 32.19
N GLN D 113 30.29 22.93 31.66
CA GLN D 113 31.42 23.06 30.75
C GLN D 113 32.76 23.12 31.47
N ASN D 114 32.78 23.65 32.69
CA ASN D 114 34.02 23.85 33.44
C ASN D 114 33.81 23.41 34.87
N PRO D 115 33.71 22.10 35.12
CA PRO D 115 33.45 21.62 36.48
C PRO D 115 34.56 22.08 37.44
N ASP D 116 34.16 22.43 38.66
CA ASP D 116 35.08 22.83 39.71
C ASP D 116 34.56 22.33 41.06
N PRO D 117 34.49 21.01 41.24
CA PRO D 117 33.83 20.46 42.43
C PRO D 117 34.47 20.96 43.72
N ALA D 118 33.61 21.35 44.67
CA ALA D 118 34.10 21.90 45.93
C ALA D 118 33.03 21.77 47.01
N VAL D 119 33.48 21.67 48.25
CA VAL D 119 32.61 21.70 49.41
C VAL D 119 32.99 22.92 50.24
N TYR D 120 32.08 23.88 50.35
CA TYR D 120 32.32 25.09 51.13
C TYR D 120 31.49 25.06 52.40
N GLN D 121 31.99 25.72 53.44
CA GLN D 121 31.25 25.89 54.67
C GLN D 121 30.73 27.32 54.78
N LEU D 122 29.44 27.45 55.05
CA LEU D 122 28.80 28.75 55.22
C LEU D 122 28.38 28.89 56.67
N ARG D 123 28.50 30.11 57.22
CA ARG D 123 28.12 30.36 58.60
C ARG D 123 26.95 31.33 58.68
N ASP D 124 26.17 31.20 59.75
CA ASP D 124 24.89 31.90 59.86
C ASP D 124 25.13 33.41 59.83
N SER D 125 24.22 34.12 59.15
CA SER D 125 24.26 35.57 59.18
C SER D 125 24.03 36.10 60.60
N LYS D 126 23.33 35.35 61.45
CA LYS D 126 23.09 35.69 62.85
C LYS D 126 24.02 34.95 63.81
N SER D 127 24.45 33.73 63.45
CA SER D 127 25.36 32.92 64.25
C SER D 127 24.79 32.60 65.63
N LYS D 130 25.46 28.08 64.04
CA LYS D 130 25.08 27.03 63.08
C LYS D 130 25.70 27.28 61.70
N SER D 131 26.02 26.20 60.99
CA SER D 131 26.62 26.30 59.68
C SER D 131 25.96 25.29 58.73
N VAL D 132 26.17 25.50 57.44
CA VAL D 132 25.78 24.53 56.42
C VAL D 132 26.97 24.28 55.50
N CYS D 133 26.97 23.10 54.90
CA CYS D 133 27.96 22.72 53.91
C CYS D 133 27.33 22.74 52.53
N LEU D 134 28.04 23.32 51.57
CA LEU D 134 27.58 23.47 50.21
C LEU D 134 28.51 22.68 49.29
N PHE D 135 28.01 21.56 48.77
CA PHE D 135 28.69 20.82 47.70
C PHE D 135 28.24 21.42 46.38
N THR D 136 29.19 21.94 45.59
CA THR D 136 28.80 22.75 44.43
C THR D 136 29.76 22.53 43.26
N ASP D 137 29.29 22.93 42.07
CA ASP D 137 30.08 23.05 40.86
C ASP D 137 30.62 21.71 40.35
N PHE D 138 30.02 20.60 40.76
CA PHE D 138 30.40 19.30 40.23
C PHE D 138 29.67 19.02 38.91
N ASP D 139 30.23 18.08 38.15
CA ASP D 139 29.67 17.66 36.87
C ASP D 139 28.35 16.91 37.05
N SER D 140 27.47 17.06 36.05
CA SER D 140 26.10 16.55 36.14
C SER D 140 26.04 15.03 36.25
N GLN D 141 27.13 14.33 35.95
CA GLN D 141 27.11 12.88 36.14
C GLN D 141 27.21 12.50 37.60
N THR D 142 27.61 13.43 38.47
CA THR D 142 27.71 13.13 39.90
C THR D 142 26.32 13.08 40.54
N ASN D 143 26.08 12.05 41.35
CA ASN D 143 24.82 11.87 42.06
CA ASN D 143 24.82 11.87 42.06
C ASN D 143 25.05 12.03 43.55
N VAL D 144 24.18 12.80 44.21
CA VAL D 144 24.23 13.01 45.65
C VAL D 144 23.30 12.02 46.33
N SER D 145 23.83 11.32 47.33
CA SER D 145 23.04 10.33 48.05
C SER D 145 22.51 10.92 49.35
N GLN D 146 21.33 10.45 49.76
CA GLN D 146 20.72 10.92 51.00
C GLN D 146 21.57 10.50 52.19
N SER D 147 21.43 11.24 53.29
CA SER D 147 22.22 10.97 54.48
C SER D 147 21.86 9.63 55.08
N LYS D 148 22.88 8.79 55.32
CA LYS D 148 22.62 7.53 55.99
C LYS D 148 22.16 7.74 57.43
N ASP D 149 22.61 8.82 58.07
CA ASP D 149 22.27 9.13 59.45
C ASP D 149 21.30 10.29 59.50
N SER D 150 20.31 10.19 60.39
CA SER D 150 19.44 11.32 60.71
C SER D 150 20.12 12.22 61.73
N ASP D 151 19.46 13.35 62.00
CA ASP D 151 20.06 14.53 62.64
C ASP D 151 21.10 15.16 61.69
N VAL D 152 21.26 14.56 60.49
CA VAL D 152 22.06 15.12 59.39
C VAL D 152 21.19 15.13 58.13
N TYR D 153 21.12 16.29 57.47
CA TYR D 153 20.16 16.53 56.41
C TYR D 153 20.89 16.89 55.12
N ILE D 154 20.61 16.15 54.05
CA ILE D 154 21.23 16.35 52.75
C ILE D 154 20.15 16.56 51.71
N THR D 155 20.21 17.69 51.00
CA THR D 155 19.21 17.99 50.00
C THR D 155 19.52 17.28 48.69
N ASP D 156 18.51 17.27 47.82
CA ASP D 156 18.69 16.80 46.47
C ASP D 156 19.59 17.77 45.69
N LYS D 157 20.11 17.27 44.57
CA LYS D 157 20.87 18.08 43.64
C LYS D 157 19.99 19.15 43.00
N CYS D 158 20.44 20.40 43.04
CA CYS D 158 19.71 21.54 42.53
C CYS D 158 20.55 22.27 41.49
N VAL D 159 19.94 22.64 40.36
CA VAL D 159 20.63 23.35 39.30
C VAL D 159 20.23 24.81 39.31
N LEU D 160 21.18 25.71 39.43
CA LEU D 160 20.88 27.13 39.34
C LEU D 160 21.46 27.71 38.06
N ASP D 161 20.80 28.76 37.57
CA ASP D 161 21.08 29.34 36.25
C ASP D 161 21.36 30.82 36.44
N MET D 162 22.62 31.20 36.40
CA MET D 162 22.98 32.61 36.38
C MET D 162 22.83 33.07 34.94
N ARG D 163 21.63 33.54 34.60
CA ARG D 163 21.29 33.77 33.19
C ARG D 163 22.09 34.94 32.60
N SER D 164 22.50 35.91 33.44
CA SER D 164 23.26 37.06 32.92
C SER D 164 24.66 36.66 32.46
N MET D 165 25.22 35.59 33.02
CA MET D 165 26.54 35.11 32.66
C MET D 165 26.50 33.80 31.89
N ASP D 166 25.31 33.32 31.53
CA ASP D 166 25.15 32.05 30.83
C ASP D 166 25.95 30.94 31.51
N PHE D 167 25.79 30.85 32.82
CA PHE D 167 26.51 29.91 33.68
C PHE D 167 25.51 29.13 34.51
N LYS D 168 25.61 27.80 34.50
CA LYS D 168 24.78 26.97 35.36
C LYS D 168 25.67 26.14 36.27
N SER D 169 25.20 25.87 37.49
CA SER D 169 25.95 25.01 38.40
C SER D 169 25.00 24.14 39.22
N ASN D 170 25.47 22.92 39.52
CA ASN D 170 24.86 22.00 40.47
C ASN D 170 25.26 22.29 41.92
N SER D 171 24.37 21.94 42.84
CA SER D 171 24.68 22.03 44.26
C SER D 171 23.76 21.12 45.05
N ALA D 172 24.23 20.79 46.25
CA ALA D 172 23.48 20.12 47.30
C ALA D 172 23.92 20.75 48.61
N VAL D 173 22.99 20.85 49.54
CA VAL D 173 23.24 21.45 50.83
C VAL D 173 23.13 20.36 51.89
N ALA D 174 23.99 20.44 52.89
CA ALA D 174 23.99 19.49 53.99
C ALA D 174 24.14 20.27 55.29
N TRP D 175 23.48 19.81 56.34
CA TRP D 175 23.64 20.43 57.65
C TRP D 175 23.17 19.47 58.73
N SER D 176 23.59 19.77 59.96
CA SER D 176 23.35 18.89 61.07
C SER D 176 23.64 19.63 62.35
N ASN D 177 22.89 19.32 63.40
CA ASN D 177 23.11 19.95 64.70
C ASN D 177 24.15 19.21 65.54
N LYS D 178 24.41 17.93 65.24
CA LYS D 178 25.45 17.15 65.90
C LYS D 178 26.75 17.91 66.13
N ASP D 180 30.11 17.51 66.18
CA ASP D 180 30.61 16.30 65.55
C ASP D 180 30.67 16.37 64.02
N PHE D 181 29.59 16.87 63.39
CA PHE D 181 29.48 16.89 61.94
C PHE D 181 30.26 18.08 61.37
N ALA D 182 31.03 17.81 60.31
CA ALA D 182 31.80 18.84 59.62
C ALA D 182 31.78 18.56 58.13
N CYS D 183 32.02 19.62 57.36
CA CYS D 183 31.91 19.54 55.90
C CYS D 183 32.86 18.54 55.27
N ALA D 184 33.86 18.07 56.03
CA ALA D 184 34.81 17.09 55.49
C ALA D 184 34.12 15.77 55.17
N ASN D 185 33.31 15.26 56.10
CA ASN D 185 32.63 14.00 55.92
C ASN D 185 31.16 14.18 55.55
N ALA D 186 30.74 15.40 55.23
CA ALA D 186 29.31 15.67 55.04
C ALA D 186 28.74 14.83 53.90
N PHE D 187 29.46 14.66 52.80
CA PHE D 187 28.95 14.00 51.63
C PHE D 187 29.62 12.65 51.38
N ASN D 188 30.14 12.03 52.45
CA ASN D 188 30.81 10.75 52.29
CA ASN D 188 30.81 10.75 52.29
C ASN D 188 29.90 9.70 51.69
N ASN D 189 28.60 9.76 51.98
CA ASN D 189 27.66 8.78 51.45
C ASN D 189 27.58 8.79 49.93
N SER D 190 28.14 9.81 49.27
CA SER D 190 28.05 9.92 47.82
C SER D 190 29.41 9.67 47.19
N ILE D 191 29.38 9.37 45.89
CA ILE D 191 30.60 9.15 45.10
C ILE D 191 31.08 10.52 44.64
N ILE D 192 31.93 11.14 45.47
CA ILE D 192 32.43 12.50 45.23
C ILE D 192 33.59 12.47 44.24
N PRO D 193 33.73 13.50 43.38
CA PRO D 193 34.84 13.52 42.43
C PRO D 193 36.18 13.58 43.15
N GLU D 194 37.18 12.88 42.58
CA GLU D 194 38.48 12.79 43.24
C GLU D 194 39.11 14.17 43.42
N ASP D 195 38.95 15.04 42.43
CA ASP D 195 39.55 16.37 42.44
C ASP D 195 38.73 17.41 43.21
N THR D 196 37.82 16.97 44.08
CA THR D 196 36.95 17.89 44.81
C THR D 196 37.76 18.73 45.80
N PHE D 197 37.49 20.03 45.80
CA PHE D 197 38.25 20.99 46.58
C PHE D 197 37.65 21.12 47.98
N PHE D 198 38.45 20.82 49.01
CA PHE D 198 38.06 20.97 50.41
C PHE D 198 38.89 22.06 51.07
N PRO D 199 38.46 23.33 51.03
CA PRO D 199 39.18 24.39 51.75
C PRO D 199 39.10 24.23 53.26
N GLY E 4 -7.81 31.59 33.28
CA GLY E 4 -9.20 31.37 33.01
C GLY E 4 -9.98 30.69 34.12
N VAL E 5 -9.36 29.73 34.81
CA VAL E 5 -10.01 28.99 35.88
C VAL E 5 -9.45 29.43 37.23
N THR E 6 -10.33 29.94 38.09
CA THR E 6 -9.96 30.52 39.39
C THR E 6 -10.50 29.63 40.50
N GLN E 7 -9.61 28.96 41.23
CA GLN E 7 -10.05 28.15 42.36
C GLN E 7 -9.44 28.64 43.67
N THR E 8 -10.17 28.41 44.74
CA THR E 8 -9.68 28.81 46.07
C THR E 8 -10.16 27.79 47.09
N PRO E 9 -9.43 27.62 48.22
CA PRO E 9 -8.17 28.28 48.56
C PRO E 9 -6.95 27.57 47.97
N LYS E 10 -5.83 28.29 47.91
CA LYS E 10 -4.56 27.68 47.53
C LYS E 10 -4.11 26.62 48.55
N PHE E 11 -4.31 26.89 49.85
CA PHE E 11 -3.86 25.99 50.91
C PHE E 11 -4.88 25.98 52.05
N GLN E 12 -5.02 24.83 52.67
CA GLN E 12 -5.97 24.73 53.77
C GLN E 12 -5.54 23.61 54.71
N VAL E 13 -5.50 23.92 56.01
CA VAL E 13 -5.33 22.92 57.06
C VAL E 13 -6.70 22.66 57.67
N LEU E 14 -7.02 21.39 57.86
CA LEU E 14 -8.29 20.98 58.44
C LEU E 14 -8.05 19.93 59.51
N LYS E 15 -8.91 19.96 60.53
CA LYS E 15 -8.97 18.90 61.51
C LYS E 15 -9.98 17.84 61.04
N THR E 16 -9.69 16.58 61.32
CA THR E 16 -10.63 15.52 61.02
C THR E 16 -12.04 15.90 61.49
N GLY E 17 -13.05 15.65 60.64
CA GLY E 17 -14.42 16.00 60.90
C GLY E 17 -14.84 17.39 60.50
N GLN E 18 -13.90 18.31 60.25
CA GLN E 18 -14.32 19.63 59.78
C GLN E 18 -14.90 19.52 58.37
N SER E 19 -15.77 20.46 58.05
CA SER E 19 -16.30 20.60 56.70
CA SER E 19 -16.29 20.59 56.70
C SER E 19 -15.55 21.71 55.97
N MET E 20 -15.61 21.66 54.65
CA MET E 20 -14.95 22.69 53.86
CA MET E 20 -14.93 22.67 53.85
C MET E 20 -15.49 22.64 52.43
N THR E 21 -15.51 23.82 51.80
CA THR E 21 -15.93 23.99 50.41
C THR E 21 -14.82 24.67 49.62
N LEU E 22 -14.46 24.08 48.49
CA LEU E 22 -13.52 24.69 47.56
C LEU E 22 -14.32 25.37 46.45
N GLN E 23 -13.85 26.53 46.03
CA GLN E 23 -14.53 27.33 45.04
C GLN E 23 -13.83 27.20 43.70
N CYS E 24 -14.61 27.25 42.63
CA CYS E 24 -14.03 27.26 41.29
C CYS E 24 -14.96 27.98 40.34
N ALA E 25 -14.41 28.98 39.65
CA ALA E 25 -15.11 29.76 38.66
C ALA E 25 -14.29 29.82 37.40
N GLN E 26 -14.99 29.85 36.26
CA GLN E 26 -14.37 30.11 34.98
C GLN E 26 -15.27 31.05 34.19
N ASP E 27 -14.66 31.99 33.47
CA ASP E 27 -15.39 32.92 32.62
C ASP E 27 -15.07 32.69 31.15
N MET E 28 -14.76 31.46 30.76
CA MET E 28 -14.47 31.14 29.36
C MET E 28 -15.72 30.66 28.61
N ASN E 29 -16.89 30.72 29.24
CA ASN E 29 -18.15 30.24 28.67
C ASN E 29 -18.13 28.73 28.45
N HIS E 30 -17.34 28.02 29.27
CA HIS E 30 -17.25 26.58 29.13
C HIS E 30 -18.49 25.91 29.67
N ASN E 31 -18.86 24.77 29.08
CA ASN E 31 -20.03 24.08 29.61
C ASN E 31 -19.69 23.03 30.66
N SER E 32 -18.51 22.41 30.57
CA SER E 32 -18.19 21.27 31.39
C SER E 32 -17.18 21.68 32.47
N MET E 33 -17.37 21.17 33.70
CA MET E 33 -16.42 21.43 34.76
C MET E 33 -16.14 20.14 35.52
N TYR E 34 -14.97 20.10 36.17
CA TYR E 34 -14.44 18.87 36.73
C TYR E 34 -13.71 19.18 38.04
N TRP E 35 -13.77 18.24 38.98
CA TRP E 35 -12.90 18.25 40.17
C TRP E 35 -12.13 16.97 40.21
N TYR E 36 -10.80 17.11 40.25
CA TYR E 36 -9.83 16.04 40.32
C TYR E 36 -9.07 16.12 41.65
N ARG E 37 -8.54 14.99 42.09
CA ARG E 37 -7.47 15.04 43.09
C ARG E 37 -6.21 14.42 42.50
N GLN E 38 -5.05 14.93 42.90
CA GLN E 38 -3.76 14.41 42.43
C GLN E 38 -2.96 13.89 43.62
N ASP E 39 -2.60 12.62 43.59
CA ASP E 39 -1.82 11.95 44.63
C ASP E 39 -0.58 11.30 44.03
N PRO E 40 0.52 11.29 44.79
CA PRO E 40 1.78 10.71 44.28
C PRO E 40 1.57 9.30 43.75
N GLY E 41 2.21 9.01 42.61
CA GLY E 41 2.25 7.65 42.12
C GLY E 41 1.10 7.22 41.23
N MET E 42 0.10 8.08 41.01
CA MET E 42 -1.05 7.65 40.24
C MET E 42 -1.53 8.79 39.36
N GLY E 43 -2.29 8.43 38.34
CA GLY E 43 -2.86 9.44 37.49
C GLY E 43 -4.01 10.14 38.19
N LEU E 44 -4.26 11.38 37.73
CA LEU E 44 -5.39 12.17 38.20
C LEU E 44 -6.63 11.32 38.34
N ARG E 45 -7.41 11.57 39.41
CA ARG E 45 -8.64 10.84 39.62
C ARG E 45 -9.81 11.80 39.74
N LEU E 46 -10.84 11.54 38.96
CA LEU E 46 -12.00 12.41 38.86
C LEU E 46 -12.86 12.18 40.08
N ILE E 47 -13.25 13.25 40.73
CA ILE E 47 -14.10 13.14 41.92
C ILE E 47 -15.57 13.24 41.54
N TYR E 48 -15.95 14.40 41.00
CA TYR E 48 -17.25 14.64 40.38
C TYR E 48 -17.02 15.48 39.12
N TYR E 49 -18.02 15.51 38.25
CA TYR E 49 -17.97 16.42 37.12
C TYR E 49 -19.36 16.96 36.80
N SER E 50 -19.40 17.94 35.91
CA SER E 50 -20.63 18.58 35.49
C SER E 50 -20.53 18.77 33.98
N ALA E 51 -21.21 17.88 33.22
CA ALA E 51 -21.09 17.93 31.75
C ALA E 51 -21.68 19.21 31.19
N SER E 52 -22.66 19.79 31.90
CA SER E 52 -23.36 20.96 31.43
C SER E 52 -23.97 21.65 32.65
N GLU E 53 -24.26 22.94 32.51
CA GLU E 53 -25.02 23.62 33.58
C GLU E 53 -26.29 22.81 33.84
N GLY E 54 -26.63 22.63 35.12
CA GLY E 54 -27.83 21.89 35.43
C GLY E 54 -27.71 20.38 35.54
N THR E 55 -26.51 19.82 35.39
CA THR E 55 -26.31 18.41 35.70
C THR E 55 -24.91 18.21 36.29
N THR E 56 -24.79 17.22 37.16
CA THR E 56 -23.52 16.79 37.72
C THR E 56 -23.60 15.27 37.84
N ASP E 57 -22.47 14.62 38.00
CA ASP E 57 -22.48 13.17 38.24
C ASP E 57 -21.16 12.76 38.89
N LYS E 58 -21.16 11.60 39.52
CA LYS E 58 -19.95 11.13 40.20
C LYS E 58 -18.85 10.77 39.20
N GLY E 59 -17.61 10.96 39.64
CA GLY E 59 -16.42 10.46 38.98
C GLY E 59 -16.02 9.12 39.53
N GLU E 60 -14.70 8.91 39.59
CA GLU E 60 -14.16 7.64 40.06
C GLU E 60 -14.09 7.57 41.59
N VAL E 61 -13.91 8.71 42.26
CA VAL E 61 -13.72 8.71 43.71
CA VAL E 61 -13.70 8.71 43.71
C VAL E 61 -14.65 9.70 44.39
N PRO E 62 -15.98 9.55 44.28
CA PRO E 62 -16.90 10.55 44.87
C PRO E 62 -17.15 10.43 46.39
N ASN E 63 -16.77 9.34 47.04
CA ASN E 63 -17.16 9.11 48.43
C ASN E 63 -16.45 10.08 49.36
N GLY E 64 -17.22 10.77 50.22
CA GLY E 64 -16.66 11.80 51.07
C GLY E 64 -16.78 13.20 50.50
N TYR E 65 -17.30 13.32 49.27
CA TYR E 65 -17.40 14.61 48.63
C TYR E 65 -18.80 14.81 48.06
N ASN E 66 -19.10 16.07 47.76
CA ASN E 66 -20.25 16.43 46.96
CA ASN E 66 -20.24 16.40 46.93
C ASN E 66 -19.94 17.72 46.22
N VAL E 67 -20.73 18.01 45.20
CA VAL E 67 -20.51 19.21 44.40
C VAL E 67 -21.82 19.95 44.18
N SER E 68 -21.71 21.24 43.86
CA SER E 68 -22.83 21.98 43.30
C SER E 68 -22.37 22.73 42.07
N ARG E 69 -23.03 22.46 40.93
CA ARG E 69 -22.91 23.35 39.78
C ARG E 69 -23.86 24.51 40.02
N LEU E 70 -23.32 25.60 40.57
CA LEU E 70 -24.13 26.73 41.03
C LEU E 70 -24.76 27.49 39.88
N ASN E 71 -24.09 27.53 38.75
CA ASN E 71 -24.49 28.28 37.57
C ASN E 71 -23.50 27.86 36.48
N LYS E 72 -23.46 28.57 35.36
CA LYS E 72 -22.56 28.10 34.29
C LYS E 72 -21.11 28.31 34.66
N ARG E 73 -20.82 29.29 35.51
CA ARG E 73 -19.45 29.66 35.81
C ARG E 73 -18.84 28.88 36.96
N GLU E 74 -19.64 28.42 37.93
CA GLU E 74 -19.11 28.03 39.23
C GLU E 74 -19.44 26.59 39.56
N PHE E 75 -18.49 25.89 40.17
CA PHE E 75 -18.64 24.46 40.44
C PHE E 75 -17.91 24.20 41.75
N SER E 76 -18.69 24.09 42.83
CA SER E 76 -18.13 23.97 44.18
C SER E 76 -17.91 22.53 44.54
N LEU E 77 -16.83 22.28 45.27
CA LEU E 77 -16.54 20.97 45.83
C LEU E 77 -16.62 21.08 47.35
N ARG E 78 -17.36 20.17 47.97
CA ARG E 78 -17.53 20.15 49.42
C ARG E 78 -17.00 18.84 50.03
N LEU E 79 -16.22 18.97 51.10
CA LEU E 79 -15.87 17.85 51.96
C LEU E 79 -16.79 17.91 53.18
N GLU E 80 -17.60 16.88 53.35
CA GLU E 80 -18.61 16.91 54.40
CA GLU E 80 -18.61 16.91 54.40
C GLU E 80 -17.97 16.73 55.77
N SER E 81 -17.13 15.72 55.92
CA SER E 81 -16.46 15.43 57.18
C SER E 81 -15.03 15.02 56.87
N ALA E 82 -14.13 15.99 56.88
CA ALA E 82 -12.78 15.76 56.38
C ALA E 82 -12.13 14.55 57.07
N ALA E 83 -11.50 13.69 56.27
CA ALA E 83 -10.74 12.55 56.75
C ALA E 83 -9.29 12.67 56.29
N PRO E 84 -8.35 12.03 57.01
CA PRO E 84 -6.95 12.13 56.58
C PRO E 84 -6.72 11.58 55.18
N SER E 85 -7.52 10.61 54.72
CA SER E 85 -7.33 10.10 53.37
C SER E 85 -7.58 11.15 52.30
N GLN E 86 -8.22 12.26 52.66
CA GLN E 86 -8.55 13.35 51.78
C GLN E 86 -7.46 14.40 51.70
N THR E 87 -6.36 14.22 52.44
CA THR E 87 -5.16 15.02 52.22
C THR E 87 -4.70 14.80 50.76
N SER E 88 -4.57 15.88 50.00
CA SER E 88 -4.34 15.73 48.56
C SER E 88 -4.18 17.10 47.94
N VAL E 89 -3.91 17.12 46.62
CA VAL E 89 -3.95 18.36 45.83
C VAL E 89 -5.19 18.24 44.93
N TYR E 90 -6.09 19.21 45.02
CA TYR E 90 -7.36 19.19 44.32
C TYR E 90 -7.26 20.15 43.15
N PHE E 91 -7.67 19.70 41.95
CA PHE E 91 -7.67 20.57 40.77
C PHE E 91 -9.08 20.66 40.17
N CYS E 92 -9.56 21.88 39.97
CA CYS E 92 -10.77 22.14 39.21
CA CYS E 92 -10.77 22.03 39.19
C CYS E 92 -10.37 22.35 37.75
N ALA E 93 -11.20 21.88 36.82
CA ALA E 93 -10.85 22.12 35.43
C ALA E 93 -12.14 22.34 34.65
N SER E 94 -11.99 22.89 33.44
CA SER E 94 -13.16 23.14 32.61
C SER E 94 -12.81 22.83 31.15
N SER E 95 -13.85 22.58 30.37
CA SER E 95 -13.65 22.39 28.93
C SER E 95 -14.92 22.87 28.23
N VAL E 96 -14.76 23.20 26.96
CA VAL E 96 -15.89 23.77 26.22
C VAL E 96 -17.10 22.84 26.31
N TRP E 97 -16.88 21.54 26.06
CA TRP E 97 -17.92 20.51 26.13
C TRP E 97 -17.32 19.22 26.69
N THR E 98 -18.19 18.29 27.05
CA THR E 98 -17.82 16.88 27.22
C THR E 98 -18.51 16.11 26.10
N GLY E 99 -17.93 15.00 25.71
CA GLY E 99 -18.56 14.33 24.57
C GLY E 99 -18.21 14.93 23.24
N GLU E 100 -17.16 15.74 23.20
CA GLU E 100 -16.50 16.11 21.98
CA GLU E 100 -16.47 16.16 21.99
C GLU E 100 -15.04 15.69 22.11
N GLY E 101 -14.39 15.51 20.98
CA GLY E 101 -13.13 14.79 21.10
C GLY E 101 -11.92 15.59 21.45
N SER E 102 -11.67 16.63 20.68
CA SER E 102 -10.36 17.23 20.78
C SER E 102 -10.30 18.28 21.88
N GLY E 103 -11.43 18.60 22.52
CA GLY E 103 -11.38 19.76 23.42
C GLY E 103 -10.53 19.48 24.66
N GLU E 104 -9.57 20.33 24.95
CA GLU E 104 -8.66 20.05 26.06
C GLU E 104 -9.26 20.56 27.39
N LEU E 105 -8.64 20.15 28.50
CA LEU E 105 -8.98 20.70 29.83
C LEU E 105 -8.14 21.94 30.14
N PHE E 106 -8.77 22.90 30.82
CA PHE E 106 -8.10 24.07 31.36
C PHE E 106 -8.16 23.95 32.88
N PHE E 107 -7.01 24.02 33.54
CA PHE E 107 -6.92 23.64 34.95
C PHE E 107 -6.80 24.88 35.81
N GLY E 108 -7.48 24.88 36.97
CA GLY E 108 -7.20 25.90 37.97
C GLY E 108 -5.83 25.69 38.63
N GLU E 109 -5.45 26.59 39.54
CA GLU E 109 -4.09 26.55 40.10
C GLU E 109 -3.86 25.46 41.14
N GLY E 110 -4.91 24.79 41.60
CA GLY E 110 -4.71 23.72 42.54
C GLY E 110 -4.98 24.16 43.98
N SER E 111 -5.47 23.23 44.80
CA SER E 111 -5.75 23.48 46.22
C SER E 111 -5.11 22.39 47.05
N ARG E 112 -4.11 22.74 47.88
CA ARG E 112 -3.44 21.76 48.74
CA ARG E 112 -3.46 21.75 48.73
C ARG E 112 -4.19 21.67 50.07
N LEU E 113 -4.76 20.51 50.35
CA LEU E 113 -5.47 20.27 51.59
C LEU E 113 -4.70 19.24 52.41
N THR E 114 -4.46 19.55 53.68
CA THR E 114 -3.94 18.59 54.64
C THR E 114 -4.94 18.45 55.78
N VAL E 115 -5.41 17.22 56.01
CA VAL E 115 -6.36 16.92 57.09
C VAL E 115 -5.61 16.22 58.21
N LEU E 116 -5.71 16.76 59.44
CA LEU E 116 -4.92 16.30 60.59
C LEU E 116 -5.84 15.88 61.74
N GLU E 117 -5.45 14.81 62.44
CA GLU E 117 -6.19 14.40 63.64
C GLU E 117 -6.38 15.58 64.61
N ASP E 118 -5.32 16.35 64.87
CA ASP E 118 -5.44 17.63 65.58
C ASP E 118 -4.42 18.61 65.02
N LEU E 119 -4.52 19.87 65.46
CA LEU E 119 -3.65 20.95 65.01
C LEU E 119 -2.42 21.17 65.87
N LYS E 120 -2.14 20.25 66.81
CA LYS E 120 -1.12 20.53 67.82
C LYS E 120 0.29 20.38 67.29
N ASN E 121 0.48 19.80 66.12
CA ASN E 121 1.83 19.75 65.55
C ASN E 121 2.09 20.82 64.50
N VAL E 122 1.13 21.71 64.25
CA VAL E 122 1.31 22.74 63.23
C VAL E 122 2.33 23.77 63.72
N PHE E 123 3.36 24.03 62.93
CA PHE E 123 4.45 24.95 63.27
C PHE E 123 4.88 25.76 62.06
N PRO E 124 5.05 27.06 62.19
CA PRO E 124 5.62 27.85 61.10
C PRO E 124 7.10 27.55 61.00
N PRO E 125 7.74 27.86 59.85
CA PRO E 125 9.18 27.66 59.75
C PRO E 125 9.96 28.71 60.55
N GLU E 126 11.15 28.30 61.00
CA GLU E 126 12.24 29.23 61.26
C GLU E 126 13.03 29.38 59.98
N VAL E 127 13.50 30.61 59.71
CA VAL E 127 14.21 30.94 58.48
C VAL E 127 15.55 31.58 58.83
N ALA E 128 16.62 31.07 58.23
CA ALA E 128 17.95 31.63 58.43
C ALA E 128 18.68 31.68 57.10
N VAL E 129 19.60 32.63 56.99
CA VAL E 129 20.42 32.84 55.80
C VAL E 129 21.88 32.65 56.19
N PHE E 130 22.62 31.96 55.33
CA PHE E 130 24.02 31.67 55.57
C PHE E 130 24.84 32.35 54.48
N GLU E 131 25.85 33.14 54.91
CA GLU E 131 26.60 34.01 54.03
C GLU E 131 27.63 33.21 53.23
N PRO E 132 27.97 33.70 52.03
CA PRO E 132 28.91 32.97 51.17
C PRO E 132 30.24 32.67 51.86
N SER E 133 30.79 31.52 51.52
CA SER E 133 32.11 31.13 52.00
C SER E 133 33.17 32.02 51.38
N GLU E 134 34.08 32.51 52.22
CA GLU E 134 35.26 33.21 51.71
C GLU E 134 36.05 32.34 50.73
N ALA E 135 36.17 31.05 51.04
CA ALA E 135 36.86 30.14 50.13
C ALA E 135 36.19 30.10 48.76
N GLU E 136 34.85 30.06 48.71
CA GLU E 136 34.18 30.05 47.41
C GLU E 136 34.48 31.33 46.64
N ILE E 137 34.53 32.46 47.35
CA ILE E 137 34.76 33.74 46.69
C ILE E 137 36.12 33.75 46.00
N SER E 138 37.17 33.33 46.71
CA SER E 138 38.50 33.39 46.13
C SER E 138 38.80 32.23 45.21
N HIS E 139 37.96 31.20 45.19
CA HIS E 139 38.19 30.07 44.30
C HIS E 139 37.46 30.21 42.98
N THR E 140 36.29 30.84 42.98
CA THR E 140 35.41 30.88 41.82
C THR E 140 34.94 32.26 41.45
N GLN E 141 35.24 33.27 42.26
CA GLN E 141 34.76 34.64 42.04
CA GLN E 141 34.76 34.65 42.06
C GLN E 141 33.25 34.73 42.03
N LYS E 142 32.56 33.76 42.64
CA LYS E 142 31.10 33.76 42.79
C LYS E 142 30.78 33.60 44.27
N ALA E 143 29.52 33.88 44.62
CA ALA E 143 29.11 33.87 46.03
C ALA E 143 27.72 33.27 46.15
N THR E 144 27.60 32.17 46.90
CA THR E 144 26.33 31.47 47.05
C THR E 144 25.81 31.68 48.47
N LEU E 145 24.65 32.32 48.59
CA LEU E 145 23.93 32.36 49.85
C LEU E 145 23.01 31.16 49.95
N VAL E 146 22.87 30.61 51.16
CA VAL E 146 21.94 29.52 51.40
C VAL E 146 20.87 29.95 52.41
N CYS E 147 19.61 29.66 52.11
CA CYS E 147 18.50 29.88 53.02
C CYS E 147 17.95 28.52 53.48
N LEU E 148 17.67 28.41 54.78
CA LEU E 148 17.07 27.20 55.33
C LEU E 148 15.77 27.57 56.02
N ALA E 149 14.69 26.88 55.69
CA ALA E 149 13.45 26.92 56.43
C ALA E 149 13.29 25.58 57.13
N THR E 150 13.17 25.59 58.46
CA THR E 150 13.26 24.38 59.26
C THR E 150 12.10 24.28 60.24
N GLY E 151 11.76 23.05 60.63
CA GLY E 151 10.77 22.80 61.65
C GLY E 151 9.33 23.18 61.34
N PHE E 152 8.92 23.25 60.07
CA PHE E 152 7.55 23.63 59.78
C PHE E 152 6.68 22.40 59.52
N TYR E 153 5.36 22.60 59.72
CA TYR E 153 4.38 21.53 59.55
C TYR E 153 3.01 22.19 59.50
N PRO E 154 2.17 21.80 58.53
CA PRO E 154 2.47 20.80 57.50
C PRO E 154 3.36 21.39 56.39
N ASP E 155 3.61 20.65 55.31
CA ASP E 155 4.44 21.15 54.23
CA ASP E 155 4.44 21.15 54.23
C ASP E 155 3.60 22.07 53.33
N HIS E 156 3.36 23.28 53.84
CA HIS E 156 2.61 24.33 53.15
C HIS E 156 3.48 25.58 53.12
N VAL E 157 4.56 25.59 52.34
CA VAL E 157 5.41 26.77 52.27
C VAL E 157 5.77 27.11 50.84
N GLU E 158 6.02 28.39 50.60
CA GLU E 158 6.56 28.93 49.35
C GLU E 158 7.74 29.82 49.71
N LEU E 159 8.94 29.47 49.23
CA LEU E 159 10.15 30.25 49.49
C LEU E 159 10.49 31.12 48.28
N SER E 160 10.95 32.35 48.55
CA SER E 160 11.34 33.30 47.52
C SER E 160 12.52 34.14 47.99
N TRP E 161 13.28 34.68 47.02
CA TRP E 161 14.43 35.52 47.30
C TRP E 161 14.13 36.97 46.88
N TRP E 162 14.63 37.92 47.67
CA TRP E 162 14.42 39.35 47.40
C TRP E 162 15.74 40.08 47.56
N VAL E 163 16.24 40.64 46.46
CA VAL E 163 17.50 41.37 46.45
C VAL E 163 17.21 42.85 46.28
N ASN E 164 17.65 43.64 47.26
CA ASN E 164 17.44 45.09 47.26
C ASN E 164 15.97 45.46 47.05
N GLY E 165 15.07 44.70 47.67
CA GLY E 165 13.65 44.95 47.60
C GLY E 165 12.92 44.38 46.40
N LYS E 166 13.60 43.65 45.54
CA LYS E 166 12.99 43.11 44.34
C LYS E 166 13.25 41.61 44.25
N GLU E 167 12.21 40.87 43.86
CA GLU E 167 12.32 39.42 43.79
C GLU E 167 13.19 39.01 42.60
N VAL E 168 13.95 37.93 42.78
CA VAL E 168 14.85 37.44 41.75
C VAL E 168 14.56 35.96 41.53
N HIS E 169 14.75 35.51 40.29
CA HIS E 169 14.70 34.10 39.99
C HIS E 169 16.00 33.57 39.40
N SER E 170 16.86 34.46 38.90
CA SER E 170 18.10 34.06 38.27
C SER E 170 19.15 33.79 39.34
N GLY E 171 19.86 32.68 39.18
CA GLY E 171 20.82 32.23 40.16
C GLY E 171 20.22 31.52 41.35
N VAL E 172 18.94 31.21 41.31
CA VAL E 172 18.20 30.66 42.43
C VAL E 172 17.83 29.21 42.12
N CYS E 173 17.96 28.34 43.11
CA CYS E 173 17.38 27.00 43.01
CA CYS E 173 17.30 27.05 43.01
C CYS E 173 16.91 26.59 44.41
N THR E 174 15.63 26.26 44.54
CA THR E 174 15.00 25.82 45.77
C THR E 174 14.66 24.35 45.64
N ASP E 175 14.87 23.59 46.72
CA ASP E 175 14.53 22.18 46.70
C ASP E 175 13.09 22.01 46.23
N PRO E 176 12.82 21.10 45.28
CA PRO E 176 11.40 20.92 44.87
C PRO E 176 10.55 20.31 45.96
N GLN E 177 11.10 19.38 46.76
CA GLN E 177 10.39 18.87 47.92
C GLN E 177 11.19 19.15 49.20
N PRO E 178 10.50 19.38 50.32
CA PRO E 178 11.20 19.48 51.61
C PRO E 178 11.73 18.13 52.04
N LEU E 179 12.56 18.14 53.05
CA LEU E 179 12.96 16.88 53.65
C LEU E 179 12.32 16.77 55.03
N LYS E 180 12.21 15.53 55.50
CA LYS E 180 11.59 15.24 56.78
C LYS E 180 12.65 15.31 57.87
N GLU E 181 12.44 16.19 58.85
CA GLU E 181 13.45 16.31 59.90
C GLU E 181 13.49 15.08 60.81
N GLN E 182 12.40 14.32 60.88
CA GLN E 182 12.33 13.12 61.71
CA GLN E 182 12.34 13.11 61.71
C GLN E 182 11.74 12.01 60.84
N PRO E 183 12.51 11.44 59.93
CA PRO E 183 11.92 10.60 58.89
C PRO E 183 11.14 9.42 59.44
N ALA E 184 11.38 9.03 60.69
CA ALA E 184 10.67 7.89 61.23
C ALA E 184 9.32 8.26 61.84
N LEU E 185 9.07 9.53 62.15
CA LEU E 185 7.80 9.93 62.76
C LEU E 185 6.73 10.14 61.70
N ASN E 186 5.49 9.70 61.98
CA ASN E 186 4.42 9.92 61.02
C ASN E 186 4.13 11.40 60.85
N ASP E 187 4.42 12.20 61.87
CA ASP E 187 4.16 13.64 61.82
C ASP E 187 5.46 14.44 61.80
N SER E 188 6.48 13.92 61.12
CA SER E 188 7.76 14.63 61.06
C SER E 188 7.54 16.05 60.54
N ARG E 189 8.22 17.01 61.15
CA ARG E 189 8.27 18.36 60.61
C ARG E 189 9.27 18.39 59.45
N TYR E 190 9.32 19.53 58.77
CA TYR E 190 9.98 19.63 57.47
C TYR E 190 11.06 20.70 57.45
N ALA E 191 12.03 20.50 56.58
CA ALA E 191 13.05 21.50 56.28
C ALA E 191 13.15 21.64 54.76
N LEU E 192 13.40 22.87 54.31
CA LEU E 192 13.58 23.23 52.91
C LEU E 192 14.80 24.13 52.78
N SER E 193 15.60 23.91 51.73
CA SER E 193 16.73 24.77 51.44
C SER E 193 16.55 25.44 50.10
N SER E 194 17.17 26.61 49.95
CA SER E 194 17.35 27.25 48.64
C SER E 194 18.72 27.92 48.60
N ARG E 195 19.24 28.09 47.38
CA ARG E 195 20.50 28.78 47.12
C ARG E 195 20.25 29.98 46.21
N LEU E 196 20.99 31.06 46.46
CA LEU E 196 21.04 32.23 45.60
C LEU E 196 22.50 32.54 45.29
N ARG E 197 22.90 32.44 44.03
CA ARG E 197 24.29 32.64 43.66
C ARG E 197 24.45 33.95 42.90
N VAL E 198 25.43 34.74 43.29
CA VAL E 198 25.75 36.00 42.65
C VAL E 198 27.27 36.10 42.51
N SER E 199 27.70 37.08 41.71
CA SER E 199 29.13 37.30 41.52
C SER E 199 29.76 37.77 42.83
N ALA E 200 31.05 37.46 42.99
CA ALA E 200 31.77 37.92 44.18
C ALA E 200 31.68 39.43 44.33
N THR E 201 31.75 40.16 43.22
CA THR E 201 31.68 41.61 43.26
C THR E 201 30.36 42.08 43.85
N PHE E 202 29.25 41.45 43.43
CA PHE E 202 27.93 41.82 43.92
C PHE E 202 27.79 41.56 45.43
N TRP E 203 28.33 40.44 45.91
CA TRP E 203 28.24 40.17 47.35
C TRP E 203 29.14 41.09 48.16
N GLN E 204 30.21 41.60 47.56
CA GLN E 204 31.12 42.46 48.31
C GLN E 204 30.61 43.89 48.44
N ASN E 205 29.65 44.29 47.60
CA ASN E 205 29.03 45.62 47.69
C ASN E 205 28.15 45.71 48.93
N PRO E 206 28.47 46.56 49.91
CA PRO E 206 27.62 46.66 51.12
C PRO E 206 26.27 47.32 50.88
N ARG E 207 26.00 47.84 49.67
CA ARG E 207 24.71 48.44 49.37
C ARG E 207 23.66 47.43 48.93
N ASN E 208 24.04 46.16 48.78
CA ASN E 208 23.12 45.12 48.32
C ASN E 208 22.47 44.41 49.51
N HIS E 209 21.15 44.24 49.45
CA HIS E 209 20.37 43.63 50.52
C HIS E 209 19.74 42.33 50.01
N PHE E 210 19.99 41.24 50.74
CA PHE E 210 19.48 39.92 50.38
C PHE E 210 18.50 39.47 51.45
N ARG E 211 17.35 38.96 51.02
CA ARG E 211 16.30 38.55 51.93
C ARG E 211 15.66 37.26 51.43
N CYS E 212 15.71 36.22 52.26
CA CYS E 212 14.97 35.00 52.00
C CYS E 212 13.61 35.07 52.67
N GLN E 213 12.54 34.85 51.90
CA GLN E 213 11.19 34.99 52.39
C GLN E 213 10.46 33.65 52.30
N VAL E 214 9.76 33.26 53.38
CA VAL E 214 9.04 32.00 53.40
C VAL E 214 7.59 32.27 53.83
N GLN E 215 6.67 32.18 52.88
CA GLN E 215 5.25 32.21 53.17
C GLN E 215 4.84 30.85 53.70
N PHE E 216 4.26 30.84 54.90
CA PHE E 216 3.75 29.63 55.50
C PHE E 216 2.22 29.69 55.50
N TYR E 217 1.57 28.58 55.15
CA TYR E 217 0.11 28.50 55.19
C TYR E 217 -0.28 27.59 56.34
N GLY E 218 -0.88 28.18 57.37
CA GLY E 218 -1.13 27.45 58.60
C GLY E 218 -2.57 27.57 59.01
N LEU E 219 -2.79 27.95 60.28
CA LEU E 219 -4.14 28.08 60.81
C LEU E 219 -4.72 29.44 60.46
N SER E 220 -6.05 29.51 60.52
CA SER E 220 -6.79 30.73 60.21
C SER E 220 -7.23 31.42 61.50
N GLU E 221 -7.93 32.54 61.35
CA GLU E 221 -8.42 33.26 62.52
C GLU E 221 -9.40 32.42 63.33
N ASN E 222 -10.33 31.74 62.63
CA ASN E 222 -11.37 30.99 63.33
C ASN E 222 -10.85 29.75 64.04
N ASP E 223 -9.63 29.30 63.73
CA ASP E 223 -9.10 28.09 64.35
C ASP E 223 -8.89 28.31 65.83
N GLU E 224 -9.45 27.40 66.64
CA GLU E 224 -9.25 27.46 68.09
C GLU E 224 -7.82 27.05 68.43
N TRP E 225 -7.27 27.66 69.48
CA TRP E 225 -5.88 27.41 69.86
C TRP E 225 -5.77 27.54 71.38
N THR E 226 -5.60 26.39 72.05
CA THR E 226 -5.53 26.32 73.50
C THR E 226 -4.12 26.20 74.03
N GLN E 227 -3.15 25.92 73.16
CA GLN E 227 -1.80 25.67 73.61
CA GLN E 227 -1.78 25.67 73.56
C GLN E 227 -1.09 26.96 73.99
N ASP E 228 -0.02 26.81 74.76
CA ASP E 228 0.71 27.95 75.29
C ASP E 228 1.44 28.72 74.20
N ARG E 229 2.12 28.02 73.31
CA ARG E 229 2.90 28.67 72.26
C ARG E 229 2.01 29.49 71.32
N ALA E 230 2.65 30.39 70.58
CA ALA E 230 1.93 31.27 69.66
C ALA E 230 1.18 30.47 68.58
N LYS E 231 -0.06 30.86 68.33
CA LYS E 231 -0.89 30.16 67.36
C LYS E 231 -0.19 30.11 66.00
N PRO E 232 -0.05 28.93 65.39
CA PRO E 232 0.71 28.84 64.13
C PRO E 232 -0.17 29.20 62.93
N VAL E 233 -0.48 30.50 62.83
CA VAL E 233 -1.29 31.01 61.74
C VAL E 233 -0.45 31.12 60.47
N THR E 234 -1.17 31.17 59.33
CA THR E 234 -0.57 31.62 58.08
C THR E 234 0.23 32.90 58.29
N GLN E 235 1.47 32.91 57.81
CA GLN E 235 2.35 34.05 58.10
C GLN E 235 3.57 33.96 57.20
N ILE E 236 4.34 35.06 57.19
CA ILE E 236 5.60 35.17 56.46
C ILE E 236 6.76 35.23 57.45
N VAL E 237 7.73 34.33 57.29
CA VAL E 237 8.95 34.34 58.10
C VAL E 237 10.11 34.63 57.16
N SER E 238 11.03 35.51 57.58
CA SER E 238 12.12 35.96 56.71
C SER E 238 13.44 36.01 57.45
N ALA E 239 14.52 36.10 56.68
CA ALA E 239 15.87 36.27 57.19
C ALA E 239 16.64 37.07 56.15
N GLU E 240 17.66 37.81 56.60
CA GLU E 240 18.33 38.78 55.75
C GLU E 240 19.84 38.76 55.98
N ALA E 241 20.54 39.43 55.08
CA ALA E 241 21.98 39.62 55.18
C ALA E 241 22.39 40.76 54.27
N TRP E 242 23.44 41.46 54.65
CA TRP E 242 24.02 42.54 53.86
C TRP E 242 25.38 42.11 53.31
N GLY E 243 25.74 42.69 52.17
CA GLY E 243 27.04 42.43 51.59
C GLY E 243 28.16 42.95 52.47
N ARG E 244 29.28 42.22 52.49
CA ARG E 244 30.40 42.50 53.38
C ARG E 244 31.68 42.68 52.56
N ALA E 245 32.72 43.17 53.24
CA ALA E 245 34.02 43.39 52.63
C ALA E 245 34.80 42.09 52.50
N MET F 1 -39.86 28.18 4.44
N MET F 1 -40.30 28.62 4.81
CA MET F 1 -40.28 27.22 5.46
CA MET F 1 -40.24 27.28 5.37
C MET F 1 -41.21 26.17 4.88
C MET F 1 -41.07 26.29 4.53
N ILE F 2 -40.62 25.04 4.49
CA ILE F 2 -41.33 23.97 3.80
C ILE F 2 -41.88 23.00 4.85
N GLN F 3 -43.18 22.80 4.80
CA GLN F 3 -43.84 21.81 5.63
C GLN F 3 -44.27 20.67 4.72
N ARG F 4 -44.33 19.46 5.27
CA ARG F 4 -44.65 18.31 4.44
C ARG F 4 -45.79 17.55 5.10
N THR F 5 -46.87 17.30 4.33
CA THR F 5 -48.05 16.73 4.96
C THR F 5 -47.89 15.20 5.06
N PRO F 6 -48.49 14.56 6.05
CA PRO F 6 -48.24 13.11 6.23
C PRO F 6 -48.86 12.26 5.13
N LYS F 7 -48.06 11.29 4.66
CA LYS F 7 -48.59 10.11 3.98
C LYS F 7 -49.22 9.16 5.00
N ILE F 8 -50.35 8.57 4.64
CA ILE F 8 -51.15 7.82 5.61
C ILE F 8 -51.62 6.52 4.95
N GLN F 9 -51.20 5.38 5.49
CA GLN F 9 -51.41 4.08 4.88
C GLN F 9 -52.02 3.15 5.91
N VAL F 10 -53.14 2.52 5.56
CA VAL F 10 -53.94 1.73 6.49
C VAL F 10 -54.06 0.32 5.92
N TYR F 11 -53.68 -0.69 6.71
CA TYR F 11 -53.53 -2.01 6.11
C TYR F 11 -53.47 -3.01 7.26
N SER F 12 -53.83 -4.26 6.98
CA SER F 12 -53.81 -5.29 8.01
C SER F 12 -52.46 -6.00 8.06
N ARG F 13 -52.14 -6.57 9.23
CA ARG F 13 -50.85 -7.25 9.40
C ARG F 13 -50.73 -8.43 8.45
N HIS F 14 -51.76 -9.27 8.42
CA HIS F 14 -51.88 -10.45 7.58
C HIS F 14 -52.99 -10.23 6.56
N PRO F 15 -52.98 -10.94 5.44
CA PRO F 15 -54.13 -10.86 4.52
C PRO F 15 -55.43 -11.10 5.27
N ALA F 16 -56.41 -10.25 5.00
CA ALA F 16 -57.54 -10.14 5.91
C ALA F 16 -58.60 -11.16 5.55
N GLU F 17 -59.26 -11.70 6.58
CA GLU F 17 -60.38 -12.61 6.35
C GLU F 17 -61.39 -12.41 7.46
N ASN F 18 -62.62 -12.02 7.10
CA ASN F 18 -63.67 -11.79 8.10
C ASN F 18 -63.74 -12.95 9.09
N GLY F 19 -63.80 -12.62 10.36
CA GLY F 19 -63.92 -13.63 11.40
C GLY F 19 -62.61 -14.11 11.99
N LYS F 20 -61.47 -13.76 11.40
CA LYS F 20 -60.18 -14.20 11.88
C LYS F 20 -59.43 -13.01 12.47
N SER F 21 -58.97 -13.19 13.71
CA SER F 21 -58.23 -12.16 14.41
C SER F 21 -57.06 -11.68 13.55
N ASN F 22 -56.73 -10.39 13.69
CA ASN F 22 -55.76 -9.72 12.82
C ASN F 22 -55.31 -8.46 13.57
N PHE F 23 -54.39 -7.71 12.97
CA PHE F 23 -54.02 -6.39 13.48
C PHE F 23 -54.19 -5.36 12.39
N LEU F 24 -54.72 -4.19 12.78
CA LEU F 24 -54.90 -3.08 11.85
C LEU F 24 -53.82 -2.04 12.12
N ASN F 25 -53.08 -1.70 11.08
CA ASN F 25 -51.95 -0.78 11.14
C ASN F 25 -52.31 0.54 10.48
N CYS F 26 -51.81 1.63 11.05
CA CYS F 26 -51.78 2.93 10.37
C CYS F 26 -50.35 3.45 10.39
N TYR F 27 -49.74 3.52 9.22
CA TYR F 27 -48.36 3.98 9.05
C TYR F 27 -48.42 5.42 8.52
N VAL F 28 -47.91 6.35 9.31
CA VAL F 28 -47.99 7.78 9.03
C VAL F 28 -46.56 8.26 8.84
N SER F 29 -46.26 8.84 7.67
CA SER F 29 -44.86 8.99 7.33
C SER F 29 -44.63 10.22 6.47
N GLY F 30 -43.36 10.63 6.43
CA GLY F 30 -42.89 11.67 5.52
C GLY F 30 -43.34 13.08 5.86
N PHE F 31 -43.66 13.32 7.11
CA PHE F 31 -44.18 14.62 7.51
C PHE F 31 -43.12 15.43 8.22
N HIS F 32 -43.29 16.76 8.15
CA HIS F 32 -42.43 17.71 8.83
C HIS F 32 -43.30 18.95 9.02
N PRO F 33 -43.32 19.59 10.20
CA PRO F 33 -42.58 19.28 11.44
C PRO F 33 -43.20 18.14 12.20
N SER F 34 -42.77 17.89 13.45
CA SER F 34 -42.97 16.60 14.12
C SER F 34 -44.29 16.45 14.88
N ASP F 35 -44.97 17.54 15.24
CA ASP F 35 -46.20 17.40 16.01
C ASP F 35 -47.27 16.75 15.15
N ILE F 36 -47.89 15.71 15.69
CA ILE F 36 -48.87 14.94 14.93
C ILE F 36 -49.83 14.29 15.93
N GLU F 37 -51.07 14.06 15.49
CA GLU F 37 -52.03 13.31 16.28
C GLU F 37 -52.66 12.23 15.42
N VAL F 38 -52.68 11.01 15.95
CA VAL F 38 -53.20 9.84 15.24
C VAL F 38 -54.18 9.08 16.15
N ASP F 39 -55.34 8.74 15.61
CA ASP F 39 -56.26 7.81 16.25
C ASP F 39 -56.71 6.75 15.24
N LEU F 40 -56.99 5.56 15.73
CA LEU F 40 -57.70 4.56 14.95
C LEU F 40 -59.18 4.57 15.34
N LEU F 41 -60.06 4.40 14.35
CA LEU F 41 -61.51 4.48 14.53
C LEU F 41 -62.18 3.18 14.09
N LYS F 42 -63.22 2.79 14.83
CA LYS F 42 -64.10 1.69 14.44
C LYS F 42 -65.50 2.25 14.32
N ASN F 43 -66.06 2.16 13.12
CA ASN F 43 -67.35 2.74 12.81
C ASN F 43 -67.45 4.18 13.33
N GLY F 44 -66.37 4.94 13.11
CA GLY F 44 -66.34 6.35 13.40
C GLY F 44 -65.94 6.72 14.80
N GLU F 45 -65.90 5.76 15.71
CA GLU F 45 -65.56 6.04 17.10
C GLU F 45 -64.13 5.58 17.41
N ARG F 46 -63.45 6.39 18.21
CA ARG F 46 -62.05 6.16 18.52
C ARG F 46 -61.85 4.85 19.28
N ILE F 47 -60.88 4.06 18.83
CA ILE F 47 -60.51 2.84 19.55
C ILE F 47 -59.57 3.22 20.69
N GLU F 48 -59.78 2.62 21.85
CA GLU F 48 -58.97 3.01 23.02
C GLU F 48 -57.72 2.15 23.18
N LYS F 49 -57.79 0.87 22.85
CA LYS F 49 -56.63 -0.01 23.04
C LYS F 49 -55.81 0.01 21.75
N VAL F 50 -54.97 1.05 21.63
CA VAL F 50 -54.17 1.25 20.42
C VAL F 50 -52.72 1.49 20.83
N GLU F 51 -51.82 0.73 20.23
CA GLU F 51 -50.38 0.84 20.46
C GLU F 51 -49.73 1.68 19.37
N HIS F 52 -48.60 2.27 19.69
CA HIS F 52 -47.87 2.99 18.67
C HIS F 52 -46.39 2.99 18.98
N SER F 53 -45.58 3.04 17.92
CA SER F 53 -44.15 3.28 18.07
C SER F 53 -43.87 4.74 18.43
N ASP F 54 -42.67 5.00 18.95
CA ASP F 54 -42.22 6.37 19.14
C ASP F 54 -42.00 7.06 17.80
N LEU F 55 -42.04 8.40 17.82
CA LEU F 55 -41.63 9.19 16.68
C LEU F 55 -40.31 8.65 16.12
N SER F 56 -40.26 8.46 14.81
CA SER F 56 -39.08 7.90 14.19
C SER F 56 -38.56 8.83 13.11
N PHE F 57 -37.28 8.68 12.79
CA PHE F 57 -36.54 9.65 11.99
C PHE F 57 -36.09 9.05 10.66
N SER F 58 -36.37 9.75 9.59
CA SER F 58 -35.91 9.37 8.26
C SER F 58 -34.73 10.21 7.81
N LYS F 59 -33.97 9.65 6.87
CA LYS F 59 -32.77 10.32 6.38
C LYS F 59 -33.09 11.62 5.65
N ASP F 60 -34.31 11.77 5.14
CA ASP F 60 -34.64 13.01 4.43
C ASP F 60 -35.19 14.07 5.38
N TRP F 61 -35.02 13.87 6.69
CA TRP F 61 -35.39 14.75 7.81
C TRP F 61 -36.87 14.72 8.12
N SER F 62 -37.68 13.93 7.41
CA SER F 62 -39.06 13.79 7.81
C SER F 62 -39.18 12.72 8.89
N PHE F 63 -40.39 12.53 9.43
CA PHE F 63 -40.67 11.63 10.53
C PHE F 63 -41.72 10.60 10.11
N TYR F 64 -41.82 9.52 10.89
CA TYR F 64 -42.85 8.51 10.68
C TYR F 64 -43.17 7.81 11.98
N LEU F 65 -44.33 7.15 12.02
CA LEU F 65 -44.80 6.42 13.19
CA LEU F 65 -44.65 6.30 13.14
C LEU F 65 -45.73 5.30 12.75
N LEU F 66 -45.88 4.29 13.60
CA LEU F 66 -46.81 3.19 13.36
C LEU F 66 -47.77 3.09 14.53
N TYR F 67 -49.07 3.17 14.23
CA TYR F 67 -50.17 2.91 15.16
C TYR F 67 -50.86 1.61 14.80
N TYR F 68 -51.24 0.79 15.79
CA TYR F 68 -51.86 -0.48 15.42
C TYR F 68 -52.78 -0.96 16.55
N THR F 69 -53.68 -1.88 16.22
CA THR F 69 -54.62 -2.41 17.20
C THR F 69 -55.07 -3.79 16.75
N GLU F 70 -55.19 -4.70 17.72
CA GLU F 70 -55.71 -6.02 17.42
C GLU F 70 -57.20 -5.91 17.09
N PHE F 71 -57.64 -6.58 16.04
CA PHE F 71 -59.04 -6.49 15.64
C PHE F 71 -59.43 -7.72 14.86
N THR F 72 -60.73 -8.01 14.86
CA THR F 72 -61.29 -9.07 14.02
C THR F 72 -62.17 -8.42 12.98
N PRO F 73 -61.76 -8.37 11.71
CA PRO F 73 -62.60 -7.76 10.67
C PRO F 73 -63.91 -8.50 10.45
N THR F 74 -64.96 -7.72 10.14
CA THR F 74 -66.27 -8.23 9.72
C THR F 74 -66.74 -7.45 8.51
N GLU F 75 -67.80 -7.93 7.86
CA GLU F 75 -68.34 -7.22 6.70
C GLU F 75 -68.93 -5.85 7.09
N LYS F 76 -69.53 -5.76 8.28
CA LYS F 76 -70.27 -4.55 8.64
C LYS F 76 -69.38 -3.45 9.18
N ASP F 77 -68.27 -3.82 9.84
CA ASP F 77 -67.43 -2.88 10.57
C ASP F 77 -66.51 -2.10 9.62
N GLU F 78 -66.41 -0.79 9.84
CA GLU F 78 -65.59 0.11 9.05
C GLU F 78 -64.49 0.69 9.93
N TYR F 79 -63.24 0.57 9.47
CA TYR F 79 -62.11 1.07 10.23
C TYR F 79 -61.45 2.22 9.50
N ALA F 80 -60.82 3.11 10.25
CA ALA F 80 -60.16 4.25 9.64
C ALA F 80 -59.02 4.73 10.52
N CYS F 81 -58.18 5.56 9.95
CA CYS F 81 -57.09 6.19 10.65
C CYS F 81 -57.30 7.69 10.55
N ARG F 82 -57.27 8.39 11.68
CA ARG F 82 -57.56 9.82 11.72
C ARG F 82 -56.33 10.60 12.13
N VAL F 83 -55.93 11.55 11.32
CA VAL F 83 -54.63 12.18 11.51
C VAL F 83 -54.78 13.69 11.49
N ASN F 84 -54.14 14.35 12.42
CA ASN F 84 -54.06 15.81 12.34
C ASN F 84 -52.61 16.23 12.39
N HIS F 85 -52.32 17.31 11.68
CA HIS F 85 -50.97 17.82 11.51
C HIS F 85 -51.12 19.28 11.08
N VAL F 86 -50.07 20.07 11.29
CA VAL F 86 -50.19 21.50 11.07
C VAL F 86 -50.50 21.80 9.61
N THR F 87 -50.10 20.91 8.68
CA THR F 87 -50.39 21.12 7.27
C THR F 87 -51.87 20.94 6.93
N LEU F 88 -52.69 20.46 7.86
CA LEU F 88 -54.07 20.08 7.57
C LEU F 88 -55.01 21.03 8.30
N SER F 89 -56.01 21.57 7.59
CA SER F 89 -56.97 22.47 8.22
C SER F 89 -57.86 21.73 9.19
N GLN F 90 -58.22 20.50 8.90
CA GLN F 90 -58.97 19.68 9.83
CA GLN F 90 -59.05 19.64 9.73
C GLN F 90 -58.40 18.27 9.80
N PRO F 91 -58.74 17.46 10.81
CA PRO F 91 -58.23 16.07 10.83
C PRO F 91 -58.67 15.33 9.59
N LYS F 92 -57.76 14.52 9.06
CA LYS F 92 -58.00 13.69 7.88
C LYS F 92 -58.32 12.28 8.34
N ILE F 93 -59.46 11.75 7.87
CA ILE F 93 -59.91 10.41 8.23
C ILE F 93 -59.68 9.55 7.00
N VAL F 94 -58.81 8.54 7.13
CA VAL F 94 -58.41 7.68 6.01
C VAL F 94 -58.98 6.29 6.25
N LYS F 95 -59.82 5.83 5.32
CA LYS F 95 -60.54 4.57 5.50
C LYS F 95 -59.66 3.38 5.18
N TRP F 96 -59.77 2.33 5.99
CA TRP F 96 -59.16 1.04 5.61
C TRP F 96 -59.88 0.48 4.39
N ASP F 97 -59.12 0.15 3.33
CA ASP F 97 -59.70 -0.38 2.09
C ASP F 97 -60.04 -1.86 2.15
N ARG F 98 -60.06 -2.43 3.36
CA ARG F 98 -60.49 -3.82 3.60
C ARG F 98 -59.61 -4.84 2.86
N ASP F 99 -58.34 -4.47 2.64
CA ASP F 99 -57.32 -5.35 2.03
C ASP F 99 -57.66 -5.65 0.57
N MET F 100 -58.28 -4.68 -0.11
CA MET F 100 -58.67 -4.82 -1.51
C MET F 100 -57.50 -5.19 -2.39
N ASN G 2 -2.91 -23.18 -14.87
CA ASN G 2 -2.83 -22.65 -13.52
C ASN G 2 -2.75 -21.12 -13.51
N ALA G 3 -1.85 -20.58 -12.68
CA ALA G 3 -1.86 -19.14 -12.42
C ALA G 3 -1.05 -18.34 -13.44
N GLY G 4 -0.04 -18.92 -14.09
CA GLY G 4 0.75 -18.15 -15.02
C GLY G 4 1.83 -17.40 -14.27
N VAL G 5 1.92 -16.08 -14.50
CA VAL G 5 2.93 -15.23 -13.89
C VAL G 5 2.23 -14.37 -12.85
N THR G 6 2.67 -14.49 -11.58
CA THR G 6 2.08 -13.76 -10.46
C THR G 6 3.10 -12.78 -9.90
N GLN G 7 2.83 -11.49 -10.04
CA GLN G 7 3.71 -10.49 -9.45
C GLN G 7 2.94 -9.57 -8.50
N THR G 8 3.66 -9.06 -7.52
CA THR G 8 3.08 -8.20 -6.49
C THR G 8 4.15 -7.18 -6.12
N PRO G 9 3.73 -5.99 -5.65
CA PRO G 9 2.35 -5.55 -5.52
C PRO G 9 1.83 -4.89 -6.79
N LYS G 10 0.51 -4.79 -6.91
CA LYS G 10 -0.08 -4.10 -8.06
C LYS G 10 0.26 -2.62 -8.06
N PHE G 11 0.27 -1.98 -6.88
CA PHE G 11 0.48 -0.53 -6.76
C PHE G 11 1.39 -0.28 -5.58
N GLN G 12 2.21 0.76 -5.67
CA GLN G 12 3.07 1.13 -4.54
C GLN G 12 3.52 2.57 -4.66
N VAL G 13 3.36 3.32 -3.58
CA VAL G 13 3.90 4.66 -3.40
CA VAL G 13 3.96 4.64 -3.49
C VAL G 13 5.15 4.55 -2.54
N LEU G 14 6.22 5.28 -2.91
CA LEU G 14 7.51 5.26 -2.21
C LEU G 14 8.01 6.67 -2.10
N LYS G 15 8.76 6.92 -1.03
CA LYS G 15 9.50 8.15 -0.90
C LYS G 15 10.92 7.94 -1.43
N THR G 16 11.48 8.98 -2.06
CA THR G 16 12.89 8.92 -2.50
C THR G 16 13.76 8.39 -1.36
N GLY G 17 14.62 7.40 -1.68
CA GLY G 17 15.48 6.77 -0.71
C GLY G 17 14.95 5.49 -0.12
N GLN G 18 13.64 5.25 -0.17
CA GLN G 18 13.06 4.05 0.40
C GLN G 18 13.42 2.81 -0.42
N SER G 19 13.41 1.65 0.23
CA SER G 19 13.70 0.37 -0.42
CA SER G 19 13.70 0.37 -0.42
C SER G 19 12.41 -0.36 -0.75
N MET G 20 12.47 -1.18 -1.80
CA MET G 20 11.26 -1.90 -2.25
CA MET G 20 11.30 -1.98 -2.09
C MET G 20 11.68 -3.18 -2.95
N THR G 21 10.99 -4.28 -2.69
CA THR G 21 11.18 -5.50 -3.47
C THR G 21 9.87 -5.82 -4.18
N LEU G 22 9.95 -6.06 -5.49
N LEU G 22 9.95 -6.07 -5.49
CA LEU G 22 8.83 -6.62 -6.24
CA LEU G 22 8.84 -6.62 -6.24
C LEU G 22 9.02 -8.12 -6.36
C LEU G 22 9.02 -8.12 -6.35
N GLN G 23 7.95 -8.87 -6.12
CA GLN G 23 7.99 -10.32 -6.17
C GLN G 23 7.45 -10.78 -7.51
N CYS G 24 8.01 -11.89 -8.03
CA CYS G 24 7.44 -12.54 -9.20
C CYS G 24 7.63 -14.05 -9.09
N ALA G 25 6.57 -14.80 -9.39
CA ALA G 25 6.62 -16.24 -9.46
C ALA G 25 5.91 -16.70 -10.73
N GLN G 26 6.40 -17.77 -11.33
CA GLN G 26 5.67 -18.39 -12.44
C GLN G 26 5.51 -19.85 -12.13
N ASP G 27 4.37 -20.41 -12.51
CA ASP G 27 4.13 -21.81 -12.20
C ASP G 27 3.99 -22.61 -13.48
N MET G 28 4.73 -22.21 -14.51
CA MET G 28 4.57 -22.84 -15.80
C MET G 28 5.79 -23.72 -16.10
N ASN G 29 6.66 -23.95 -15.11
CA ASN G 29 7.91 -24.70 -15.27
C ASN G 29 8.80 -24.08 -16.35
N HIS G 30 8.72 -22.75 -16.48
CA HIS G 30 9.58 -22.01 -17.39
C HIS G 30 11.00 -21.85 -16.85
N ASN G 31 11.97 -21.75 -17.79
CA ASN G 31 13.37 -21.57 -17.38
C ASN G 31 13.86 -20.13 -17.33
N SER G 32 13.34 -19.23 -18.18
CA SER G 32 13.85 -17.87 -18.28
C SER G 32 12.84 -16.87 -17.71
N MET G 33 13.34 -15.86 -16.99
CA MET G 33 12.49 -14.84 -16.37
C MET G 33 13.14 -13.47 -16.59
N TYR G 34 12.32 -12.43 -16.53
CA TYR G 34 12.68 -11.09 -17.02
C TYR G 34 11.98 -10.04 -16.18
N TRP G 35 12.61 -8.89 -16.01
CA TRP G 35 11.94 -7.72 -15.42
C TRP G 35 12.10 -6.58 -16.39
N TYR G 36 10.97 -5.98 -16.78
CA TYR G 36 10.91 -4.88 -17.72
C TYR G 36 10.33 -3.64 -17.04
N ARG G 37 10.66 -2.46 -17.53
CA ARG G 37 9.85 -1.28 -17.17
C ARG G 37 9.20 -0.72 -18.44
N GLN G 38 7.99 -0.19 -18.28
CA GLN G 38 7.24 0.39 -19.39
C GLN G 38 6.98 1.85 -19.08
N ASP G 39 7.41 2.73 -19.97
CA ASP G 39 7.24 4.16 -19.77
C ASP G 39 6.61 4.77 -21.02
N PRO G 40 5.86 5.87 -20.87
CA PRO G 40 5.16 6.45 -22.02
C PRO G 40 6.14 6.87 -23.10
N GLY G 41 5.76 6.61 -24.35
CA GLY G 41 6.56 7.08 -25.46
C GLY G 41 7.73 6.21 -25.83
N MET G 42 7.89 5.05 -25.18
CA MET G 42 9.05 4.25 -25.55
C MET G 42 8.70 2.78 -25.44
N GLY G 43 9.50 1.93 -26.09
CA GLY G 43 9.30 0.51 -25.94
C GLY G 43 9.78 -0.01 -24.60
N LEU G 44 9.26 -1.19 -24.26
CA LEU G 44 9.70 -1.89 -23.05
C LEU G 44 11.22 -1.93 -22.95
N ARG G 45 11.73 -1.75 -21.74
CA ARG G 45 13.17 -1.80 -21.54
C ARG G 45 13.49 -2.86 -20.49
N LEU G 46 14.41 -3.74 -20.83
CA LEU G 46 14.74 -4.86 -19.94
C LEU G 46 15.66 -4.35 -18.83
N ILE G 47 15.35 -4.72 -17.58
CA ILE G 47 16.16 -4.25 -16.44
C ILE G 47 17.24 -5.28 -16.11
N TYR G 48 16.79 -6.51 -15.84
CA TYR G 48 17.63 -7.67 -15.55
C TYR G 48 16.90 -8.87 -16.10
N TYR G 49 17.64 -9.94 -16.36
CA TYR G 49 16.98 -11.16 -16.79
C TYR G 49 17.74 -12.34 -16.20
N SER G 50 17.15 -13.50 -16.35
CA SER G 50 17.67 -14.73 -15.74
C SER G 50 17.41 -15.82 -16.77
N ALA G 51 18.46 -16.20 -17.54
CA ALA G 51 18.24 -17.10 -18.70
C ALA G 51 17.88 -18.50 -18.24
N SER G 52 18.25 -18.86 -17.02
CA SER G 52 18.06 -20.20 -16.49
CA SER G 52 17.89 -20.16 -16.47
C SER G 52 18.12 -20.10 -14.98
N GLU G 53 17.64 -21.13 -14.29
CA GLU G 53 17.85 -21.14 -12.84
C GLU G 53 19.36 -21.04 -12.59
N GLY G 54 19.76 -20.25 -11.60
CA GLY G 54 21.17 -20.19 -11.24
C GLY G 54 22.01 -19.17 -11.97
N THR G 55 21.42 -18.33 -12.83
CA THR G 55 22.17 -17.26 -13.48
C THR G 55 21.26 -16.06 -13.74
N THR G 56 21.83 -14.86 -13.66
CA THR G 56 21.13 -13.61 -13.93
C THR G 56 22.14 -12.70 -14.60
N ASP G 57 21.65 -11.65 -15.27
CA ASP G 57 22.56 -10.67 -15.85
C ASP G 57 21.78 -9.39 -16.11
N LYS G 58 22.52 -8.30 -16.29
CA LYS G 58 21.92 -7.02 -16.56
CA LYS G 58 21.93 -7.01 -16.57
C LYS G 58 21.23 -6.99 -17.92
N GLY G 59 20.17 -6.20 -18.00
CA GLY G 59 19.55 -5.86 -19.28
C GLY G 59 20.07 -4.52 -19.75
N GLU G 60 19.18 -3.71 -20.32
CA GLU G 60 19.55 -2.39 -20.85
C GLU G 60 19.56 -1.30 -19.77
N VAL G 61 18.72 -1.40 -18.73
CA VAL G 61 18.67 -0.33 -17.73
C VAL G 61 18.83 -0.87 -16.31
N PRO G 62 19.97 -1.48 -15.99
CA PRO G 62 20.12 -2.13 -14.68
C PRO G 62 20.41 -1.17 -13.53
N ASN G 63 20.83 0.05 -13.78
CA ASN G 63 21.30 0.90 -12.71
C ASN G 63 20.15 1.31 -11.80
N GLY G 64 20.34 1.13 -10.48
CA GLY G 64 19.33 1.40 -9.48
C GLY G 64 18.52 0.19 -9.05
N TYR G 65 18.80 -0.97 -9.63
CA TYR G 65 18.08 -2.20 -9.43
C TYR G 65 19.05 -3.34 -9.19
N ASN G 66 18.52 -4.41 -8.61
CA ASN G 66 19.20 -5.70 -8.52
CA ASN G 66 19.20 -5.69 -8.66
C ASN G 66 18.14 -6.77 -8.56
N VAL G 67 18.52 -8.01 -8.84
CA VAL G 67 17.55 -9.09 -8.88
C VAL G 67 18.05 -10.29 -8.11
N SER G 68 17.12 -11.17 -7.75
CA SER G 68 17.48 -12.48 -7.23
CA SER G 68 17.48 -12.47 -7.23
C SER G 68 16.63 -13.55 -7.89
N ARG G 69 17.28 -14.49 -8.58
CA ARG G 69 16.59 -15.67 -9.08
C ARG G 69 16.64 -16.70 -7.94
N LEU G 70 15.63 -16.62 -7.06
CA LEU G 70 15.65 -17.33 -5.79
C LEU G 70 15.61 -18.83 -6.02
N ASN G 71 14.87 -19.25 -7.04
CA ASN G 71 14.71 -20.64 -7.44
C ASN G 71 14.16 -20.62 -8.86
N LYS G 72 13.71 -21.78 -9.35
CA LYS G 72 13.26 -21.84 -10.74
C LYS G 72 11.96 -21.06 -10.94
N ARG G 73 11.15 -20.92 -9.88
CA ARG G 73 9.84 -20.25 -9.97
CA ARG G 73 9.84 -20.25 -9.98
C ARG G 73 9.92 -18.74 -9.76
N GLU G 74 10.89 -18.25 -9.00
CA GLU G 74 10.79 -16.90 -8.48
C GLU G 74 11.96 -16.02 -8.88
N PHE G 75 11.63 -14.77 -9.18
CA PHE G 75 12.63 -13.81 -9.66
C PHE G 75 12.22 -12.47 -9.07
N SER G 76 12.94 -11.99 -8.07
CA SER G 76 12.53 -10.78 -7.41
CA SER G 76 12.57 -10.79 -7.36
C SER G 76 13.38 -9.61 -7.89
N LEU G 77 12.79 -8.42 -7.83
CA LEU G 77 13.42 -7.19 -8.30
C LEU G 77 13.54 -6.22 -7.12
N ARG G 78 14.74 -5.69 -6.90
CA ARG G 78 14.99 -4.90 -5.71
C ARG G 78 15.36 -3.48 -6.12
N LEU G 79 14.71 -2.49 -5.50
CA LEU G 79 15.09 -1.07 -5.60
C LEU G 79 15.66 -0.73 -4.24
N GLU G 80 16.99 -0.67 -4.14
CA GLU G 80 17.56 -0.43 -2.81
C GLU G 80 17.27 0.97 -2.31
N SER G 81 17.29 1.97 -3.20
CA SER G 81 17.11 3.37 -2.80
C SER G 81 16.30 4.08 -3.91
N ALA G 82 14.97 4.09 -3.75
CA ALA G 82 14.12 4.50 -4.86
C ALA G 82 14.41 5.94 -5.28
N ALA G 83 14.39 6.19 -6.57
CA ALA G 83 14.53 7.51 -7.15
C ALA G 83 13.29 7.85 -7.99
N PRO G 84 12.95 9.13 -8.08
CA PRO G 84 11.79 9.54 -8.87
C PRO G 84 11.80 9.01 -10.30
N SER G 85 12.98 8.85 -10.92
CA SER G 85 13.06 8.34 -12.28
C SER G 85 12.61 6.89 -12.36
N GLN G 86 12.49 6.22 -11.22
CA GLN G 86 12.05 4.83 -11.19
C GLN G 86 10.52 4.73 -11.13
N THR G 87 9.82 5.84 -11.04
CA THR G 87 8.38 5.85 -11.29
C THR G 87 8.09 5.20 -12.64
N SER G 88 7.31 4.11 -12.64
CA SER G 88 7.15 3.38 -13.91
C SER G 88 6.14 2.27 -13.68
N VAL G 89 5.87 1.47 -14.70
CA VAL G 89 5.10 0.26 -14.56
C VAL G 89 6.03 -0.91 -14.81
N TYR G 90 6.13 -1.81 -13.84
CA TYR G 90 7.12 -2.89 -13.93
C TYR G 90 6.41 -4.17 -14.29
N PHE G 91 6.95 -4.88 -15.29
CA PHE G 91 6.38 -6.15 -15.69
C PHE G 91 7.41 -7.24 -15.54
N CYS G 92 7.02 -8.31 -14.88
CA CYS G 92 7.78 -9.55 -14.84
CA CYS G 92 7.88 -9.48 -14.94
C CYS G 92 7.32 -10.39 -16.01
N ALA G 93 8.22 -11.13 -16.65
CA ALA G 93 7.78 -12.01 -17.73
C ALA G 93 8.61 -13.28 -17.65
N SER G 94 8.15 -14.35 -18.32
CA SER G 94 8.87 -15.60 -18.37
C SER G 94 8.70 -16.22 -19.75
N SER G 95 9.62 -17.11 -20.09
CA SER G 95 9.48 -17.89 -21.32
C SER G 95 10.07 -19.28 -21.07
N VAL G 96 9.71 -20.23 -21.93
CA VAL G 96 10.12 -21.60 -21.65
C VAL G 96 11.64 -21.71 -21.60
N TRP G 97 12.33 -21.16 -22.62
CA TRP G 97 13.80 -21.06 -22.67
C TRP G 97 14.18 -19.67 -23.16
N THR G 98 15.48 -19.41 -23.34
CA THR G 98 15.86 -18.27 -24.15
CA THR G 98 15.93 -18.24 -24.09
C THR G 98 16.99 -18.65 -25.10
N GLY G 99 17.16 -17.82 -26.14
CA GLY G 99 18.16 -18.23 -27.11
C GLY G 99 17.60 -19.19 -28.12
N GLU G 100 16.29 -19.28 -28.16
CA GLU G 100 15.57 -19.88 -29.26
CA GLU G 100 15.52 -19.91 -29.21
C GLU G 100 14.67 -18.82 -29.85
N GLY G 101 14.42 -18.93 -31.13
CA GLY G 101 13.81 -17.80 -31.81
C GLY G 101 12.36 -17.63 -31.47
N SER G 102 11.59 -18.72 -31.49
CA SER G 102 10.18 -18.48 -31.67
C SER G 102 9.41 -18.42 -30.36
N GLY G 103 10.03 -18.74 -29.23
CA GLY G 103 9.21 -18.81 -28.00
C GLY G 103 8.83 -17.42 -27.50
N GLU G 104 7.56 -17.26 -27.13
CA GLU G 104 7.02 -15.97 -26.69
C GLU G 104 7.19 -15.76 -25.19
N LEU G 105 6.97 -14.52 -24.77
CA LEU G 105 6.94 -14.12 -23.39
C LEU G 105 5.53 -14.22 -22.82
N PHE G 106 5.47 -14.55 -21.54
CA PHE G 106 4.21 -14.57 -20.77
C PHE G 106 4.40 -13.52 -19.69
N PHE G 107 3.47 -12.56 -19.60
CA PHE G 107 3.67 -11.41 -18.75
C PHE G 107 2.83 -11.53 -17.48
N GLY G 108 3.36 -11.02 -16.38
CA GLY G 108 2.57 -10.72 -15.18
C GLY G 108 1.68 -9.48 -15.36
N GLU G 109 0.88 -9.20 -14.32
N GLU G 109 0.88 -9.20 -14.32
CA GLU G 109 -0.13 -8.15 -14.39
CA GLU G 109 -0.14 -8.15 -14.40
C GLU G 109 0.44 -6.75 -14.33
C GLU G 109 0.43 -6.75 -14.26
N GLY G 110 1.70 -6.61 -13.93
CA GLY G 110 2.29 -5.29 -13.81
C GLY G 110 2.23 -4.76 -12.39
N SER G 111 3.22 -3.94 -12.05
CA SER G 111 3.33 -3.28 -10.74
C SER G 111 3.56 -1.81 -10.99
N ARG G 112 2.62 -0.97 -10.56
CA ARG G 112 2.76 0.47 -10.81
C ARG G 112 3.40 1.13 -9.60
N LEU G 113 4.59 1.72 -9.80
CA LEU G 113 5.32 2.39 -8.71
C LEU G 113 5.40 3.89 -8.97
N THR G 114 5.17 4.68 -7.94
CA THR G 114 5.37 6.12 -8.01
C THR G 114 6.31 6.48 -6.87
N VAL G 115 7.43 7.11 -7.20
CA VAL G 115 8.45 7.49 -6.22
C VAL G 115 8.41 9.00 -6.11
N LEU G 116 8.22 9.52 -4.88
CA LEU G 116 8.00 10.94 -4.65
C LEU G 116 9.04 11.49 -3.67
N GLU G 117 9.46 12.74 -3.89
N GLU G 117 9.46 12.75 -3.89
CA GLU G 117 10.37 13.38 -2.96
CA GLU G 117 10.38 13.39 -2.94
C GLU G 117 9.73 13.56 -1.60
C GLU G 117 9.73 13.57 -1.59
N ASP G 118 8.41 13.78 -1.57
CA ASP G 118 7.66 14.11 -0.36
C ASP G 118 6.28 13.50 -0.51
N LEU G 119 5.84 12.79 0.53
CA LEU G 119 4.51 12.16 0.47
C LEU G 119 3.38 13.16 0.69
N LYS G 120 3.69 14.43 0.86
CA LYS G 120 2.60 15.38 1.08
C LYS G 120 1.77 15.64 -0.17
N ASN G 121 2.16 15.06 -1.31
CA ASN G 121 1.41 15.19 -2.55
C ASN G 121 0.36 14.09 -2.72
N VAL G 122 0.27 13.17 -1.76
CA VAL G 122 -0.58 12.00 -1.87
C VAL G 122 -1.94 12.36 -1.28
N PHE G 123 -3.01 12.14 -2.07
CA PHE G 123 -4.39 12.40 -1.69
C PHE G 123 -5.32 11.27 -2.12
N PRO G 124 -6.28 10.85 -1.29
CA PRO G 124 -7.29 9.90 -1.74
C PRO G 124 -8.31 10.62 -2.62
N PRO G 125 -9.17 9.89 -3.33
CA PRO G 125 -10.22 10.57 -4.10
C PRO G 125 -11.39 11.00 -3.20
N GLU G 126 -12.01 12.12 -3.57
CA GLU G 126 -13.40 12.36 -3.20
C GLU G 126 -14.25 11.59 -4.19
N VAL G 127 -15.31 10.95 -3.73
CA VAL G 127 -16.17 10.17 -4.64
C VAL G 127 -17.59 10.67 -4.51
N ALA G 128 -18.23 11.00 -5.65
CA ALA G 128 -19.61 11.45 -5.65
C ALA G 128 -20.39 10.81 -6.79
N VAL G 129 -21.68 10.53 -6.54
CA VAL G 129 -22.58 9.92 -7.52
C VAL G 129 -23.69 10.90 -7.84
N PHE G 130 -23.99 11.02 -9.13
CA PHE G 130 -25.00 11.96 -9.62
C PHE G 130 -26.08 11.17 -10.34
N GLU G 131 -27.33 11.39 -9.94
CA GLU G 131 -28.46 10.60 -10.42
C GLU G 131 -28.92 11.07 -11.80
N PRO G 132 -29.53 10.17 -12.56
CA PRO G 132 -29.87 10.46 -13.98
C PRO G 132 -30.77 11.66 -14.14
N SER G 133 -30.58 12.33 -15.27
CA SER G 133 -31.46 13.41 -15.71
C SER G 133 -32.86 12.89 -16.06
N GLU G 134 -33.89 13.52 -15.50
CA GLU G 134 -35.24 13.13 -15.88
C GLU G 134 -35.50 13.34 -17.36
N ALA G 135 -34.86 14.34 -17.96
CA ALA G 135 -35.05 14.56 -19.39
C ALA G 135 -34.48 13.40 -20.20
N GLU G 136 -33.33 12.84 -19.76
CA GLU G 136 -32.79 11.66 -20.44
C GLU G 136 -33.79 10.52 -20.36
N ILE G 137 -34.36 10.31 -19.18
CA ILE G 137 -35.29 9.21 -18.98
C ILE G 137 -36.47 9.35 -19.93
N SER G 138 -37.04 10.57 -20.03
CA SER G 138 -38.22 10.73 -20.88
CA SER G 138 -38.21 10.78 -20.88
C SER G 138 -37.88 10.69 -22.36
N HIS G 139 -36.68 11.12 -22.75
CA HIS G 139 -36.33 11.17 -24.17
C HIS G 139 -35.84 9.84 -24.73
N THR G 140 -35.16 9.01 -23.89
CA THR G 140 -34.46 7.83 -24.36
C THR G 140 -34.94 6.55 -23.71
N GLN G 141 -35.72 6.63 -22.62
CA GLN G 141 -36.11 5.45 -21.83
C GLN G 141 -34.88 4.77 -21.23
N LYS G 142 -33.80 5.54 -21.08
CA LYS G 142 -32.59 5.04 -20.44
C LYS G 142 -32.17 6.04 -19.39
N ALA G 143 -31.30 5.61 -18.47
CA ALA G 143 -30.92 6.44 -17.32
C ALA G 143 -29.43 6.25 -17.02
N THR G 144 -28.65 7.34 -17.10
CA THR G 144 -27.21 7.29 -16.93
C THR G 144 -26.86 7.90 -15.58
N LEU G 145 -26.24 7.09 -14.72
CA LEU G 145 -25.67 7.60 -13.47
C LEU G 145 -24.22 7.93 -13.77
N VAL G 146 -23.69 8.96 -13.09
CA VAL G 146 -22.30 9.34 -13.23
C VAL G 146 -21.63 9.30 -11.86
N CYS G 147 -20.43 8.75 -11.84
CA CYS G 147 -19.54 8.76 -10.67
C CYS G 147 -18.33 9.61 -10.99
N LEU G 148 -17.97 10.52 -10.08
CA LEU G 148 -16.75 11.31 -10.20
C LEU G 148 -15.84 11.00 -9.01
N ALA G 149 -14.60 10.64 -9.30
CA ALA G 149 -13.56 10.41 -8.30
C ALA G 149 -12.53 11.49 -8.56
N THR G 150 -12.37 12.43 -7.62
CA THR G 150 -11.64 13.64 -7.95
C THR G 150 -10.59 13.97 -6.88
N GLY G 151 -9.56 14.70 -7.29
CA GLY G 151 -8.58 15.20 -6.36
C GLY G 151 -7.57 14.19 -5.86
N PHE G 152 -7.41 13.03 -6.51
CA PHE G 152 -6.52 11.99 -5.97
C PHE G 152 -5.14 12.06 -6.62
N TYR G 153 -4.16 11.56 -5.89
CA TYR G 153 -2.76 11.50 -6.36
C TYR G 153 -2.01 10.50 -5.51
N PRO G 154 -1.25 9.57 -6.09
CA PRO G 154 -1.00 9.40 -7.53
C PRO G 154 -2.13 8.65 -8.19
N ASP G 155 -1.98 8.35 -9.48
CA ASP G 155 -3.06 7.67 -10.20
C ASP G 155 -3.00 6.16 -9.91
N HIS G 156 -3.37 5.82 -8.69
CA HIS G 156 -3.43 4.42 -8.23
C HIS G 156 -4.84 4.15 -7.69
N VAL G 157 -5.82 3.98 -8.58
CA VAL G 157 -7.19 3.76 -8.17
C VAL G 157 -7.85 2.67 -8.98
N GLU G 158 -8.84 2.02 -8.37
CA GLU G 158 -9.72 1.09 -9.07
C GLU G 158 -11.16 1.46 -8.77
N LEU G 159 -11.92 1.83 -9.79
CA LEU G 159 -13.31 2.21 -9.61
C LEU G 159 -14.22 1.07 -10.05
N SER G 160 -15.23 0.78 -9.24
CA SER G 160 -16.20 -0.26 -9.57
C SER G 160 -17.62 0.19 -9.23
N TRP G 161 -18.59 -0.35 -9.95
CA TRP G 161 -19.99 -0.12 -9.65
C TRP G 161 -20.63 -1.35 -9.04
N TRP G 162 -21.53 -1.13 -8.11
CA TRP G 162 -22.21 -2.17 -7.36
C TRP G 162 -23.70 -1.89 -7.44
N VAL G 163 -24.43 -2.85 -7.98
CA VAL G 163 -25.87 -2.74 -8.05
C VAL G 163 -26.47 -3.83 -7.16
N ASN G 164 -27.29 -3.41 -6.21
CA ASN G 164 -27.87 -4.36 -5.27
C ASN G 164 -26.78 -5.25 -4.65
N GLY G 165 -25.66 -4.63 -4.28
CA GLY G 165 -24.61 -5.33 -3.56
C GLY G 165 -23.74 -6.26 -4.39
N LYS G 166 -23.96 -6.37 -5.70
CA LYS G 166 -23.12 -7.17 -6.58
C LYS G 166 -22.44 -6.24 -7.57
N GLU G 167 -21.14 -6.44 -7.78
CA GLU G 167 -20.41 -5.67 -8.77
C GLU G 167 -20.95 -5.95 -10.17
N VAL G 168 -21.07 -4.91 -11.00
CA VAL G 168 -21.57 -5.03 -12.35
C VAL G 168 -20.56 -4.44 -13.29
N HIS G 169 -20.60 -4.89 -14.55
CA HIS G 169 -19.74 -4.38 -15.62
CA HIS G 169 -19.77 -4.31 -15.59
C HIS G 169 -20.52 -4.02 -16.87
N SER G 170 -21.62 -4.71 -17.13
CA SER G 170 -22.39 -4.35 -18.31
C SER G 170 -23.00 -2.97 -18.10
N GLY G 171 -23.00 -2.16 -19.16
CA GLY G 171 -23.55 -0.83 -19.06
C GLY G 171 -22.65 0.18 -18.38
N VAL G 172 -21.40 -0.18 -18.06
CA VAL G 172 -20.41 0.71 -17.45
C VAL G 172 -19.39 1.20 -18.46
N CYS G 173 -19.02 2.48 -18.40
CA CYS G 173 -17.82 2.95 -19.10
CA CYS G 173 -17.77 2.87 -19.04
C CYS G 173 -17.07 3.91 -18.18
N THR G 174 -15.85 3.57 -17.80
CA THR G 174 -14.99 4.39 -16.95
C THR G 174 -13.88 4.92 -17.83
N ASP G 175 -13.53 6.21 -17.68
CA ASP G 175 -12.48 6.78 -18.50
C ASP G 175 -11.24 5.90 -18.48
N PRO G 176 -10.64 5.58 -19.64
CA PRO G 176 -9.42 4.77 -19.57
C PRO G 176 -8.25 5.52 -18.97
N GLN G 177 -8.20 6.84 -19.11
CA GLN G 177 -7.11 7.59 -18.50
C GLN G 177 -7.74 8.65 -17.61
N PRO G 178 -7.08 9.02 -16.52
CA PRO G 178 -7.60 10.09 -15.68
C PRO G 178 -7.27 11.45 -16.29
N LEU G 179 -7.97 12.46 -15.81
N LEU G 179 -8.05 12.44 -15.90
CA LEU G 179 -7.79 13.83 -16.26
CA LEU G 179 -7.76 13.81 -16.22
C LEU G 179 -6.95 14.58 -15.24
C LEU G 179 -6.75 14.36 -15.22
N LYS G 180 -5.88 15.25 -15.69
CA LYS G 180 -5.12 16.10 -14.78
C LYS G 180 -5.95 17.33 -14.47
N GLU G 181 -6.20 17.57 -13.18
CA GLU G 181 -7.02 18.71 -12.81
C GLU G 181 -6.32 20.03 -13.09
N GLN G 182 -4.99 20.03 -13.08
CA GLN G 182 -4.18 21.20 -13.44
C GLN G 182 -3.13 20.69 -14.42
N PRO G 183 -3.46 20.63 -15.70
CA PRO G 183 -2.60 19.89 -16.64
C PRO G 183 -1.20 20.49 -16.82
N ALA G 184 -0.95 21.71 -16.34
CA ALA G 184 0.38 22.29 -16.43
C ALA G 184 1.29 21.90 -15.27
N LEU G 185 0.80 21.15 -14.28
CA LEU G 185 1.59 20.76 -13.12
C LEU G 185 2.03 19.30 -13.22
N ASN G 186 3.31 19.06 -12.93
CA ASN G 186 3.84 17.70 -13.06
C ASN G 186 3.24 16.75 -12.03
N ASP G 187 2.86 17.26 -10.85
CA ASP G 187 2.28 16.42 -9.81
C ASP G 187 0.79 16.73 -9.62
N SER G 188 0.12 17.18 -10.69
CA SER G 188 -1.30 17.47 -10.65
C SER G 188 -2.06 16.34 -10.01
N ARG G 189 -3.01 16.68 -9.15
CA ARG G 189 -4.02 15.69 -8.77
C ARG G 189 -4.93 15.38 -9.96
N TYR G 190 -5.64 14.24 -9.85
CA TYR G 190 -6.35 13.64 -10.97
C TYR G 190 -7.83 13.63 -10.74
N ALA G 191 -8.58 13.50 -11.85
CA ALA G 191 -10.01 13.21 -11.81
C ALA G 191 -10.31 12.06 -12.77
N LEU G 192 -11.35 11.30 -12.41
CA LEU G 192 -11.74 10.10 -13.13
C LEU G 192 -13.26 10.04 -13.13
N SER G 193 -13.85 9.89 -14.31
CA SER G 193 -15.29 9.78 -14.39
C SER G 193 -15.69 8.39 -14.90
N SER G 194 -16.87 7.95 -14.46
CA SER G 194 -17.45 6.70 -14.91
C SER G 194 -18.95 6.89 -15.07
N ARG G 195 -19.54 6.12 -15.97
CA ARG G 195 -20.98 6.12 -16.20
C ARG G 195 -21.49 4.71 -16.08
N LEU G 196 -22.71 4.59 -15.58
CA LEU G 196 -23.47 3.35 -15.54
C LEU G 196 -24.83 3.66 -16.15
N ARG G 197 -25.17 3.01 -17.25
CA ARG G 197 -26.45 3.32 -17.88
C ARG G 197 -27.34 2.11 -17.79
N VAL G 198 -28.58 2.33 -17.32
CA VAL G 198 -29.57 1.25 -17.19
C VAL G 198 -30.85 1.68 -17.88
N SER G 199 -31.76 0.74 -18.03
CA SER G 199 -33.06 1.07 -18.57
C SER G 199 -33.81 1.99 -17.60
N ALA G 200 -34.74 2.76 -18.15
CA ALA G 200 -35.57 3.58 -17.29
C ALA G 200 -36.37 2.74 -16.29
N THR G 201 -36.90 1.59 -16.75
CA THR G 201 -37.63 0.70 -15.85
C THR G 201 -36.77 0.23 -14.67
N PHE G 202 -35.49 -0.08 -14.93
CA PHE G 202 -34.61 -0.49 -13.85
C PHE G 202 -34.36 0.64 -12.86
N TRP G 203 -34.13 1.86 -13.37
CA TRP G 203 -33.90 3.00 -12.50
C TRP G 203 -35.16 3.34 -11.70
N GLN G 204 -36.33 3.09 -12.25
CA GLN G 204 -37.57 3.48 -11.59
C GLN G 204 -38.05 2.48 -10.53
N ASN G 205 -37.37 1.33 -10.35
CA ASN G 205 -37.67 0.39 -9.27
C ASN G 205 -37.03 0.92 -8.00
N PRO G 206 -37.82 1.32 -7.02
CA PRO G 206 -37.25 1.98 -5.81
C PRO G 206 -36.43 1.04 -4.94
N ARG G 207 -36.51 -0.26 -5.15
CA ARG G 207 -35.67 -1.19 -4.40
CA ARG G 207 -35.66 -1.15 -4.38
C ARG G 207 -34.26 -1.31 -4.96
N ASN G 208 -34.02 -0.88 -6.20
CA ASN G 208 -32.67 -0.97 -6.75
C ASN G 208 -31.75 0.07 -6.12
N HIS G 209 -30.52 -0.35 -5.84
CA HIS G 209 -29.53 0.47 -5.15
C HIS G 209 -28.22 0.44 -5.95
N PHE G 210 -27.54 1.58 -6.03
CA PHE G 210 -26.39 1.78 -6.89
C PHE G 210 -25.26 2.35 -6.05
N ARG G 211 -24.08 1.79 -6.17
CA ARG G 211 -22.93 2.32 -5.46
C ARG G 211 -21.75 2.41 -6.39
N CYS G 212 -20.97 3.49 -6.29
CA CYS G 212 -19.68 3.61 -6.94
CA CYS G 212 -19.67 3.49 -6.94
C CYS G 212 -18.60 3.56 -5.87
N GLN G 213 -17.61 2.71 -6.06
CA GLN G 213 -16.61 2.42 -5.05
C GLN G 213 -15.25 2.61 -5.69
N VAL G 214 -14.36 3.35 -5.02
CA VAL G 214 -13.02 3.53 -5.55
C VAL G 214 -12.05 3.01 -4.50
N GLN G 215 -11.24 2.01 -4.89
CA GLN G 215 -10.14 1.56 -4.06
C GLN G 215 -8.94 2.45 -4.37
N PHE G 216 -8.38 3.10 -3.36
CA PHE G 216 -7.20 3.93 -3.51
C PHE G 216 -6.01 3.21 -2.86
N TYR G 217 -4.86 3.20 -3.57
CA TYR G 217 -3.63 2.61 -3.02
C TYR G 217 -2.71 3.73 -2.61
N GLY G 218 -2.43 3.82 -1.31
CA GLY G 218 -1.66 4.95 -0.83
C GLY G 218 -0.64 4.55 0.21
N LEU G 219 -0.68 5.22 1.35
CA LEU G 219 0.35 5.05 2.35
C LEU G 219 0.03 3.89 3.25
N SER G 220 1.04 3.42 3.97
CA SER G 220 0.78 2.36 4.94
C SER G 220 1.37 2.78 6.26
N GLU G 221 1.26 1.88 7.24
CA GLU G 221 1.60 2.19 8.62
C GLU G 221 3.01 2.78 8.74
N ASN G 222 4.00 2.19 8.08
CA ASN G 222 5.38 2.61 8.25
C ASN G 222 5.75 3.88 7.50
N ASP G 223 4.91 4.37 6.59
CA ASP G 223 5.18 5.66 5.98
C ASP G 223 5.06 6.76 7.03
N GLU G 224 5.98 7.71 7.02
CA GLU G 224 5.90 8.82 7.98
C GLU G 224 4.96 9.89 7.48
N TRP G 225 4.12 10.41 8.39
CA TRP G 225 3.17 11.46 8.05
C TRP G 225 3.36 12.59 9.04
N THR G 226 3.46 13.84 8.52
CA THR G 226 3.66 15.03 9.31
C THR G 226 2.71 16.17 8.92
N GLN G 227 1.79 15.95 7.98
CA GLN G 227 0.86 17.00 7.58
C GLN G 227 -0.31 17.12 8.56
N ASP G 228 -0.99 18.26 8.47
CA ASP G 228 -2.17 18.57 9.30
C ASP G 228 -3.38 17.77 8.87
N ARG G 229 -3.43 17.37 7.61
CA ARG G 229 -4.60 16.65 7.13
C ARG G 229 -4.42 15.16 7.48
N ALA G 230 -5.44 14.36 7.18
CA ALA G 230 -5.41 12.95 7.53
C ALA G 230 -4.40 12.26 6.63
N LYS G 231 -3.69 11.29 7.20
CA LYS G 231 -2.79 10.41 6.46
C LYS G 231 -3.52 9.72 5.33
N PRO G 232 -3.04 9.86 4.04
CA PRO G 232 -3.76 9.27 2.91
C PRO G 232 -3.40 7.80 2.72
N VAL G 233 -3.89 6.97 3.63
CA VAL G 233 -3.62 5.53 3.56
C VAL G 233 -4.46 4.90 2.46
N THR G 234 -4.04 3.69 2.07
CA THR G 234 -4.84 2.81 1.24
C THR G 234 -6.23 2.65 1.85
N GLN G 235 -7.24 2.79 1.01
CA GLN G 235 -8.60 2.87 1.55
C GLN G 235 -9.61 2.82 0.40
N ILE G 236 -10.85 2.58 0.77
CA ILE G 236 -11.96 2.55 -0.17
C ILE G 236 -12.88 3.71 0.15
N VAL G 237 -13.24 4.49 -0.87
CA VAL G 237 -14.13 5.65 -0.73
C VAL G 237 -15.32 5.36 -1.64
N SER G 238 -16.56 5.57 -1.17
N SER G 238 -16.55 5.62 -1.18
CA SER G 238 -17.69 5.23 -2.03
CA SER G 238 -17.70 5.26 -2.01
C SER G 238 -18.81 6.26 -1.89
C SER G 238 -18.81 6.29 -1.90
N ALA G 239 -19.78 6.18 -2.82
CA ALA G 239 -20.98 6.98 -2.78
C ALA G 239 -22.10 6.19 -3.41
N GLU G 240 -23.34 6.47 -2.99
CA GLU G 240 -24.43 5.61 -3.45
C GLU G 240 -25.61 6.47 -3.93
N ALA G 241 -26.54 5.77 -4.59
CA ALA G 241 -27.85 6.26 -5.04
C ALA G 241 -28.87 5.12 -4.97
N TRP G 242 -30.15 5.48 -4.77
CA TRP G 242 -31.27 4.55 -4.82
C TRP G 242 -32.12 4.89 -6.02
N GLY G 243 -32.73 3.87 -6.61
CA GLY G 243 -33.70 4.10 -7.68
C GLY G 243 -34.87 4.93 -7.20
N ARG G 244 -35.57 5.54 -8.15
CA ARG G 244 -36.56 6.57 -7.85
C ARG G 244 -37.83 6.22 -8.59
N ALA G 245 -38.89 5.93 -7.85
CA ALA G 245 -40.21 5.71 -8.46
C ALA G 245 -40.81 7.02 -8.97
N MET H 1 25.01 -50.29 -27.39
CA MET H 1 25.90 -49.13 -27.44
C MET H 1 27.19 -49.44 -28.22
N ILE H 2 27.51 -48.59 -29.21
CA ILE H 2 28.67 -48.76 -30.06
C ILE H 2 29.77 -47.81 -29.58
N GLN H 3 30.90 -48.39 -29.16
CA GLN H 3 32.07 -47.62 -28.76
C GLN H 3 33.15 -47.79 -29.83
N ARG H 4 33.89 -46.72 -30.09
CA ARG H 4 34.86 -46.69 -31.17
C ARG H 4 36.26 -46.53 -30.59
N THR H 5 37.17 -47.38 -31.05
CA THR H 5 38.50 -47.33 -30.47
C THR H 5 39.33 -46.25 -31.15
N PRO H 6 40.28 -45.63 -30.45
CA PRO H 6 41.06 -44.55 -31.06
C PRO H 6 42.04 -45.06 -32.12
N LYS H 7 42.15 -44.32 -33.20
CA LYS H 7 43.28 -44.43 -34.09
C LYS H 7 44.40 -43.60 -33.47
N ILE H 8 45.64 -44.01 -33.70
CA ILE H 8 46.77 -43.43 -32.97
C ILE H 8 47.93 -43.29 -33.96
N GLN H 9 48.36 -42.07 -34.20
CA GLN H 9 49.40 -41.83 -35.18
C GLN H 9 50.49 -40.97 -34.55
N VAL H 10 51.73 -41.43 -34.71
CA VAL H 10 52.88 -40.85 -34.04
C VAL H 10 53.85 -40.39 -35.11
N TYR H 11 54.25 -39.13 -35.05
CA TYR H 11 54.96 -38.51 -36.14
C TYR H 11 55.58 -37.24 -35.59
N SER H 12 56.58 -36.73 -36.33
CA SER H 12 57.26 -35.50 -35.98
C SER H 12 56.67 -34.35 -36.79
N ARG H 13 56.75 -33.15 -36.22
CA ARG H 13 56.25 -31.97 -36.90
C ARG H 13 56.91 -31.77 -38.25
N HIS H 14 58.24 -31.87 -38.29
CA HIS H 14 59.04 -31.73 -39.50
C HIS H 14 59.78 -33.04 -39.74
N PRO H 15 60.20 -33.33 -40.97
CA PRO H 15 61.04 -34.52 -41.20
C PRO H 15 62.22 -34.53 -40.24
N ALA H 16 62.35 -35.62 -39.49
CA ALA H 16 63.34 -35.67 -38.43
C ALA H 16 64.76 -35.75 -39.02
N GLU H 17 65.68 -35.08 -38.33
CA GLU H 17 67.12 -35.23 -38.51
C GLU H 17 67.76 -35.19 -37.13
N ASN H 18 68.63 -36.17 -36.83
CA ASN H 18 69.28 -36.23 -35.53
C ASN H 18 70.00 -34.93 -35.22
N GLY H 19 70.03 -34.57 -33.93
CA GLY H 19 70.63 -33.33 -33.50
C GLY H 19 69.83 -32.07 -33.77
N LYS H 20 68.74 -32.15 -34.54
CA LYS H 20 67.91 -30.99 -34.87
C LYS H 20 66.63 -31.03 -34.06
N SER H 21 66.34 -29.93 -33.36
CA SER H 21 65.17 -29.88 -32.49
CA SER H 21 65.17 -29.88 -32.49
C SER H 21 63.89 -30.03 -33.32
N ASN H 22 62.91 -30.74 -32.75
CA ASN H 22 61.66 -31.00 -33.47
C ASN H 22 60.52 -31.00 -32.47
N PHE H 23 59.34 -31.48 -32.92
CA PHE H 23 58.20 -31.77 -32.06
C PHE H 23 57.73 -33.18 -32.40
N LEU H 24 57.51 -33.98 -31.37
CA LEU H 24 56.92 -35.30 -31.51
C LEU H 24 55.41 -35.18 -31.26
N ASN H 25 54.62 -35.64 -32.22
CA ASN H 25 53.15 -35.53 -32.18
C ASN H 25 52.53 -36.91 -31.98
N CYS H 26 51.49 -36.99 -31.15
CA CYS H 26 50.61 -38.15 -31.15
C CYS H 26 49.18 -37.67 -31.36
N TYR H 27 48.59 -38.05 -32.49
CA TYR H 27 47.25 -37.62 -32.87
C TYR H 27 46.31 -38.80 -32.67
N VAL H 28 45.36 -38.65 -31.75
CA VAL H 28 44.46 -39.72 -31.36
C VAL H 28 43.05 -39.31 -31.82
N SER H 29 42.37 -40.17 -32.58
CA SER H 29 41.18 -39.71 -33.29
C SER H 29 40.17 -40.84 -33.50
N GLY H 30 38.95 -40.46 -33.88
CA GLY H 30 37.92 -41.43 -34.21
C GLY H 30 37.37 -42.20 -33.05
N PHE H 31 37.67 -41.80 -31.82
CA PHE H 31 37.19 -42.58 -30.69
C PHE H 31 35.86 -42.02 -30.12
N HIS H 32 35.12 -42.89 -29.44
CA HIS H 32 33.88 -42.52 -28.74
C HIS H 32 33.66 -43.56 -27.66
N PRO H 33 33.32 -43.18 -26.42
CA PRO H 33 33.12 -41.84 -25.88
C PRO H 33 34.42 -41.09 -25.62
N SER H 34 34.33 -39.96 -24.92
CA SER H 34 35.40 -38.99 -25.02
C SER H 34 36.52 -39.15 -23.99
N ASP H 35 36.32 -39.88 -22.90
CA ASP H 35 37.39 -39.98 -21.91
C ASP H 35 38.55 -40.81 -22.48
N ILE H 36 39.78 -40.30 -22.31
CA ILE H 36 40.91 -40.96 -22.93
C ILE H 36 42.17 -40.53 -22.19
N GLU H 37 43.16 -41.41 -22.16
CA GLU H 37 44.42 -41.12 -21.47
C GLU H 37 45.55 -41.26 -22.49
N VAL H 38 46.40 -40.24 -22.56
CA VAL H 38 47.47 -40.24 -23.55
C VAL H 38 48.78 -39.83 -22.88
N ASP H 39 49.84 -40.64 -23.11
CA ASP H 39 51.20 -40.30 -22.68
C ASP H 39 52.16 -40.47 -23.84
N LEU H 40 53.18 -39.60 -23.85
CA LEU H 40 54.32 -39.76 -24.74
C LEU H 40 55.46 -40.42 -23.97
N LEU H 41 56.09 -41.41 -24.60
CA LEU H 41 57.17 -42.18 -23.97
C LEU H 41 58.50 -41.93 -24.65
N LYS H 42 59.54 -41.79 -23.84
CA LYS H 42 60.93 -41.75 -24.29
C LYS H 42 61.65 -42.95 -23.68
N ASN H 43 62.01 -43.92 -24.53
CA ASN H 43 62.66 -45.16 -24.10
C ASN H 43 61.81 -45.88 -23.05
N GLY H 44 60.49 -45.87 -23.24
CA GLY H 44 59.57 -46.51 -22.33
C GLY H 44 59.21 -45.72 -21.09
N GLU H 45 59.76 -44.52 -20.93
CA GLU H 45 59.50 -43.71 -19.76
C GLU H 45 58.58 -42.55 -20.14
N ARG H 46 57.62 -42.24 -19.26
CA ARG H 46 56.66 -41.18 -19.56
C ARG H 46 57.36 -39.83 -19.58
N ILE H 47 57.09 -39.04 -20.62
CA ILE H 47 57.60 -37.69 -20.72
C ILE H 47 56.70 -36.75 -19.91
N GLU H 48 57.32 -35.86 -19.15
CA GLU H 48 56.56 -35.02 -18.22
C GLU H 48 55.97 -33.79 -18.91
N LYS H 49 56.81 -33.03 -19.62
CA LYS H 49 56.40 -31.78 -20.24
C LYS H 49 55.74 -32.11 -21.57
N VAL H 50 54.44 -32.41 -21.53
CA VAL H 50 53.69 -32.78 -22.73
C VAL H 50 52.42 -31.94 -22.80
N GLU H 51 52.21 -31.25 -23.91
CA GLU H 51 51.04 -30.41 -24.08
C GLU H 51 50.02 -31.11 -24.96
N HIS H 52 48.79 -30.58 -24.97
CA HIS H 52 47.78 -31.18 -25.84
C HIS H 52 46.69 -30.17 -26.17
N SER H 53 46.07 -30.35 -27.34
CA SER H 53 44.98 -29.49 -27.74
C SER H 53 43.75 -29.80 -26.90
N ASP H 54 42.78 -28.88 -26.91
CA ASP H 54 41.49 -29.21 -26.30
C ASP H 54 40.83 -30.34 -27.09
N LEU H 55 39.99 -31.11 -26.40
CA LEU H 55 39.13 -32.11 -27.02
C LEU H 55 38.43 -31.50 -28.24
N SER H 56 38.46 -32.21 -29.35
CA SER H 56 37.93 -31.68 -30.59
C SER H 56 36.84 -32.60 -31.12
N PHE H 57 35.93 -32.05 -31.92
CA PHE H 57 34.71 -32.78 -32.30
C PHE H 57 34.70 -33.03 -33.79
N SER H 58 34.42 -34.27 -34.20
CA SER H 58 34.28 -34.52 -35.63
C SER H 58 32.82 -34.60 -36.04
N LYS H 59 32.59 -34.41 -37.35
CA LYS H 59 31.21 -34.46 -37.84
C LYS H 59 30.57 -35.83 -37.65
N ASP H 60 31.37 -36.91 -37.60
CA ASP H 60 30.80 -38.23 -37.44
C ASP H 60 30.57 -38.56 -35.98
N TRP H 61 30.70 -37.59 -35.11
CA TRP H 61 30.43 -37.61 -33.68
C TRP H 61 31.61 -38.14 -32.86
N SER H 62 32.69 -38.64 -33.49
CA SER H 62 33.86 -39.02 -32.71
C SER H 62 34.69 -37.79 -32.31
N PHE H 63 35.72 -38.05 -31.52
CA PHE H 63 36.56 -37.03 -30.92
C PHE H 63 38.01 -37.22 -31.39
N TYR H 64 38.79 -36.15 -31.29
CA TYR H 64 40.22 -36.22 -31.60
C TYR H 64 40.95 -35.21 -30.74
N LEU H 65 42.25 -35.48 -30.55
CA LEU H 65 43.19 -34.77 -29.71
C LEU H 65 44.58 -34.86 -30.34
N LEU H 66 45.36 -33.80 -30.17
CA LEU H 66 46.78 -33.83 -30.51
C LEU H 66 47.60 -33.63 -29.24
N TYR H 67 48.49 -34.58 -28.95
CA TYR H 67 49.46 -34.49 -27.85
C TYR H 67 50.84 -34.32 -28.45
N TYR H 68 51.64 -33.41 -27.88
CA TYR H 68 52.92 -33.09 -28.47
C TYR H 68 53.93 -32.67 -27.41
N THR H 69 55.20 -32.85 -27.73
CA THR H 69 56.28 -32.36 -26.87
C THR H 69 57.48 -32.06 -27.75
N GLU H 70 58.21 -31.01 -27.37
CA GLU H 70 59.45 -30.66 -28.06
C GLU H 70 60.54 -31.69 -27.76
N PHE H 71 61.29 -32.06 -28.80
CA PHE H 71 62.36 -33.04 -28.58
C PHE H 71 63.42 -32.90 -29.66
N THR H 72 64.60 -33.42 -29.36
CA THR H 72 65.68 -33.56 -30.35
C THR H 72 65.93 -35.05 -30.59
N PRO H 73 65.59 -35.60 -31.76
CA PRO H 73 65.76 -37.04 -31.97
C PRO H 73 67.24 -37.41 -32.07
N THR H 74 67.60 -38.53 -31.45
CA THR H 74 68.92 -39.13 -31.63
C THR H 74 68.77 -40.54 -32.17
N GLU H 75 69.88 -41.11 -32.63
CA GLU H 75 69.83 -42.44 -33.24
C GLU H 75 69.32 -43.49 -32.25
N LYS H 76 69.72 -43.37 -30.98
CA LYS H 76 69.42 -44.40 -29.98
C LYS H 76 68.10 -44.19 -29.23
N ASP H 77 67.62 -42.95 -29.12
CA ASP H 77 66.42 -42.69 -28.34
C ASP H 77 65.18 -43.16 -29.09
N GLU H 78 64.34 -43.95 -28.41
CA GLU H 78 63.11 -44.46 -28.99
C GLU H 78 61.91 -43.80 -28.32
N TYR H 79 60.95 -43.38 -29.14
CA TYR H 79 59.78 -42.63 -28.66
C TYR H 79 58.50 -43.38 -28.97
N ALA H 80 57.48 -43.19 -28.12
CA ALA H 80 56.22 -43.87 -28.39
C ALA H 80 55.05 -43.08 -27.78
N CYS H 81 53.85 -43.48 -28.19
CA CYS H 81 52.62 -42.93 -27.63
C CYS H 81 51.81 -44.05 -27.01
N ARG H 82 51.41 -43.86 -25.75
CA ARG H 82 50.61 -44.82 -25.01
C ARG H 82 49.24 -44.23 -24.71
N VAL H 83 48.20 -45.00 -25.01
CA VAL H 83 46.82 -44.51 -25.02
C VAL H 83 45.95 -45.52 -24.28
N ASN H 84 45.12 -45.04 -23.36
CA ASN H 84 44.11 -45.90 -22.80
C ASN H 84 42.72 -45.31 -23.02
N HIS H 85 41.77 -46.19 -23.30
CA HIS H 85 40.38 -45.84 -23.58
C HIS H 85 39.50 -47.01 -23.16
N VAL H 86 38.21 -46.73 -22.94
CA VAL H 86 37.31 -47.80 -22.50
C VAL H 86 37.29 -48.97 -23.49
N THR H 87 37.53 -48.72 -24.78
CA THR H 87 37.57 -49.79 -25.77
C THR H 87 38.85 -50.64 -25.73
N LEU H 88 39.80 -50.33 -24.84
CA LEU H 88 41.08 -51.04 -24.76
C LEU H 88 41.19 -51.73 -23.41
N SER H 89 41.38 -53.05 -23.43
CA SER H 89 41.56 -53.77 -22.16
C SER H 89 42.90 -53.44 -21.51
N GLN H 90 43.91 -53.14 -22.31
CA GLN H 90 45.23 -52.74 -21.85
C GLN H 90 45.66 -51.49 -22.61
N PRO H 91 46.55 -50.68 -22.04
CA PRO H 91 47.07 -49.51 -22.77
C PRO H 91 47.76 -49.93 -24.05
N LYS H 92 47.47 -49.20 -25.13
CA LYS H 92 48.06 -49.47 -26.44
C LYS H 92 49.23 -48.53 -26.68
N ILE H 93 50.34 -49.09 -27.16
CA ILE H 93 51.57 -48.36 -27.37
C ILE H 93 51.89 -48.39 -28.85
N VAL H 94 52.05 -47.22 -29.44
CA VAL H 94 52.42 -47.07 -30.84
C VAL H 94 53.76 -46.35 -30.86
N LYS H 95 54.77 -47.02 -31.41
CA LYS H 95 56.12 -46.47 -31.43
C LYS H 95 56.27 -45.50 -32.59
N TRP H 96 57.06 -44.45 -32.36
CA TRP H 96 57.42 -43.56 -33.44
C TRP H 96 58.34 -44.29 -34.44
N ASP H 97 57.90 -44.39 -35.70
CA ASP H 97 58.67 -45.09 -36.73
C ASP H 97 59.05 -44.10 -37.83
N ARG H 98 60.28 -43.63 -37.81
CA ARG H 98 60.82 -42.83 -38.93
C ARG H 98 61.60 -43.69 -39.92
#